data_8PJ7
# 
_entry.id   8PJ7 
# 
_audit_conform.dict_name       mmcif_pdbx.dic 
_audit_conform.dict_version    5.383 
_audit_conform.dict_location   http://mmcif.pdb.org/dictionaries/ascii/mmcif_pdbx.dic 
# 
loop_
_database_2.database_id 
_database_2.database_code 
_database_2.pdbx_database_accession 
_database_2.pdbx_DOI 
PDB   8PJ7         pdb_00008pj7 10.2210/pdb8pj7/pdb 
WWPDB D_1292131131 ?            ?                   
# 
loop_
_pdbx_audit_revision_history.ordinal 
_pdbx_audit_revision_history.data_content_type 
_pdbx_audit_revision_history.major_revision 
_pdbx_audit_revision_history.minor_revision 
_pdbx_audit_revision_history.revision_date 
1 'Structure model' 1 0 2023-11-22 
2 'Structure model' 1 1 2023-12-27 
# 
_pdbx_audit_revision_details.ordinal             1 
_pdbx_audit_revision_details.revision_ordinal    1 
_pdbx_audit_revision_details.data_content_type   'Structure model' 
_pdbx_audit_revision_details.provider            repository 
_pdbx_audit_revision_details.type                'Initial release' 
_pdbx_audit_revision_details.description         ? 
_pdbx_audit_revision_details.details             ? 
# 
_pdbx_audit_revision_group.ordinal             1 
_pdbx_audit_revision_group.revision_ordinal    2 
_pdbx_audit_revision_group.data_content_type   'Structure model' 
_pdbx_audit_revision_group.group               'Database references' 
# 
_pdbx_audit_revision_category.ordinal             1 
_pdbx_audit_revision_category.revision_ordinal    2 
_pdbx_audit_revision_category.data_content_type   'Structure model' 
_pdbx_audit_revision_category.category            citation 
# 
_pdbx_audit_revision_item.ordinal             1 
_pdbx_audit_revision_item.revision_ordinal    2 
_pdbx_audit_revision_item.data_content_type   'Structure model' 
_pdbx_audit_revision_item.item                '_citation.journal_volume' 
# 
_pdbx_database_status.status_code                     REL 
_pdbx_database_status.status_code_sf                  REL 
_pdbx_database_status.status_code_mr                  ? 
_pdbx_database_status.entry_id                        8PJ7 
_pdbx_database_status.recvd_initial_deposition_date   2023-06-22 
_pdbx_database_status.SG_entry                        N 
_pdbx_database_status.deposit_site                    PDBE 
_pdbx_database_status.process_site                    PDBE 
_pdbx_database_status.status_code_cs                  ? 
_pdbx_database_status.status_code_nmr_data            ? 
_pdbx_database_status.methods_development_category    ? 
_pdbx_database_status.pdb_format_compatible           Y 
# 
_pdbx_contact_author.id                 2 
_pdbx_contact_author.email              kilian.huber@cmd.ox.ac.uk 
_pdbx_contact_author.name_first         Kilian 
_pdbx_contact_author.name_last          Huber 
_pdbx_contact_author.name_mi            ? 
_pdbx_contact_author.role               'principal investigator/group leader' 
_pdbx_contact_author.identifier_ORCID   0000-0002-1103-5300 
# 
loop_
_audit_author.name 
_audit_author.pdbx_ordinal 
_audit_author.identifier_ORCID 
'Raux, B.'        1 0000-0002-2194-0259 
'Diaz-Saez, L.'   2 ?                   
'Huber, K.V.M.'   3 0000-0002-1103-5300 
'Fedorov, O.'     4 ?                   
'Owen, D.R.'      5 ?                   
'Londregan, A.T.' 6 ?                   
'Bountra, C.'     7 ?                   
'Edwards, A.'     8 ?                   
'Arrowsmith, C.'  9 ?                   
# 
_citation.abstract                  ? 
_citation.abstract_id_CAS           ? 
_citation.book_id_ISBN              ? 
_citation.book_publisher            ? 
_citation.book_publisher_city       ? 
_citation.book_title                ? 
_citation.coordinate_linkage        ? 
_citation.country                   UK 
_citation.database_id_Medline       ? 
_citation.details                   ? 
_citation.id                        primary 
_citation.journal_abbrev            Bioorg.Med.Chem.Lett. 
_citation.journal_id_ASTM           BMCLE8 
_citation.journal_id_CSD            1127 
_citation.journal_id_ISSN           1464-3405 
_citation.journal_full              ? 
_citation.journal_issue             ? 
_citation.journal_volume            98 
_citation.language                  ? 
_citation.page_first                129546 
_citation.page_last                 129546 
_citation.title                     'Discovery of PFI-6, a small-molecule chemical probe for the YEATS domain of MLLT1 and MLLT3.' 
_citation.year                      2023 
_citation.database_id_CSD           ? 
_citation.pdbx_database_id_DOI      10.1016/j.bmcl.2023.129546 
_citation.pdbx_database_id_PubMed   37944866 
_citation.pdbx_database_id_patent   ? 
_citation.unpublished_flag          ? 
# 
loop_
_citation_author.citation_id 
_citation_author.name 
_citation_author.ordinal 
_citation_author.identifier_ORCID 
primary 'Raux, B.'        1  ? 
primary 'Buchan, K.A.'    2  ? 
primary 'Bennett, J.'     3  ? 
primary 'Christott, T.'   4  ? 
primary 'Dowling, M.S.'   5  ? 
primary 'Farnie, G.'      6  ? 
primary 'Fedorov, O.'     7  ? 
primary 'Gamble, V.'      8  ? 
primary 'Gileadi, C.'     9  ? 
primary 'Giroud, C.'      10 ? 
primary 'Huber, K.V.M.'   11 ? 
primary 'Korczynska, M.'  12 ? 
primary 'Limberakis, C.'  13 ? 
primary 'Narayanan, A.'   14 ? 
primary 'Owen, D.R.'      15 ? 
primary 'Saez, L.D.'      16 ? 
primary 'Stock, I.A.'     17 ? 
primary 'Londregan, A.T.' 18 ? 
# 
loop_
_entity.id 
_entity.type 
_entity.src_method 
_entity.pdbx_description 
_entity.formula_weight 
_entity.pdbx_number_of_molecules 
_entity.pdbx_ec 
_entity.pdbx_mutation 
_entity.pdbx_fragment 
_entity.details 
1 polymer     man 'Protein AF-9' 17458.035 1   ? ? ? ? 
2 non-polymer syn 
'~{N}-[(1~{R})-2,3-dihydro-1~{H}-inden-1-yl]-5-[4-(dimethylcarbamoyl)-3-oxidanyl-phenyl]-1,2-oxazole-3-carboxamide' 391.420   1   
? ? ? ? 
3 non-polymer syn 1,2-ETHANEDIOL 62.068    6   ? ? ? ? 
4 non-polymer syn 'DIMETHYL SULFOXIDE' 78.133    1   ? ? ? ? 
5 non-polymer syn 'PHOSPHATE ION' 94.971    1   ? ? ? ? 
6 water       nat water 18.015    104 ? ? ? ? 
# 
_entity_name_com.entity_id   1 
_entity_name_com.name        
;ALL1-fused gene from chromosome 9 protein,Myeloid/lymphoid or mixed-lineage leukemia translocated to chromosome 3 protein,YEATS domain-containing protein 3
;
# 
_entity_poly.entity_id                      1 
_entity_poly.type                           'polypeptide(L)' 
_entity_poly.nstd_linkage                   no 
_entity_poly.nstd_monomer                   no 
_entity_poly.pdbx_seq_one_letter_code       
;MASSCAVQVKLELGHRAQVRKKPTVEGFTHDWMVFVRGPEHSNIQHFVEKVVFHLHESFPRPKRVCKDPPYKVEESGYAG
FILPIEVYFKNKEEPRKVRFDYDLFLHLEGHPPVNHLRCEKLTFNNPTEDFRRKLLKAGGDAHHHHHH
;
_entity_poly.pdbx_seq_one_letter_code_can   
;MASSCAVQVKLELGHRAQVRKKPTVEGFTHDWMVFVRGPEHSNIQHFVEKVVFHLHESFPRPKRVCKDPPYKVEESGYAG
FILPIEVYFKNKEEPRKVRFDYDLFLHLEGHPPVNHLRCEKLTFNNPTEDFRRKLLKAGGDAHHHHHH
;
_entity_poly.pdbx_strand_id                 A 
_entity_poly.pdbx_target_identifier         ? 
# 
loop_
_pdbx_entity_nonpoly.entity_id 
_pdbx_entity_nonpoly.name 
_pdbx_entity_nonpoly.comp_id 
2 '~{N}-[(1~{R})-2,3-dihydro-1~{H}-inden-1-yl]-5-[4-(dimethylcarbamoyl)-3-oxidanyl-phenyl]-1,2-oxazole-3-carboxamide' ZJ9 
3 1,2-ETHANEDIOL                                                                                                      EDO 
4 'DIMETHYL SULFOXIDE'                                                                                                DMS 
5 'PHOSPHATE ION'                                                                                                     PO4 
6 water                                                                                                               HOH 
# 
loop_
_entity_poly_seq.entity_id 
_entity_poly_seq.num 
_entity_poly_seq.mon_id 
_entity_poly_seq.hetero 
1 1   MET n 
1 2   ALA n 
1 3   SER n 
1 4   SER n 
1 5   CYS n 
1 6   ALA n 
1 7   VAL n 
1 8   GLN n 
1 9   VAL n 
1 10  LYS n 
1 11  LEU n 
1 12  GLU n 
1 13  LEU n 
1 14  GLY n 
1 15  HIS n 
1 16  ARG n 
1 17  ALA n 
1 18  GLN n 
1 19  VAL n 
1 20  ARG n 
1 21  LYS n 
1 22  LYS n 
1 23  PRO n 
1 24  THR n 
1 25  VAL n 
1 26  GLU n 
1 27  GLY n 
1 28  PHE n 
1 29  THR n 
1 30  HIS n 
1 31  ASP n 
1 32  TRP n 
1 33  MET n 
1 34  VAL n 
1 35  PHE n 
1 36  VAL n 
1 37  ARG n 
1 38  GLY n 
1 39  PRO n 
1 40  GLU n 
1 41  HIS n 
1 42  SER n 
1 43  ASN n 
1 44  ILE n 
1 45  GLN n 
1 46  HIS n 
1 47  PHE n 
1 48  VAL n 
1 49  GLU n 
1 50  LYS n 
1 51  VAL n 
1 52  VAL n 
1 53  PHE n 
1 54  HIS n 
1 55  LEU n 
1 56  HIS n 
1 57  GLU n 
1 58  SER n 
1 59  PHE n 
1 60  PRO n 
1 61  ARG n 
1 62  PRO n 
1 63  LYS n 
1 64  ARG n 
1 65  VAL n 
1 66  CYS n 
1 67  LYS n 
1 68  ASP n 
1 69  PRO n 
1 70  PRO n 
1 71  TYR n 
1 72  LYS n 
1 73  VAL n 
1 74  GLU n 
1 75  GLU n 
1 76  SER n 
1 77  GLY n 
1 78  TYR n 
1 79  ALA n 
1 80  GLY n 
1 81  PHE n 
1 82  ILE n 
1 83  LEU n 
1 84  PRO n 
1 85  ILE n 
1 86  GLU n 
1 87  VAL n 
1 88  TYR n 
1 89  PHE n 
1 90  LYS n 
1 91  ASN n 
1 92  LYS n 
1 93  GLU n 
1 94  GLU n 
1 95  PRO n 
1 96  ARG n 
1 97  LYS n 
1 98  VAL n 
1 99  ARG n 
1 100 PHE n 
1 101 ASP n 
1 102 TYR n 
1 103 ASP n 
1 104 LEU n 
1 105 PHE n 
1 106 LEU n 
1 107 HIS n 
1 108 LEU n 
1 109 GLU n 
1 110 GLY n 
1 111 HIS n 
1 112 PRO n 
1 113 PRO n 
1 114 VAL n 
1 115 ASN n 
1 116 HIS n 
1 117 LEU n 
1 118 ARG n 
1 119 CYS n 
1 120 GLU n 
1 121 LYS n 
1 122 LEU n 
1 123 THR n 
1 124 PHE n 
1 125 ASN n 
1 126 ASN n 
1 127 PRO n 
1 128 THR n 
1 129 GLU n 
1 130 ASP n 
1 131 PHE n 
1 132 ARG n 
1 133 ARG n 
1 134 LYS n 
1 135 LEU n 
1 136 LEU n 
1 137 LYS n 
1 138 ALA n 
1 139 GLY n 
1 140 GLY n 
1 141 ASP n 
1 142 ALA n 
1 143 HIS n 
1 144 HIS n 
1 145 HIS n 
1 146 HIS n 
1 147 HIS n 
1 148 HIS n 
# 
_entity_src_gen.entity_id                          1 
_entity_src_gen.pdbx_src_id                        1 
_entity_src_gen.pdbx_alt_source_flag               sample 
_entity_src_gen.pdbx_seq_type                      'Biological sequence' 
_entity_src_gen.pdbx_beg_seq_num                   1 
_entity_src_gen.pdbx_end_seq_num                   148 
_entity_src_gen.gene_src_common_name               human 
_entity_src_gen.gene_src_genus                     ? 
_entity_src_gen.pdbx_gene_src_gene                 'MLLT3, AF9, YEATS3' 
_entity_src_gen.gene_src_species                   ? 
_entity_src_gen.gene_src_strain                    ? 
_entity_src_gen.gene_src_tissue                    ? 
_entity_src_gen.gene_src_tissue_fraction           ? 
_entity_src_gen.gene_src_details                   ? 
_entity_src_gen.pdbx_gene_src_fragment             ? 
_entity_src_gen.pdbx_gene_src_scientific_name      'Homo sapiens' 
_entity_src_gen.pdbx_gene_src_ncbi_taxonomy_id     9606 
_entity_src_gen.pdbx_gene_src_variant              ? 
_entity_src_gen.pdbx_gene_src_cell_line            ? 
_entity_src_gen.pdbx_gene_src_atcc                 ? 
_entity_src_gen.pdbx_gene_src_organ                ? 
_entity_src_gen.pdbx_gene_src_organelle            ? 
_entity_src_gen.pdbx_gene_src_cell                 ? 
_entity_src_gen.pdbx_gene_src_cellular_location    ? 
_entity_src_gen.host_org_common_name               ? 
_entity_src_gen.pdbx_host_org_scientific_name      'Escherichia coli' 
_entity_src_gen.pdbx_host_org_ncbi_taxonomy_id     562 
_entity_src_gen.host_org_genus                     ? 
_entity_src_gen.pdbx_host_org_gene                 ? 
_entity_src_gen.pdbx_host_org_organ                ? 
_entity_src_gen.host_org_species                   ? 
_entity_src_gen.pdbx_host_org_tissue               ? 
_entity_src_gen.pdbx_host_org_tissue_fraction      ? 
_entity_src_gen.pdbx_host_org_strain               ? 
_entity_src_gen.pdbx_host_org_variant              ? 
_entity_src_gen.pdbx_host_org_cell_line            ? 
_entity_src_gen.pdbx_host_org_atcc                 ? 
_entity_src_gen.pdbx_host_org_culture_collection   ? 
_entity_src_gen.pdbx_host_org_cell                 ? 
_entity_src_gen.pdbx_host_org_organelle            ? 
_entity_src_gen.pdbx_host_org_cellular_location    ? 
_entity_src_gen.pdbx_host_org_vector_type          ? 
_entity_src_gen.pdbx_host_org_vector               ? 
_entity_src_gen.host_org_details                   ? 
_entity_src_gen.expression_system_id               ? 
_entity_src_gen.plasmid_name                       ? 
_entity_src_gen.plasmid_details                    ? 
_entity_src_gen.pdbx_description                   ? 
# 
loop_
_chem_comp.id 
_chem_comp.type 
_chem_comp.mon_nstd_flag 
_chem_comp.name 
_chem_comp.pdbx_synonyms 
_chem_comp.formula 
_chem_comp.formula_weight 
ALA 'L-peptide linking' y ALANINE ?                 'C3 H7 N O2'     89.093  
ARG 'L-peptide linking' y ARGININE ?                 'C6 H15 N4 O2 1' 175.209 
ASN 'L-peptide linking' y ASPARAGINE ?                 'C4 H8 N2 O3'    132.118 
ASP 'L-peptide linking' y 'ASPARTIC ACID' ?                 'C4 H7 N O4'     133.103 
CYS 'L-peptide linking' y CYSTEINE ?                 'C3 H7 N O2 S'   121.158 
DMS non-polymer         . 'DIMETHYL SULFOXIDE' ?                 'C2 H6 O S'      78.133  
EDO non-polymer         . 1,2-ETHANEDIOL 'ETHYLENE GLYCOL' 'C2 H6 O2'       62.068  
GLN 'L-peptide linking' y GLUTAMINE ?                 'C5 H10 N2 O3'   146.144 
GLU 'L-peptide linking' y 'GLUTAMIC ACID' ?                 'C5 H9 N O4'     147.129 
GLY 'peptide linking'   y GLYCINE ?                 'C2 H5 N O2'     75.067  
HIS 'L-peptide linking' y HISTIDINE ?                 'C6 H10 N3 O2 1' 156.162 
HOH non-polymer         . WATER ?                 'H2 O'           18.015  
ILE 'L-peptide linking' y ISOLEUCINE ?                 'C6 H13 N O2'    131.173 
LEU 'L-peptide linking' y LEUCINE ?                 'C6 H13 N O2'    131.173 
LYS 'L-peptide linking' y LYSINE ?                 'C6 H15 N2 O2 1' 147.195 
MET 'L-peptide linking' y METHIONINE ?                 'C5 H11 N O2 S'  149.211 
PHE 'L-peptide linking' y PHENYLALANINE ?                 'C9 H11 N O2'    165.189 
PO4 non-polymer         . 'PHOSPHATE ION' ?                 'O4 P -3'        94.971  
PRO 'L-peptide linking' y PROLINE ?                 'C5 H9 N O2'     115.130 
SER 'L-peptide linking' y SERINE ?                 'C3 H7 N O3'     105.093 
THR 'L-peptide linking' y THREONINE ?                 'C4 H9 N O3'     119.119 
TRP 'L-peptide linking' y TRYPTOPHAN ?                 'C11 H12 N2 O2'  204.225 
TYR 'L-peptide linking' y TYROSINE ?                 'C9 H11 N O3'    181.189 
VAL 'L-peptide linking' y VALINE ?                 'C5 H11 N O2'    117.146 
ZJ9 non-polymer         . 
'~{N}-[(1~{R})-2,3-dihydro-1~{H}-inden-1-yl]-5-[4-(dimethylcarbamoyl)-3-oxidanyl-phenyl]-1,2-oxazole-3-carboxamide' ? 
'C22 H21 N3 O4'  391.420 
# 
loop_
_pdbx_poly_seq_scheme.asym_id 
_pdbx_poly_seq_scheme.entity_id 
_pdbx_poly_seq_scheme.seq_id 
_pdbx_poly_seq_scheme.mon_id 
_pdbx_poly_seq_scheme.ndb_seq_num 
_pdbx_poly_seq_scheme.pdb_seq_num 
_pdbx_poly_seq_scheme.auth_seq_num 
_pdbx_poly_seq_scheme.pdb_mon_id 
_pdbx_poly_seq_scheme.auth_mon_id 
_pdbx_poly_seq_scheme.pdb_strand_id 
_pdbx_poly_seq_scheme.pdb_ins_code 
_pdbx_poly_seq_scheme.hetero 
A 1 1   MET 1   1   ?   ?   ?   A . n 
A 1 2   ALA 2   2   ?   ?   ?   A . n 
A 1 3   SER 3   3   ?   ?   ?   A . n 
A 1 4   SER 4   4   ?   ?   ?   A . n 
A 1 5   CYS 5   5   5   CYS CYS A . n 
A 1 6   ALA 6   6   6   ALA ALA A . n 
A 1 7   VAL 7   7   7   VAL VAL A . n 
A 1 8   GLN 8   8   8   GLN GLN A . n 
A 1 9   VAL 9   9   9   VAL VAL A . n 
A 1 10  LYS 10  10  10  LYS LYS A . n 
A 1 11  LEU 11  11  11  LEU LEU A . n 
A 1 12  GLU 12  12  12  GLU GLU A . n 
A 1 13  LEU 13  13  13  LEU LEU A . n 
A 1 14  GLY 14  14  14  GLY GLY A . n 
A 1 15  HIS 15  15  15  HIS HIS A . n 
A 1 16  ARG 16  16  16  ARG ARG A . n 
A 1 17  ALA 17  17  17  ALA ALA A . n 
A 1 18  GLN 18  18  18  GLN GLN A . n 
A 1 19  VAL 19  19  19  VAL VAL A . n 
A 1 20  ARG 20  20  20  ARG ARG A . n 
A 1 21  LYS 21  21  21  LYS LYS A . n 
A 1 22  LYS 22  22  22  LYS LYS A . n 
A 1 23  PRO 23  23  23  PRO PRO A . n 
A 1 24  THR 24  24  24  THR THR A . n 
A 1 25  VAL 25  25  25  VAL VAL A . n 
A 1 26  GLU 26  26  26  GLU GLU A . n 
A 1 27  GLY 27  27  27  GLY GLY A . n 
A 1 28  PHE 28  28  28  PHE PHE A . n 
A 1 29  THR 29  29  29  THR THR A . n 
A 1 30  HIS 30  30  30  HIS HIS A . n 
A 1 31  ASP 31  31  31  ASP ASP A . n 
A 1 32  TRP 32  32  32  TRP TRP A . n 
A 1 33  MET 33  33  33  MET MET A . n 
A 1 34  VAL 34  34  34  VAL VAL A . n 
A 1 35  PHE 35  35  35  PHE PHE A . n 
A 1 36  VAL 36  36  36  VAL VAL A . n 
A 1 37  ARG 37  37  37  ARG ARG A . n 
A 1 38  GLY 38  38  38  GLY GLY A . n 
A 1 39  PRO 39  39  39  PRO PRO A . n 
A 1 40  GLU 40  40  40  GLU GLU A . n 
A 1 41  HIS 41  41  41  HIS HIS A . n 
A 1 42  SER 42  42  42  SER SER A . n 
A 1 43  ASN 43  43  43  ASN ASN A . n 
A 1 44  ILE 44  44  44  ILE ILE A . n 
A 1 45  GLN 45  45  45  GLN GLN A . n 
A 1 46  HIS 46  46  46  HIS HIS A . n 
A 1 47  PHE 47  47  47  PHE PHE A . n 
A 1 48  VAL 48  48  48  VAL VAL A . n 
A 1 49  GLU 49  49  49  GLU GLU A . n 
A 1 50  LYS 50  50  50  LYS LYS A . n 
A 1 51  VAL 51  51  51  VAL VAL A . n 
A 1 52  VAL 52  52  52  VAL VAL A . n 
A 1 53  PHE 53  53  53  PHE PHE A . n 
A 1 54  HIS 54  54  54  HIS HIS A . n 
A 1 55  LEU 55  55  55  LEU LEU A . n 
A 1 56  HIS 56  56  56  HIS HIS A . n 
A 1 57  GLU 57  57  57  GLU GLU A . n 
A 1 58  SER 58  58  58  SER SER A . n 
A 1 59  PHE 59  59  59  PHE PHE A . n 
A 1 60  PRO 60  60  60  PRO PRO A . n 
A 1 61  ARG 61  61  61  ARG ARG A . n 
A 1 62  PRO 62  62  62  PRO PRO A . n 
A 1 63  LYS 63  63  63  LYS LYS A . n 
A 1 64  ARG 64  64  64  ARG ARG A . n 
A 1 65  VAL 65  65  65  VAL VAL A . n 
A 1 66  CYS 66  66  66  CYS CYS A . n 
A 1 67  LYS 67  67  67  LYS LYS A . n 
A 1 68  ASP 68  68  68  ASP ASP A . n 
A 1 69  PRO 69  69  69  PRO PRO A . n 
A 1 70  PRO 70  70  70  PRO PRO A . n 
A 1 71  TYR 71  71  71  TYR TYR A . n 
A 1 72  LYS 72  72  72  LYS LYS A . n 
A 1 73  VAL 73  73  73  VAL VAL A . n 
A 1 74  GLU 74  74  74  GLU GLU A . n 
A 1 75  GLU 75  75  75  GLU GLU A . n 
A 1 76  SER 76  76  76  SER SER A . n 
A 1 77  GLY 77  77  77  GLY GLY A . n 
A 1 78  TYR 78  78  78  TYR TYR A . n 
A 1 79  ALA 79  79  79  ALA ALA A . n 
A 1 80  GLY 80  80  80  GLY GLY A . n 
A 1 81  PHE 81  81  81  PHE PHE A . n 
A 1 82  ILE 82  82  82  ILE ILE A . n 
A 1 83  LEU 83  83  83  LEU LEU A . n 
A 1 84  PRO 84  84  84  PRO PRO A . n 
A 1 85  ILE 85  85  85  ILE ILE A . n 
A 1 86  GLU 86  86  86  GLU GLU A . n 
A 1 87  VAL 87  87  87  VAL VAL A . n 
A 1 88  TYR 88  88  88  TYR TYR A . n 
A 1 89  PHE 89  89  89  PHE PHE A . n 
A 1 90  LYS 90  90  90  LYS LYS A . n 
A 1 91  ASN 91  91  91  ASN ASN A . n 
A 1 92  LYS 92  92  92  LYS LYS A . n 
A 1 93  GLU 93  93  93  GLU GLU A . n 
A 1 94  GLU 94  94  94  GLU GLU A . n 
A 1 95  PRO 95  95  95  PRO PRO A . n 
A 1 96  ARG 96  96  96  ARG ARG A . n 
A 1 97  LYS 97  97  97  LYS LYS A . n 
A 1 98  VAL 98  98  98  VAL VAL A . n 
A 1 99  ARG 99  99  99  ARG ARG A . n 
A 1 100 PHE 100 100 100 PHE PHE A . n 
A 1 101 ASP 101 101 101 ASP ASP A . n 
A 1 102 TYR 102 102 102 TYR TYR A . n 
A 1 103 ASP 103 103 103 ASP ASP A . n 
A 1 104 LEU 104 104 104 LEU LEU A . n 
A 1 105 PHE 105 105 105 PHE PHE A . n 
A 1 106 LEU 106 106 106 LEU LEU A . n 
A 1 107 HIS 107 107 107 HIS HIS A . n 
A 1 108 LEU 108 108 108 LEU LEU A . n 
A 1 109 GLU 109 109 109 GLU GLU A . n 
A 1 110 GLY 110 110 110 GLY GLY A . n 
A 1 111 HIS 111 111 111 HIS HIS A . n 
A 1 112 PRO 112 112 112 PRO PRO A . n 
A 1 113 PRO 113 113 113 PRO PRO A . n 
A 1 114 VAL 114 114 114 VAL VAL A . n 
A 1 115 ASN 115 115 115 ASN ASN A . n 
A 1 116 HIS 116 116 116 HIS HIS A . n 
A 1 117 LEU 117 117 117 LEU LEU A . n 
A 1 118 ARG 118 118 118 ARG ARG A . n 
A 1 119 CYS 119 119 119 CYS CYS A . n 
A 1 120 GLU 120 120 120 GLU GLU A . n 
A 1 121 LYS 121 121 121 LYS LYS A . n 
A 1 122 LEU 122 122 122 LEU LEU A . n 
A 1 123 THR 123 123 123 THR THR A . n 
A 1 124 PHE 124 124 124 PHE PHE A . n 
A 1 125 ASN 125 125 125 ASN ASN A . n 
A 1 126 ASN 126 126 126 ASN ASN A . n 
A 1 127 PRO 127 127 127 PRO PRO A . n 
A 1 128 THR 128 128 128 THR THR A . n 
A 1 129 GLU 129 129 129 GLU GLU A . n 
A 1 130 ASP 130 130 130 ASP ASP A . n 
A 1 131 PHE 131 131 131 PHE PHE A . n 
A 1 132 ARG 132 132 132 ARG ARG A . n 
A 1 133 ARG 133 133 133 ARG ARG A . n 
A 1 134 LYS 134 134 134 LYS LYS A . n 
A 1 135 LEU 135 135 135 LEU LEU A . n 
A 1 136 LEU 136 136 136 LEU LEU A . n 
A 1 137 LYS 137 137 137 LYS LYS A . n 
A 1 138 ALA 138 138 138 ALA ALA A . n 
A 1 139 GLY 139 139 139 GLY GLY A . n 
A 1 140 GLY 140 140 140 GLY GLY A . n 
A 1 141 ASP 141 141 141 ASP ASP A . n 
A 1 142 ALA 142 142 142 ALA ALA A . n 
A 1 143 HIS 143 143 ?   ?   ?   A . n 
A 1 144 HIS 144 144 ?   ?   ?   A . n 
A 1 145 HIS 145 145 ?   ?   ?   A . n 
A 1 146 HIS 146 146 ?   ?   ?   A . n 
A 1 147 HIS 147 147 ?   ?   ?   A . n 
A 1 148 HIS 148 148 ?   ?   ?   A . n 
# 
loop_
_pdbx_nonpoly_scheme.asym_id 
_pdbx_nonpoly_scheme.entity_id 
_pdbx_nonpoly_scheme.mon_id 
_pdbx_nonpoly_scheme.ndb_seq_num 
_pdbx_nonpoly_scheme.pdb_seq_num 
_pdbx_nonpoly_scheme.auth_seq_num 
_pdbx_nonpoly_scheme.pdb_mon_id 
_pdbx_nonpoly_scheme.auth_mon_id 
_pdbx_nonpoly_scheme.pdb_strand_id 
_pdbx_nonpoly_scheme.pdb_ins_code 
B 2 ZJ9 1   201 201 ZJ9 DRG A . 
C 3 EDO 1   202 301 EDO EDO A . 
D 3 EDO 1   203 401 EDO EDO A . 
E 3 EDO 1   204 501 EDO EDO A . 
F 4 DMS 1   205 601 DMS DMS A . 
G 3 EDO 1   206 701 EDO EDO A . 
H 3 EDO 1   207 801 EDO EDO A . 
I 3 EDO 1   208 901 EDO EDO A . 
J 5 PO4 1   209 1   PO4 PO4 A . 
K 6 HOH 1   301 104 HOH HOH A . 
K 6 HOH 2   302 17  HOH HOH A . 
K 6 HOH 3   303 70  HOH HOH A . 
K 6 HOH 4   304 33  HOH HOH A . 
K 6 HOH 5   305 56  HOH HOH A . 
K 6 HOH 6   306 102 HOH HOH A . 
K 6 HOH 7   307 65  HOH HOH A . 
K 6 HOH 8   308 10  HOH HOH A . 
K 6 HOH 9   309 66  HOH HOH A . 
K 6 HOH 10  310 82  HOH HOH A . 
K 6 HOH 11  311 83  HOH HOH A . 
K 6 HOH 12  312 67  HOH HOH A . 
K 6 HOH 13  313 110 HOH HOH A . 
K 6 HOH 14  314 57  HOH HOH A . 
K 6 HOH 15  315 101 HOH HOH A . 
K 6 HOH 16  316 96  HOH HOH A . 
K 6 HOH 17  317 58  HOH HOH A . 
K 6 HOH 18  318 87  HOH HOH A . 
K 6 HOH 19  319 45  HOH HOH A . 
K 6 HOH 20  320 113 HOH HOH A . 
K 6 HOH 21  321 43  HOH HOH A . 
K 6 HOH 22  322 42  HOH HOH A . 
K 6 HOH 23  323 11  HOH HOH A . 
K 6 HOH 24  324 4   HOH HOH A . 
K 6 HOH 25  325 46  HOH HOH A . 
K 6 HOH 26  326 103 HOH HOH A . 
K 6 HOH 27  327 72  HOH HOH A . 
K 6 HOH 28  328 55  HOH HOH A . 
K 6 HOH 29  329 6   HOH HOH A . 
K 6 HOH 30  330 68  HOH HOH A . 
K 6 HOH 31  331 77  HOH HOH A . 
K 6 HOH 32  332 63  HOH HOH A . 
K 6 HOH 33  333 12  HOH HOH A . 
K 6 HOH 34  334 48  HOH HOH A . 
K 6 HOH 35  335 59  HOH HOH A . 
K 6 HOH 36  336 15  HOH HOH A . 
K 6 HOH 37  337 41  HOH HOH A . 
K 6 HOH 38  338 106 HOH HOH A . 
K 6 HOH 39  339 36  HOH HOH A . 
K 6 HOH 40  340 31  HOH HOH A . 
K 6 HOH 41  341 62  HOH HOH A . 
K 6 HOH 42  342 99  HOH HOH A . 
K 6 HOH 43  343 89  HOH HOH A . 
K 6 HOH 44  344 22  HOH HOH A . 
K 6 HOH 45  345 9   HOH HOH A . 
K 6 HOH 46  346 37  HOH HOH A . 
K 6 HOH 47  347 28  HOH HOH A . 
K 6 HOH 48  348 20  HOH HOH A . 
K 6 HOH 49  349 107 HOH HOH A . 
K 6 HOH 50  350 19  HOH HOH A . 
K 6 HOH 51  351 32  HOH HOH A . 
K 6 HOH 52  352 50  HOH HOH A . 
K 6 HOH 53  353 29  HOH HOH A . 
K 6 HOH 54  354 13  HOH HOH A . 
K 6 HOH 55  355 34  HOH HOH A . 
K 6 HOH 56  356 90  HOH HOH A . 
K 6 HOH 57  357 44  HOH HOH A . 
K 6 HOH 58  358 60  HOH HOH A . 
K 6 HOH 59  359 2   HOH HOH A . 
K 6 HOH 60  360 98  HOH HOH A . 
K 6 HOH 61  361 7   HOH HOH A . 
K 6 HOH 62  362 47  HOH HOH A . 
K 6 HOH 63  363 14  HOH HOH A . 
K 6 HOH 64  364 112 HOH HOH A . 
K 6 HOH 65  365 80  HOH HOH A . 
K 6 HOH 66  366 25  HOH HOH A . 
K 6 HOH 67  367 30  HOH HOH A . 
K 6 HOH 68  368 108 HOH HOH A . 
K 6 HOH 69  369 105 HOH HOH A . 
K 6 HOH 70  370 100 HOH HOH A . 
K 6 HOH 71  371 69  HOH HOH A . 
K 6 HOH 72  372 111 HOH HOH A . 
K 6 HOH 73  373 114 HOH HOH A . 
K 6 HOH 74  374 35  HOH HOH A . 
K 6 HOH 75  375 95  HOH HOH A . 
K 6 HOH 76  376 21  HOH HOH A . 
K 6 HOH 77  377 16  HOH HOH A . 
K 6 HOH 78  378 81  HOH HOH A . 
K 6 HOH 79  379 38  HOH HOH A . 
K 6 HOH 80  380 8   HOH HOH A . 
K 6 HOH 81  381 5   HOH HOH A . 
K 6 HOH 82  382 109 HOH HOH A . 
K 6 HOH 83  383 79  HOH HOH A . 
K 6 HOH 84  384 39  HOH HOH A . 
K 6 HOH 85  385 18  HOH HOH A . 
K 6 HOH 86  386 23  HOH HOH A . 
K 6 HOH 87  387 94  HOH HOH A . 
K 6 HOH 88  388 71  HOH HOH A . 
K 6 HOH 89  389 52  HOH HOH A . 
K 6 HOH 90  390 53  HOH HOH A . 
K 6 HOH 91  391 51  HOH HOH A . 
K 6 HOH 92  392 24  HOH HOH A . 
K 6 HOH 93  393 40  HOH HOH A . 
K 6 HOH 94  394 26  HOH HOH A . 
K 6 HOH 95  395 115 HOH HOH A . 
K 6 HOH 96  396 49  HOH HOH A . 
K 6 HOH 97  397 73  HOH HOH A . 
K 6 HOH 98  398 85  HOH HOH A . 
K 6 HOH 99  399 88  HOH HOH A . 
K 6 HOH 100 400 75  HOH HOH A . 
K 6 HOH 101 401 86  HOH HOH A . 
K 6 HOH 102 402 61  HOH HOH A . 
K 6 HOH 103 403 84  HOH HOH A . 
K 6 HOH 104 404 92  HOH HOH A . 
# 
loop_
_software.citation_id 
_software.classification 
_software.compiler_name 
_software.compiler_version 
_software.contact_author 
_software.contact_author_email 
_software.date 
_software.description 
_software.dependencies 
_software.hardware 
_software.language 
_software.location 
_software.mods 
_software.name 
_software.os 
_software.os_version 
_software.type 
_software.version 
_software.pdbx_ordinal 
? refinement       ? ? ? ? ? ? ? ? ? ? ? REFMAC  ? ? ? 5.8.0257 1 
? 'data reduction' ? ? ? ? ? ? ? ? ? ? ? XDS     ? ? ? .        2 
? 'data scaling'   ? ? ? ? ? ? ? ? ? ? ? Aimless ? ? ? .        3 
? phasing          ? ? ? ? ? ? ? ? ? ? ? PHASER  ? ? ? .        4 
# 
_cell.angle_alpha                  90.00 
_cell.angle_alpha_esd              ? 
_cell.angle_beta                   90.00 
_cell.angle_beta_esd               ? 
_cell.angle_gamma                  90.00 
_cell.angle_gamma_esd              ? 
_cell.entry_id                     8PJ7 
_cell.details                      ? 
_cell.formula_units_Z              ? 
_cell.length_a                     49.632 
_cell.length_a_esd                 ? 
_cell.length_b                     49.632 
_cell.length_b_esd                 ? 
_cell.length_c                     122.439 
_cell.length_c_esd                 ? 
_cell.volume                       ? 
_cell.volume_esd                   ? 
_cell.Z_PDB                        8 
_cell.reciprocal_angle_alpha       ? 
_cell.reciprocal_angle_beta        ? 
_cell.reciprocal_angle_gamma       ? 
_cell.reciprocal_angle_alpha_esd   ? 
_cell.reciprocal_angle_beta_esd    ? 
_cell.reciprocal_angle_gamma_esd   ? 
_cell.reciprocal_length_a          ? 
_cell.reciprocal_length_b          ? 
_cell.reciprocal_length_c          ? 
_cell.reciprocal_length_a_esd      ? 
_cell.reciprocal_length_b_esd      ? 
_cell.reciprocal_length_c_esd      ? 
_cell.pdbx_unique_axis             ? 
_cell.pdbx_esd_method              ? 
# 
_symmetry.entry_id                         8PJ7 
_symmetry.cell_setting                     ? 
_symmetry.Int_Tables_number                96 
_symmetry.space_group_name_Hall            ? 
_symmetry.space_group_name_H-M             'P 43 21 2' 
_symmetry.pdbx_full_space_group_name_H-M   ? 
# 
_exptl.absorpt_coefficient_mu     ? 
_exptl.absorpt_correction_T_max   ? 
_exptl.absorpt_correction_T_min   ? 
_exptl.absorpt_correction_type    ? 
_exptl.absorpt_process_details    ? 
_exptl.entry_id                   8PJ7 
_exptl.crystals_number            1 
_exptl.details                    ? 
_exptl.method                     'X-RAY DIFFRACTION' 
_exptl.method_details             ? 
# 
_exptl_crystal.colour                       ? 
_exptl_crystal.density_diffrn               ? 
_exptl_crystal.density_Matthews             2.32 
_exptl_crystal.density_method               ? 
_exptl_crystal.density_percent_sol          47 
_exptl_crystal.description                  ? 
_exptl_crystal.F_000                        ? 
_exptl_crystal.id                           1 
_exptl_crystal.preparation                  ? 
_exptl_crystal.size_max                     ? 
_exptl_crystal.size_mid                     ? 
_exptl_crystal.size_min                     ? 
_exptl_crystal.size_rad                     ? 
_exptl_crystal.colour_lustre                ? 
_exptl_crystal.colour_modifier              ? 
_exptl_crystal.colour_primary               ? 
_exptl_crystal.density_meas                 ? 
_exptl_crystal.density_meas_esd             ? 
_exptl_crystal.density_meas_gt              ? 
_exptl_crystal.density_meas_lt              ? 
_exptl_crystal.density_meas_temp            ? 
_exptl_crystal.density_meas_temp_esd        ? 
_exptl_crystal.density_meas_temp_gt         ? 
_exptl_crystal.density_meas_temp_lt         ? 
_exptl_crystal.pdbx_crystal_image_url       ? 
_exptl_crystal.pdbx_crystal_image_format    ? 
_exptl_crystal.pdbx_mosaicity               ? 
_exptl_crystal.pdbx_mosaicity_esd           ? 
_exptl_crystal.pdbx_mosaic_method           ? 
_exptl_crystal.pdbx_mosaic_block_size       ? 
_exptl_crystal.pdbx_mosaic_block_size_esd   ? 
# 
_exptl_crystal_grow.apparatus       ? 
_exptl_crystal_grow.atmosphere      ? 
_exptl_crystal_grow.crystal_id      1 
_exptl_crystal_grow.details         ? 
_exptl_crystal_grow.method          'VAPOR DIFFUSION, SITTING DROP' 
_exptl_crystal_grow.method_ref      ? 
_exptl_crystal_grow.pH              ? 
_exptl_crystal_grow.pressure        ? 
_exptl_crystal_grow.pressure_esd    ? 
_exptl_crystal_grow.seeding         ? 
_exptl_crystal_grow.seeding_ref     ? 
_exptl_crystal_grow.temp_details    ? 
_exptl_crystal_grow.temp_esd        ? 
_exptl_crystal_grow.time            ? 
_exptl_crystal_grow.pdbx_details    
;100 mM Bis-Tris pH=7.0
150 mM AmSO4
Gradient 20-30% PEG3350
;
_exptl_crystal_grow.pdbx_pH_range   ? 
_exptl_crystal_grow.temp            293 
# 
_diffrn.ambient_environment              ? 
_diffrn.ambient_temp                     293 
_diffrn.ambient_temp_details             ? 
_diffrn.ambient_temp_esd                 ? 
_diffrn.crystal_id                       1 
_diffrn.crystal_support                  ? 
_diffrn.crystal_treatment                ? 
_diffrn.details                          ? 
_diffrn.id                               1 
_diffrn.ambient_pressure                 ? 
_diffrn.ambient_pressure_esd             ? 
_diffrn.ambient_pressure_gt              ? 
_diffrn.ambient_pressure_lt              ? 
_diffrn.ambient_temp_gt                  ? 
_diffrn.ambient_temp_lt                  ? 
_diffrn.pdbx_serial_crystal_experiment   N 
# 
_diffrn_detector.details                      ? 
_diffrn_detector.detector                     PIXEL 
_diffrn_detector.diffrn_id                    1 
_diffrn_detector.type                         'DECTRIS EIGER X 9M' 
_diffrn_detector.area_resol_mean              ? 
_diffrn_detector.dtime                        ? 
_diffrn_detector.pdbx_frames_total            ? 
_diffrn_detector.pdbx_collection_time_total   ? 
_diffrn_detector.pdbx_collection_date         2019-09-22 
_diffrn_detector.pdbx_frequency               ? 
_diffrn_detector.id                           ? 
_diffrn_detector.number_of_axes               ? 
# 
_diffrn_radiation.collimation                      ? 
_diffrn_radiation.diffrn_id                        1 
_diffrn_radiation.filter_edge                      ? 
_diffrn_radiation.inhomogeneity                    ? 
_diffrn_radiation.monochromator                    ? 
_diffrn_radiation.polarisn_norm                    ? 
_diffrn_radiation.polarisn_ratio                   ? 
_diffrn_radiation.probe                            ? 
_diffrn_radiation.type                             ? 
_diffrn_radiation.xray_symbol                      ? 
_diffrn_radiation.wavelength_id                    1 
_diffrn_radiation.pdbx_monochromatic_or_laue_m_l   M 
_diffrn_radiation.pdbx_wavelength_list             ? 
_diffrn_radiation.pdbx_wavelength                  ? 
_diffrn_radiation.pdbx_diffrn_protocol             'SINGLE WAVELENGTH' 
_diffrn_radiation.pdbx_analyzer                    ? 
_diffrn_radiation.pdbx_scattering_type             x-ray 
# 
_diffrn_radiation_wavelength.id           1 
_diffrn_radiation_wavelength.wavelength   0.92 
_diffrn_radiation_wavelength.wt           1.0 
# 
_diffrn_source.current                     ? 
_diffrn_source.details                     ? 
_diffrn_source.diffrn_id                   1 
_diffrn_source.power                       ? 
_diffrn_source.size                        ? 
_diffrn_source.source                      SYNCHROTRON 
_diffrn_source.target                      ? 
_diffrn_source.type                        'DIAMOND BEAMLINE I04-1' 
_diffrn_source.voltage                     ? 
_diffrn_source.take-off_angle              ? 
_diffrn_source.pdbx_wavelength_list        0.92 
_diffrn_source.pdbx_wavelength             ? 
_diffrn_source.pdbx_synchrotron_beamline   I04-1 
_diffrn_source.pdbx_synchrotron_site       Diamond 
# 
_reflns.B_iso_Wilson_estimate                          ? 
_reflns.entry_id                                       8PJ7 
_reflns.data_reduction_details                         ? 
_reflns.data_reduction_method                          ? 
_reflns.d_resolution_high                              1.26 
_reflns.d_resolution_low                               46 
_reflns.details                                        ? 
_reflns.limit_h_max                                    ? 
_reflns.limit_h_min                                    ? 
_reflns.limit_k_max                                    ? 
_reflns.limit_k_min                                    ? 
_reflns.limit_l_max                                    ? 
_reflns.limit_l_min                                    ? 
_reflns.number_all                                     ? 
_reflns.number_obs                                     42219 
_reflns.observed_criterion                             ? 
_reflns.observed_criterion_F_max                       ? 
_reflns.observed_criterion_F_min                       ? 
_reflns.observed_criterion_I_max                       ? 
_reflns.observed_criterion_I_min                       ? 
_reflns.observed_criterion_sigma_F                     ? 
_reflns.observed_criterion_sigma_I                     ? 
_reflns.percent_possible_obs                           99.78 
_reflns.R_free_details                                 ? 
_reflns.Rmerge_F_all                                   ? 
_reflns.Rmerge_F_obs                                   ? 
_reflns.Friedel_coverage                               ? 
_reflns.number_gt                                      ? 
_reflns.threshold_expression                           ? 
_reflns.pdbx_redundancy                                27.1 
_reflns.pdbx_netI_over_av_sigmaI                       ? 
_reflns.pdbx_netI_over_sigmaI                          20.71 
_reflns.pdbx_res_netI_over_av_sigmaI_2                 ? 
_reflns.pdbx_res_netI_over_sigmaI_2                    ? 
_reflns.pdbx_chi_squared                               ? 
_reflns.pdbx_scaling_rejects                           ? 
_reflns.pdbx_d_res_high_opt                            ? 
_reflns.pdbx_d_res_low_opt                             ? 
_reflns.pdbx_d_res_opt_method                          ? 
_reflns.phase_calculation_details                      ? 
_reflns.pdbx_Rrim_I_all                                0.07564 
_reflns.pdbx_Rpim_I_all                                0.01379 
_reflns.pdbx_d_opt                                     ? 
_reflns.pdbx_number_measured_all                       ? 
_reflns.pdbx_diffrn_id                                 1 
_reflns.pdbx_ordinal                                   1 
_reflns.pdbx_CC_half                                   ? 
_reflns.pdbx_CC_star                                   ? 
_reflns.pdbx_R_split                                   ? 
_reflns.pdbx_Rmerge_I_obs                              0.07432 
_reflns.pdbx_Rmerge_I_all                              ? 
_reflns.pdbx_Rsym_value                                ? 
_reflns.pdbx_CC_split_method                           ? 
_reflns.pdbx_aniso_diffraction_limit_axis_1_ortho[1]   ? 
_reflns.pdbx_aniso_diffraction_limit_axis_1_ortho[2]   ? 
_reflns.pdbx_aniso_diffraction_limit_axis_1_ortho[3]   ? 
_reflns.pdbx_aniso_diffraction_limit_axis_2_ortho[1]   ? 
_reflns.pdbx_aniso_diffraction_limit_axis_2_ortho[2]   ? 
_reflns.pdbx_aniso_diffraction_limit_axis_2_ortho[3]   ? 
_reflns.pdbx_aniso_diffraction_limit_axis_3_ortho[1]   ? 
_reflns.pdbx_aniso_diffraction_limit_axis_3_ortho[2]   ? 
_reflns.pdbx_aniso_diffraction_limit_axis_3_ortho[3]   ? 
_reflns.pdbx_aniso_diffraction_limit_1                 ? 
_reflns.pdbx_aniso_diffraction_limit_2                 ? 
_reflns.pdbx_aniso_diffraction_limit_3                 ? 
_reflns.pdbx_aniso_B_tensor_eigenvector_1_ortho[1]     ? 
_reflns.pdbx_aniso_B_tensor_eigenvector_1_ortho[2]     ? 
_reflns.pdbx_aniso_B_tensor_eigenvector_1_ortho[3]     ? 
_reflns.pdbx_aniso_B_tensor_eigenvector_2_ortho[1]     ? 
_reflns.pdbx_aniso_B_tensor_eigenvector_2_ortho[2]     ? 
_reflns.pdbx_aniso_B_tensor_eigenvector_2_ortho[3]     ? 
_reflns.pdbx_aniso_B_tensor_eigenvector_3_ortho[1]     ? 
_reflns.pdbx_aniso_B_tensor_eigenvector_3_ortho[2]     ? 
_reflns.pdbx_aniso_B_tensor_eigenvector_3_ortho[3]     ? 
_reflns.pdbx_aniso_B_tensor_eigenvalue_1               ? 
_reflns.pdbx_aniso_B_tensor_eigenvalue_2               ? 
_reflns.pdbx_aniso_B_tensor_eigenvalue_3               ? 
_reflns.pdbx_orthogonalization_convention              ? 
_reflns.pdbx_percent_possible_ellipsoidal              ? 
_reflns.pdbx_percent_possible_spherical                ? 
_reflns.pdbx_percent_possible_ellipsoidal_anomalous    ? 
_reflns.pdbx_percent_possible_spherical_anomalous      ? 
_reflns.pdbx_redundancy_anomalous                      ? 
_reflns.pdbx_CC_half_anomalous                         ? 
_reflns.pdbx_absDiff_over_sigma_anomalous              ? 
_reflns.pdbx_percent_possible_anomalous                ? 
_reflns.pdbx_observed_signal_threshold                 ? 
_reflns.pdbx_signal_type                               ? 
_reflns.pdbx_signal_details                            ? 
_reflns.pdbx_signal_software_id                        ? 
# 
_reflns_shell.d_res_high                                    1.26 
_reflns_shell.d_res_low                                     1.305 
_reflns_shell.meanI_over_sigI_all                           ? 
_reflns_shell.meanI_over_sigI_obs                           1.27 
_reflns_shell.number_measured_all                           ? 
_reflns_shell.number_measured_obs                           ? 
_reflns_shell.number_possible                               ? 
_reflns_shell.number_unique_all                             ? 
_reflns_shell.number_unique_obs                             4068 
_reflns_shell.percent_possible_obs                          ? 
_reflns_shell.Rmerge_F_all                                  ? 
_reflns_shell.Rmerge_F_obs                                  ? 
_reflns_shell.meanI_over_sigI_gt                            ? 
_reflns_shell.meanI_over_uI_all                             ? 
_reflns_shell.meanI_over_uI_gt                              ? 
_reflns_shell.number_measured_gt                            ? 
_reflns_shell.number_unique_gt                              ? 
_reflns_shell.percent_possible_gt                           ? 
_reflns_shell.Rmerge_F_gt                                   ? 
_reflns_shell.Rmerge_I_gt                                   ? 
_reflns_shell.pdbx_redundancy                               ? 
_reflns_shell.pdbx_chi_squared                              ? 
_reflns_shell.pdbx_netI_over_sigmaI_all                     ? 
_reflns_shell.pdbx_netI_over_sigmaI_obs                     ? 
_reflns_shell.pdbx_Rrim_I_all                               ? 
_reflns_shell.pdbx_Rpim_I_all                               0.482 
_reflns_shell.pdbx_rejects                                  ? 
_reflns_shell.pdbx_ordinal                                  1 
_reflns_shell.pdbx_diffrn_id                                1 
_reflns_shell.pdbx_CC_half                                  ? 
_reflns_shell.pdbx_CC_star                                  ? 
_reflns_shell.pdbx_R_split                                  ? 
_reflns_shell.percent_possible_all                          ? 
_reflns_shell.Rmerge_I_all                                  ? 
_reflns_shell.Rmerge_I_obs                                  1.597 
_reflns_shell.pdbx_Rsym_value                               1.672 
_reflns_shell.pdbx_percent_possible_ellipsoidal             ? 
_reflns_shell.pdbx_percent_possible_spherical               ? 
_reflns_shell.pdbx_percent_possible_ellipsoidal_anomalous   ? 
_reflns_shell.pdbx_percent_possible_spherical_anomalous     ? 
_reflns_shell.pdbx_redundancy_anomalous                     ? 
_reflns_shell.pdbx_CC_half_anomalous                        ? 
_reflns_shell.pdbx_absDiff_over_sigma_anomalous             ? 
_reflns_shell.pdbx_percent_possible_anomalous               ? 
# 
_refine.aniso_B[1][1]                            -1.27 
_refine.aniso_B[1][2]                            0.00 
_refine.aniso_B[1][3]                            0.00 
_refine.aniso_B[2][2]                            -1.27 
_refine.aniso_B[2][3]                            0.00 
_refine.aniso_B[3][3]                            2.53 
_refine.B_iso_max                                ? 
_refine.B_iso_mean                               19.079 
_refine.B_iso_min                                ? 
_refine.correlation_coeff_Fo_to_Fc               0.968 
_refine.correlation_coeff_Fo_to_Fc_free          0.959 
_refine.details                                  'HYDROGENS HAVE BEEN ADDED IN THE RIDING POSITIONS' 
_refine.diff_density_max                         ? 
_refine.diff_density_max_esd                     ? 
_refine.diff_density_min                         ? 
_refine.diff_density_min_esd                     ? 
_refine.diff_density_rms                         ? 
_refine.diff_density_rms_esd                     ? 
_refine.entry_id                                 8PJ7 
_refine.pdbx_refine_id                           'X-RAY DIFFRACTION' 
_refine.ls_abs_structure_details                 ? 
_refine.ls_abs_structure_Flack                   ? 
_refine.ls_abs_structure_Flack_esd               ? 
_refine.ls_abs_structure_Rogers                  ? 
_refine.ls_abs_structure_Rogers_esd              ? 
_refine.ls_d_res_high                            1.26 
_refine.ls_d_res_low                             46.00 
_refine.ls_extinction_coef                       ? 
_refine.ls_extinction_coef_esd                   ? 
_refine.ls_extinction_expression                 ? 
_refine.ls_extinction_method                     ? 
_refine.ls_goodness_of_fit_all                   ? 
_refine.ls_goodness_of_fit_all_esd               ? 
_refine.ls_goodness_of_fit_obs                   ? 
_refine.ls_goodness_of_fit_obs_esd               ? 
_refine.ls_hydrogen_treatment                    ? 
_refine.ls_matrix_type                           ? 
_refine.ls_number_constraints                    ? 
_refine.ls_number_parameters                     ? 
_refine.ls_number_reflns_all                     ? 
_refine.ls_number_reflns_obs                     40053 
_refine.ls_number_reflns_R_free                  2157 
_refine.ls_number_reflns_R_work                  ? 
_refine.ls_number_restraints                     ? 
_refine.ls_percent_reflns_obs                    99.81 
_refine.ls_percent_reflns_R_free                 5.1 
_refine.ls_R_factor_all                          ? 
_refine.ls_R_factor_obs                          0.19876 
_refine.ls_R_factor_R_free                       0.22171 
_refine.ls_R_factor_R_free_error                 ? 
_refine.ls_R_factor_R_free_error_details         ? 
_refine.ls_R_factor_R_work                       0.19750 
_refine.ls_R_Fsqd_factor_obs                     ? 
_refine.ls_R_I_factor_obs                        ? 
_refine.ls_redundancy_reflns_all                 ? 
_refine.ls_redundancy_reflns_obs                 ? 
_refine.ls_restrained_S_all                      ? 
_refine.ls_restrained_S_obs                      ? 
_refine.ls_shift_over_esd_max                    ? 
_refine.ls_shift_over_esd_mean                   ? 
_refine.ls_structure_factor_coef                 ? 
_refine.ls_weighting_details                     ? 
_refine.ls_weighting_scheme                      ? 
_refine.ls_wR_factor_all                         ? 
_refine.ls_wR_factor_obs                         ? 
_refine.ls_wR_factor_R_free                      ? 
_refine.ls_wR_factor_R_work                      ? 
_refine.occupancy_max                            ? 
_refine.occupancy_min                            ? 
_refine.solvent_model_details                    MASK 
_refine.solvent_model_param_bsol                 ? 
_refine.solvent_model_param_ksol                 ? 
_refine.pdbx_R_complete                          ? 
_refine.ls_R_factor_gt                           ? 
_refine.ls_goodness_of_fit_gt                    ? 
_refine.ls_goodness_of_fit_ref                   ? 
_refine.ls_shift_over_su_max                     ? 
_refine.ls_shift_over_su_max_lt                  ? 
_refine.ls_shift_over_su_mean                    ? 
_refine.ls_shift_over_su_mean_lt                 ? 
_refine.pdbx_ls_sigma_I                          ? 
_refine.pdbx_ls_sigma_F                          ? 
_refine.pdbx_ls_sigma_Fsqd                       ? 
_refine.pdbx_data_cutoff_high_absF               ? 
_refine.pdbx_data_cutoff_high_rms_absF           ? 
_refine.pdbx_data_cutoff_low_absF                ? 
_refine.pdbx_isotropic_thermal_model             ? 
_refine.pdbx_ls_cross_valid_method               THROUGHOUT 
_refine.pdbx_method_to_determine_struct          'MOLECULAR REPLACEMENT' 
_refine.pdbx_starting_model                      ? 
_refine.pdbx_stereochemistry_target_values       'MAXIMUM LIKELIHOOD' 
_refine.pdbx_R_Free_selection_details            RANDOM 
_refine.pdbx_stereochem_target_val_spec_case     ? 
_refine.pdbx_overall_ESU_R                       0.050 
_refine.pdbx_overall_ESU_R_Free                  0.052 
_refine.pdbx_solvent_vdw_probe_radii             1.20 
_refine.pdbx_solvent_ion_probe_radii             0.80 
_refine.pdbx_solvent_shrinkage_radii             0.80 
_refine.pdbx_real_space_R                        ? 
_refine.pdbx_density_correlation                 ? 
_refine.pdbx_pd_number_of_powder_patterns        ? 
_refine.pdbx_pd_number_of_points                 ? 
_refine.pdbx_pd_meas_number_of_points            ? 
_refine.pdbx_pd_proc_ls_prof_R_factor            ? 
_refine.pdbx_pd_proc_ls_prof_wR_factor           ? 
_refine.pdbx_pd_Marquardt_correlation_coeff      ? 
_refine.pdbx_pd_Fsqrd_R_factor                   ? 
_refine.pdbx_pd_ls_matrix_band_width             ? 
_refine.pdbx_overall_phase_error                 ? 
_refine.pdbx_overall_SU_R_free_Cruickshank_DPI   ? 
_refine.pdbx_overall_SU_R_free_Blow_DPI          ? 
_refine.pdbx_overall_SU_R_Blow_DPI               ? 
_refine.pdbx_TLS_residual_ADP_flag               ? 
_refine.pdbx_diffrn_id                           1 
_refine.overall_SU_B                             1.233 
_refine.overall_SU_ML                            0.049 
_refine.overall_SU_R_Cruickshank_DPI             ? 
_refine.overall_SU_R_free                        ? 
_refine.overall_FOM_free_R_set                   ? 
_refine.overall_FOM_work_R_set                   ? 
_refine.pdbx_average_fsc_overall                 ? 
_refine.pdbx_average_fsc_work                    ? 
_refine.pdbx_average_fsc_free                    ? 
# 
_refine_hist.pdbx_refine_id                   'X-RAY DIFFRACTION' 
_refine_hist.cycle_id                         1 
_refine_hist.details                          ? 
_refine_hist.d_res_high                       1.26 
_refine_hist.d_res_low                        46.00 
_refine_hist.number_atoms_solvent             104 
_refine_hist.number_atoms_total               1314 
_refine_hist.number_reflns_all                ? 
_refine_hist.number_reflns_obs                ? 
_refine_hist.number_reflns_R_free             ? 
_refine_hist.number_reflns_R_work             ? 
_refine_hist.R_factor_all                     ? 
_refine_hist.R_factor_obs                     ? 
_refine_hist.R_factor_R_free                  ? 
_refine_hist.R_factor_R_work                  ? 
_refine_hist.pdbx_number_residues_total       ? 
_refine_hist.pdbx_B_iso_mean_ligand           ? 
_refine_hist.pdbx_B_iso_mean_solvent          ? 
_refine_hist.pdbx_number_atoms_protein        1148 
_refine_hist.pdbx_number_atoms_nucleic_acid   0 
_refine_hist.pdbx_number_atoms_ligand         62 
_refine_hist.pdbx_number_atoms_lipid          ? 
_refine_hist.pdbx_number_atoms_carb           ? 
_refine_hist.pdbx_pseudo_atom_details         ? 
# 
loop_
_refine_ls_restr.pdbx_refine_id 
_refine_ls_restr.criterion 
_refine_ls_restr.dev_ideal 
_refine_ls_restr.dev_ideal_target 
_refine_ls_restr.number 
_refine_ls_restr.rejects 
_refine_ls_restr.type 
_refine_ls_restr.weight 
_refine_ls_restr.pdbx_restraint_function 
'X-RAY DIFFRACTION' ? 0.014  0.013  1295 ? r_bond_refined_d             ? ? 
'X-RAY DIFFRACTION' ? 0.002  0.017  1192 ? r_bond_other_d               ? ? 
'X-RAY DIFFRACTION' ? 1.865  1.699  1745 ? r_angle_refined_deg          ? ? 
'X-RAY DIFFRACTION' ? 1.443  1.608  2766 ? r_angle_other_deg            ? ? 
'X-RAY DIFFRACTION' ? 6.575  5.000  147  ? r_dihedral_angle_1_deg       ? ? 
'X-RAY DIFFRACTION' ? 30.365 21.026 78   ? r_dihedral_angle_2_deg       ? ? 
'X-RAY DIFFRACTION' ? 12.743 15.000 215  ? r_dihedral_angle_3_deg       ? ? 
'X-RAY DIFFRACTION' ? 17.964 15.000 11   ? r_dihedral_angle_4_deg       ? ? 
'X-RAY DIFFRACTION' ? 0.363  0.200  143  ? r_chiral_restr               ? ? 
'X-RAY DIFFRACTION' ? 0.012  0.020  1440 ? r_gen_planes_refined         ? ? 
'X-RAY DIFFRACTION' ? 0.002  0.020  297  ? r_gen_planes_other           ? ? 
'X-RAY DIFFRACTION' ? ?      ?      ?    ? r_nbd_refined                ? ? 
'X-RAY DIFFRACTION' ? ?      ?      ?    ? r_nbd_other                  ? ? 
'X-RAY DIFFRACTION' ? ?      ?      ?    ? r_nbtor_refined              ? ? 
'X-RAY DIFFRACTION' ? ?      ?      ?    ? r_nbtor_other                ? ? 
'X-RAY DIFFRACTION' ? ?      ?      ?    ? r_xyhbond_nbd_refined        ? ? 
'X-RAY DIFFRACTION' ? ?      ?      ?    ? r_xyhbond_nbd_other          ? ? 
'X-RAY DIFFRACTION' ? ?      ?      ?    ? r_metal_ion_refined          ? ? 
'X-RAY DIFFRACTION' ? ?      ?      ?    ? r_metal_ion_other            ? ? 
'X-RAY DIFFRACTION' ? ?      ?      ?    ? r_symmetry_vdw_refined       ? ? 
'X-RAY DIFFRACTION' ? ?      ?      ?    ? r_symmetry_vdw_other         ? ? 
'X-RAY DIFFRACTION' ? ?      ?      ?    ? r_symmetry_hbond_refined     ? ? 
'X-RAY DIFFRACTION' ? ?      ?      ?    ? r_symmetry_hbond_other       ? ? 
'X-RAY DIFFRACTION' ? ?      ?      ?    ? r_symmetry_metal_ion_refined ? ? 
'X-RAY DIFFRACTION' ? ?      ?      ?    ? r_symmetry_metal_ion_other   ? ? 
'X-RAY DIFFRACTION' ? 1.648  1.705  576  ? r_mcbond_it                  ? ? 
'X-RAY DIFFRACTION' ? 1.610  1.700  575  ? r_mcbond_other               ? ? 
'X-RAY DIFFRACTION' ? 2.485  2.553  727  ? r_mcangle_it                 ? ? 
'X-RAY DIFFRACTION' ? 2.491  2.557  728  ? r_mcangle_other              ? ? 
'X-RAY DIFFRACTION' ? 2.984  2.111  719  ? r_scbond_it                  ? ? 
'X-RAY DIFFRACTION' ? 2.968  2.090  716  ? r_scbond_other               ? ? 
'X-RAY DIFFRACTION' ? ?      ?      ?    ? r_scangle_it                 ? ? 
'X-RAY DIFFRACTION' ? 4.386  2.980  1013 ? r_scangle_other              ? ? 
'X-RAY DIFFRACTION' ? 6.240  20.707 1341 ? r_long_range_B_refined       ? ? 
'X-RAY DIFFRACTION' ? 5.974  20.388 1323 ? r_long_range_B_other         ? ? 
'X-RAY DIFFRACTION' ? ?      ?      ?    ? r_rigid_bond_restr           ? ? 
'X-RAY DIFFRACTION' ? ?      ?      ?    ? r_sphericity_free            ? ? 
'X-RAY DIFFRACTION' ? ?      ?      ?    ? r_sphericity_bonded          ? ? 
# 
_refine_ls_shell.pdbx_refine_id                   'X-RAY DIFFRACTION' 
_refine_ls_shell.d_res_high                       1.260 
_refine_ls_shell.d_res_low                        1.293 
_refine_ls_shell.number_reflns_all                ? 
_refine_ls_shell.number_reflns_obs                ? 
_refine_ls_shell.number_reflns_R_free             152 
_refine_ls_shell.number_reflns_R_work             2816 
_refine_ls_shell.percent_reflns_obs               97.47 
_refine_ls_shell.percent_reflns_R_free            ? 
_refine_ls_shell.R_factor_all                     ? 
_refine_ls_shell.R_factor_obs                     ? 
_refine_ls_shell.R_factor_R_free_error            ? 
_refine_ls_shell.R_factor_R_work                  0.330 
_refine_ls_shell.redundancy_reflns_all            ? 
_refine_ls_shell.redundancy_reflns_obs            ? 
_refine_ls_shell.wR_factor_all                    ? 
_refine_ls_shell.wR_factor_obs                    ? 
_refine_ls_shell.wR_factor_R_free                 ? 
_refine_ls_shell.wR_factor_R_work                 ? 
_refine_ls_shell.pdbx_R_complete                  ? 
_refine_ls_shell.pdbx_total_number_of_bins_used   20 
_refine_ls_shell.pdbx_phase_error                 ? 
_refine_ls_shell.pdbx_fsc_work                    ? 
_refine_ls_shell.pdbx_fsc_free                    ? 
_refine_ls_shell.R_factor_R_free                  0.317 
# 
_struct.entry_id                     8PJ7 
_struct.title                        'MLLT3 in complex with compound PFI-6' 
_struct.pdbx_model_details           ? 
_struct.pdbx_formula_weight          ? 
_struct.pdbx_formula_weight_method   ? 
_struct.pdbx_model_type_details      ? 
_struct.pdbx_CASP_flag               N 
# 
_struct_keywords.entry_id        8PJ7 
_struct_keywords.text            'complex inhibitor, PEPTIDE BINDING PROTEIN' 
_struct_keywords.pdbx_keywords   'PEPTIDE BINDING PROTEIN' 
# 
loop_
_struct_asym.id 
_struct_asym.pdbx_blank_PDB_chainid_flag 
_struct_asym.pdbx_modified 
_struct_asym.entity_id 
_struct_asym.details 
A N N 1 ? 
B N N 2 ? 
C N N 3 ? 
D N N 3 ? 
E N N 3 ? 
F N N 4 ? 
G N N 3 ? 
H N N 3 ? 
I N N 3 ? 
J N N 5 ? 
K N N 6 ? 
# 
_struct_ref.id                         1 
_struct_ref.db_name                    UNP 
_struct_ref.db_code                    AF9_HUMAN 
_struct_ref.pdbx_db_accession          P42568 
_struct_ref.pdbx_db_isoform            ? 
_struct_ref.entity_id                  1 
_struct_ref.pdbx_seq_one_letter_code   
;MASSCAVQVKLELGHRAQVRKKPTVEGFTHDWMVFVRGPEHSNIQHFVEKVVFHLHESFPRPKRVCKDPPYKVEESGYAG
FILPIEVYFKNKEEPRKVRFDYDLFLHLEGHPPVNHLRCEKLTFNNPTEDFRRKLLKAGGDP
;
_struct_ref.pdbx_align_begin           1 
# 
_struct_ref_seq.align_id                      1 
_struct_ref_seq.ref_id                        1 
_struct_ref_seq.pdbx_PDB_id_code              8PJ7 
_struct_ref_seq.pdbx_strand_id                A 
_struct_ref_seq.seq_align_beg                 1 
_struct_ref_seq.pdbx_seq_align_beg_ins_code   ? 
_struct_ref_seq.seq_align_end                 142 
_struct_ref_seq.pdbx_seq_align_end_ins_code   ? 
_struct_ref_seq.pdbx_db_accession             P42568 
_struct_ref_seq.db_align_beg                  1 
_struct_ref_seq.pdbx_db_align_beg_ins_code    ? 
_struct_ref_seq.db_align_end                  142 
_struct_ref_seq.pdbx_db_align_end_ins_code    ? 
_struct_ref_seq.pdbx_auth_seq_align_beg       1 
_struct_ref_seq.pdbx_auth_seq_align_end       142 
# 
loop_
_struct_ref_seq_dif.align_id 
_struct_ref_seq_dif.pdbx_pdb_id_code 
_struct_ref_seq_dif.mon_id 
_struct_ref_seq_dif.pdbx_pdb_strand_id 
_struct_ref_seq_dif.seq_num 
_struct_ref_seq_dif.pdbx_pdb_ins_code 
_struct_ref_seq_dif.pdbx_seq_db_name 
_struct_ref_seq_dif.pdbx_seq_db_accession_code 
_struct_ref_seq_dif.db_mon_id 
_struct_ref_seq_dif.pdbx_seq_db_seq_num 
_struct_ref_seq_dif.details 
_struct_ref_seq_dif.pdbx_auth_seq_num 
_struct_ref_seq_dif.pdbx_ordinal 
1 8PJ7 ALA A 142 ? UNP P42568 PRO 142 'engineered mutation' 142 1 
1 8PJ7 HIS A 143 ? UNP P42568 ?   ?   'expression tag'      143 2 
1 8PJ7 HIS A 144 ? UNP P42568 ?   ?   'expression tag'      144 3 
1 8PJ7 HIS A 145 ? UNP P42568 ?   ?   'expression tag'      145 4 
1 8PJ7 HIS A 146 ? UNP P42568 ?   ?   'expression tag'      146 5 
1 8PJ7 HIS A 147 ? UNP P42568 ?   ?   'expression tag'      147 6 
1 8PJ7 HIS A 148 ? UNP P42568 ?   ?   'expression tag'      148 7 
# 
_pdbx_struct_assembly.id                   1 
_pdbx_struct_assembly.details              author_and_software_defined_assembly 
_pdbx_struct_assembly.method_details       ? 
_pdbx_struct_assembly.oligomeric_details   monomeric 
_pdbx_struct_assembly.oligomeric_count     1 
# 
_pdbx_struct_assembly_gen.assembly_id       1 
_pdbx_struct_assembly_gen.oper_expression   1 
_pdbx_struct_assembly_gen.asym_id_list      A,B,C,D,E,F,G,H,I,J,K 
# 
_pdbx_struct_assembly_auth_evidence.id                     1 
_pdbx_struct_assembly_auth_evidence.assembly_id            1 
_pdbx_struct_assembly_auth_evidence.experimental_support   'gel filtration' 
_pdbx_struct_assembly_auth_evidence.details                ? 
# 
_pdbx_struct_oper_list.id                   1 
_pdbx_struct_oper_list.type                 'identity operation' 
_pdbx_struct_oper_list.name                 1_555 
_pdbx_struct_oper_list.symmetry_operation   x,y,z 
_pdbx_struct_oper_list.matrix[1][1]         1.0 
_pdbx_struct_oper_list.matrix[1][2]         0.0 
_pdbx_struct_oper_list.matrix[1][3]         0.0 
_pdbx_struct_oper_list.vector[1]            0.0 
_pdbx_struct_oper_list.matrix[2][1]         0.0 
_pdbx_struct_oper_list.matrix[2][2]         1.0 
_pdbx_struct_oper_list.matrix[2][3]         0.0 
_pdbx_struct_oper_list.vector[2]            0.0 
_pdbx_struct_oper_list.matrix[3][1]         0.0 
_pdbx_struct_oper_list.matrix[3][2]         0.0 
_pdbx_struct_oper_list.matrix[3][3]         1.0 
_pdbx_struct_oper_list.vector[3]            0.0 
# 
loop_
_struct_conf.conf_type_id 
_struct_conf.id 
_struct_conf.pdbx_PDB_helix_id 
_struct_conf.beg_label_comp_id 
_struct_conf.beg_label_asym_id 
_struct_conf.beg_label_seq_id 
_struct_conf.pdbx_beg_PDB_ins_code 
_struct_conf.end_label_comp_id 
_struct_conf.end_label_asym_id 
_struct_conf.end_label_seq_id 
_struct_conf.pdbx_end_PDB_ins_code 
_struct_conf.beg_auth_comp_id 
_struct_conf.beg_auth_asym_id 
_struct_conf.beg_auth_seq_id 
_struct_conf.end_auth_comp_id 
_struct_conf.end_auth_asym_id 
_struct_conf.end_auth_seq_id 
_struct_conf.pdbx_PDB_helix_class 
_struct_conf.details 
_struct_conf.pdbx_PDB_helix_length 
HELX_P HELX_P1 AA1 ASN A 43  ? HIS A 46  ? ASN A 43  HIS A 46  5 ? 4  
HELX_P HELX_P2 AA2 THR A 128 ? ALA A 138 ? THR A 128 ALA A 138 1 ? 11 
# 
_struct_conf_type.id          HELX_P 
_struct_conf_type.criteria    ? 
_struct_conf_type.reference   ? 
# 
loop_
_struct_mon_prot_cis.pdbx_id 
_struct_mon_prot_cis.label_comp_id 
_struct_mon_prot_cis.label_seq_id 
_struct_mon_prot_cis.label_asym_id 
_struct_mon_prot_cis.label_alt_id 
_struct_mon_prot_cis.pdbx_PDB_ins_code 
_struct_mon_prot_cis.auth_comp_id 
_struct_mon_prot_cis.auth_seq_id 
_struct_mon_prot_cis.auth_asym_id 
_struct_mon_prot_cis.pdbx_label_comp_id_2 
_struct_mon_prot_cis.pdbx_label_seq_id_2 
_struct_mon_prot_cis.pdbx_label_asym_id_2 
_struct_mon_prot_cis.pdbx_PDB_ins_code_2 
_struct_mon_prot_cis.pdbx_auth_comp_id_2 
_struct_mon_prot_cis.pdbx_auth_seq_id_2 
_struct_mon_prot_cis.pdbx_auth_asym_id_2 
_struct_mon_prot_cis.pdbx_PDB_model_num 
_struct_mon_prot_cis.pdbx_omega_angle 
1 PRO 69 A . ? PRO 69 A PRO 70 A ? PRO 70 A 1 0.88  
2 GLU 94 A . ? GLU 94 A PRO 95 A ? PRO 95 A 1 -6.32 
# 
loop_
_struct_sheet.id 
_struct_sheet.type 
_struct_sheet.number_strands 
_struct_sheet.details 
AA1 ? 4 ? 
AA2 ? 4 ? 
# 
loop_
_struct_sheet_order.sheet_id 
_struct_sheet_order.range_id_1 
_struct_sheet_order.range_id_2 
_struct_sheet_order.offset 
_struct_sheet_order.sense 
AA1 1 2 ? anti-parallel 
AA1 2 3 ? anti-parallel 
AA1 3 4 ? anti-parallel 
AA2 1 2 ? anti-parallel 
AA2 2 3 ? anti-parallel 
AA2 3 4 ? anti-parallel 
# 
loop_
_struct_sheet_range.sheet_id 
_struct_sheet_range.id 
_struct_sheet_range.beg_label_comp_id 
_struct_sheet_range.beg_label_asym_id 
_struct_sheet_range.beg_label_seq_id 
_struct_sheet_range.pdbx_beg_PDB_ins_code 
_struct_sheet_range.end_label_comp_id 
_struct_sheet_range.end_label_asym_id 
_struct_sheet_range.end_label_seq_id 
_struct_sheet_range.pdbx_end_PDB_ins_code 
_struct_sheet_range.beg_auth_comp_id 
_struct_sheet_range.beg_auth_asym_id 
_struct_sheet_range.beg_auth_seq_id 
_struct_sheet_range.end_auth_comp_id 
_struct_sheet_range.end_auth_asym_id 
_struct_sheet_range.end_auth_seq_id 
AA1 1 TYR A 71  ? GLY A 77  ? TYR A 71  GLY A 77  
AA1 2 HIS A 30  ? ARG A 37  ? HIS A 30  ARG A 37  
AA1 3 VAL A 7   ? VAL A 19  ? VAL A 7   VAL A 19  
AA1 4 VAL A 114 ? PHE A 124 ? VAL A 114 PHE A 124 
AA2 1 LYS A 63  ? CYS A 66  ? LYS A 63  CYS A 66  
AA2 2 VAL A 48  ? HIS A 54  ? VAL A 48  HIS A 54  
AA2 3 PHE A 81  ? PHE A 89  ? PHE A 81  PHE A 89  
AA2 4 LYS A 97  ? LEU A 104 ? LYS A 97  LEU A 104 
# 
loop_
_pdbx_struct_sheet_hbond.sheet_id 
_pdbx_struct_sheet_hbond.range_id_1 
_pdbx_struct_sheet_hbond.range_id_2 
_pdbx_struct_sheet_hbond.range_1_label_atom_id 
_pdbx_struct_sheet_hbond.range_1_label_comp_id 
_pdbx_struct_sheet_hbond.range_1_label_asym_id 
_pdbx_struct_sheet_hbond.range_1_label_seq_id 
_pdbx_struct_sheet_hbond.range_1_PDB_ins_code 
_pdbx_struct_sheet_hbond.range_1_auth_atom_id 
_pdbx_struct_sheet_hbond.range_1_auth_comp_id 
_pdbx_struct_sheet_hbond.range_1_auth_asym_id 
_pdbx_struct_sheet_hbond.range_1_auth_seq_id 
_pdbx_struct_sheet_hbond.range_2_label_atom_id 
_pdbx_struct_sheet_hbond.range_2_label_comp_id 
_pdbx_struct_sheet_hbond.range_2_label_asym_id 
_pdbx_struct_sheet_hbond.range_2_label_seq_id 
_pdbx_struct_sheet_hbond.range_2_PDB_ins_code 
_pdbx_struct_sheet_hbond.range_2_auth_atom_id 
_pdbx_struct_sheet_hbond.range_2_auth_comp_id 
_pdbx_struct_sheet_hbond.range_2_auth_asym_id 
_pdbx_struct_sheet_hbond.range_2_auth_seq_id 
AA1 1 2 O GLU A 75 ? O GLU A 75 N TRP A 32  ? N TRP A 32  
AA1 2 3 O ARG A 37 ? O ARG A 37 N GLU A 12  ? N GLU A 12  
AA1 3 4 N LEU A 13 ? N LEU A 13 O ARG A 118 ? O ARG A 118 
AA2 1 2 O ARG A 64 ? O ARG A 64 N PHE A 53  ? N PHE A 53  
AA2 2 3 N VAL A 52 ? N VAL A 52 O GLU A 86  ? O GLU A 86  
AA2 3 4 N ILE A 85 ? N ILE A 85 O PHE A 100 ? O PHE A 100 
# 
loop_
_pdbx_validate_torsion.id 
_pdbx_validate_torsion.PDB_model_num 
_pdbx_validate_torsion.auth_comp_id 
_pdbx_validate_torsion.auth_asym_id 
_pdbx_validate_torsion.auth_seq_id 
_pdbx_validate_torsion.PDB_ins_code 
_pdbx_validate_torsion.label_alt_id 
_pdbx_validate_torsion.phi 
_pdbx_validate_torsion.psi 
1 1 HIS A 41  ? ? 85.01   1.01  
2 1 ASN A 115 ? ? -151.57 85.11 
# 
_pdbx_entry_details.entry_id                 8PJ7 
_pdbx_entry_details.nonpolymer_details       ? 
_pdbx_entry_details.sequence_details         ? 
_pdbx_entry_details.compound_details         ? 
_pdbx_entry_details.source_details           ? 
_pdbx_entry_details.has_ligand_of_interest   Y 
# 
loop_
_pdbx_unobs_or_zero_occ_residues.id 
_pdbx_unobs_or_zero_occ_residues.PDB_model_num 
_pdbx_unobs_or_zero_occ_residues.polymer_flag 
_pdbx_unobs_or_zero_occ_residues.occupancy_flag 
_pdbx_unobs_or_zero_occ_residues.auth_asym_id 
_pdbx_unobs_or_zero_occ_residues.auth_comp_id 
_pdbx_unobs_or_zero_occ_residues.auth_seq_id 
_pdbx_unobs_or_zero_occ_residues.PDB_ins_code 
_pdbx_unobs_or_zero_occ_residues.label_asym_id 
_pdbx_unobs_or_zero_occ_residues.label_comp_id 
_pdbx_unobs_or_zero_occ_residues.label_seq_id 
1  1 Y 1 A MET 1   ? A MET 1   
2  1 Y 1 A ALA 2   ? A ALA 2   
3  1 Y 1 A SER 3   ? A SER 3   
4  1 Y 1 A SER 4   ? A SER 4   
5  1 Y 1 A HIS 143 ? A HIS 143 
6  1 Y 1 A HIS 144 ? A HIS 144 
7  1 Y 1 A HIS 145 ? A HIS 145 
8  1 Y 1 A HIS 146 ? A HIS 146 
9  1 Y 1 A HIS 147 ? A HIS 147 
10 1 Y 1 A HIS 148 ? A HIS 148 
# 
loop_
_chem_comp_atom.comp_id 
_chem_comp_atom.atom_id 
_chem_comp_atom.type_symbol 
_chem_comp_atom.pdbx_aromatic_flag 
_chem_comp_atom.pdbx_stereo_config 
_chem_comp_atom.pdbx_ordinal 
ALA N    N N N 1   
ALA CA   C N S 2   
ALA C    C N N 3   
ALA O    O N N 4   
ALA CB   C N N 5   
ALA OXT  O N N 6   
ALA H    H N N 7   
ALA H2   H N N 8   
ALA HA   H N N 9   
ALA HB1  H N N 10  
ALA HB2  H N N 11  
ALA HB3  H N N 12  
ALA HXT  H N N 13  
ARG N    N N N 14  
ARG CA   C N S 15  
ARG C    C N N 16  
ARG O    O N N 17  
ARG CB   C N N 18  
ARG CG   C N N 19  
ARG CD   C N N 20  
ARG NE   N N N 21  
ARG CZ   C N N 22  
ARG NH1  N N N 23  
ARG NH2  N N N 24  
ARG OXT  O N N 25  
ARG H    H N N 26  
ARG H2   H N N 27  
ARG HA   H N N 28  
ARG HB2  H N N 29  
ARG HB3  H N N 30  
ARG HG2  H N N 31  
ARG HG3  H N N 32  
ARG HD2  H N N 33  
ARG HD3  H N N 34  
ARG HE   H N N 35  
ARG HH11 H N N 36  
ARG HH12 H N N 37  
ARG HH21 H N N 38  
ARG HH22 H N N 39  
ARG HXT  H N N 40  
ASN N    N N N 41  
ASN CA   C N S 42  
ASN C    C N N 43  
ASN O    O N N 44  
ASN CB   C N N 45  
ASN CG   C N N 46  
ASN OD1  O N N 47  
ASN ND2  N N N 48  
ASN OXT  O N N 49  
ASN H    H N N 50  
ASN H2   H N N 51  
ASN HA   H N N 52  
ASN HB2  H N N 53  
ASN HB3  H N N 54  
ASN HD21 H N N 55  
ASN HD22 H N N 56  
ASN HXT  H N N 57  
ASP N    N N N 58  
ASP CA   C N S 59  
ASP C    C N N 60  
ASP O    O N N 61  
ASP CB   C N N 62  
ASP CG   C N N 63  
ASP OD1  O N N 64  
ASP OD2  O N N 65  
ASP OXT  O N N 66  
ASP H    H N N 67  
ASP H2   H N N 68  
ASP HA   H N N 69  
ASP HB2  H N N 70  
ASP HB3  H N N 71  
ASP HD2  H N N 72  
ASP HXT  H N N 73  
CYS N    N N N 74  
CYS CA   C N R 75  
CYS C    C N N 76  
CYS O    O N N 77  
CYS CB   C N N 78  
CYS SG   S N N 79  
CYS OXT  O N N 80  
CYS H    H N N 81  
CYS H2   H N N 82  
CYS HA   H N N 83  
CYS HB2  H N N 84  
CYS HB3  H N N 85  
CYS HG   H N N 86  
CYS HXT  H N N 87  
DMS S    S N N 88  
DMS O    O N N 89  
DMS C1   C N N 90  
DMS C2   C N N 91  
DMS H11  H N N 92  
DMS H12  H N N 93  
DMS H13  H N N 94  
DMS H21  H N N 95  
DMS H22  H N N 96  
DMS H23  H N N 97  
EDO C1   C N N 98  
EDO O1   O N N 99  
EDO C2   C N N 100 
EDO O2   O N N 101 
EDO H11  H N N 102 
EDO H12  H N N 103 
EDO HO1  H N N 104 
EDO H21  H N N 105 
EDO H22  H N N 106 
EDO HO2  H N N 107 
GLN N    N N N 108 
GLN CA   C N S 109 
GLN C    C N N 110 
GLN O    O N N 111 
GLN CB   C N N 112 
GLN CG   C N N 113 
GLN CD   C N N 114 
GLN OE1  O N N 115 
GLN NE2  N N N 116 
GLN OXT  O N N 117 
GLN H    H N N 118 
GLN H2   H N N 119 
GLN HA   H N N 120 
GLN HB2  H N N 121 
GLN HB3  H N N 122 
GLN HG2  H N N 123 
GLN HG3  H N N 124 
GLN HE21 H N N 125 
GLN HE22 H N N 126 
GLN HXT  H N N 127 
GLU N    N N N 128 
GLU CA   C N S 129 
GLU C    C N N 130 
GLU O    O N N 131 
GLU CB   C N N 132 
GLU CG   C N N 133 
GLU CD   C N N 134 
GLU OE1  O N N 135 
GLU OE2  O N N 136 
GLU OXT  O N N 137 
GLU H    H N N 138 
GLU H2   H N N 139 
GLU HA   H N N 140 
GLU HB2  H N N 141 
GLU HB3  H N N 142 
GLU HG2  H N N 143 
GLU HG3  H N N 144 
GLU HE2  H N N 145 
GLU HXT  H N N 146 
GLY N    N N N 147 
GLY CA   C N N 148 
GLY C    C N N 149 
GLY O    O N N 150 
GLY OXT  O N N 151 
GLY H    H N N 152 
GLY H2   H N N 153 
GLY HA2  H N N 154 
GLY HA3  H N N 155 
GLY HXT  H N N 156 
HIS N    N N N 157 
HIS CA   C N S 158 
HIS C    C N N 159 
HIS O    O N N 160 
HIS CB   C N N 161 
HIS CG   C Y N 162 
HIS ND1  N Y N 163 
HIS CD2  C Y N 164 
HIS CE1  C Y N 165 
HIS NE2  N Y N 166 
HIS OXT  O N N 167 
HIS H    H N N 168 
HIS H2   H N N 169 
HIS HA   H N N 170 
HIS HB2  H N N 171 
HIS HB3  H N N 172 
HIS HD1  H N N 173 
HIS HD2  H N N 174 
HIS HE1  H N N 175 
HIS HE2  H N N 176 
HIS HXT  H N N 177 
HOH O    O N N 178 
HOH H1   H N N 179 
HOH H2   H N N 180 
ILE N    N N N 181 
ILE CA   C N S 182 
ILE C    C N N 183 
ILE O    O N N 184 
ILE CB   C N S 185 
ILE CG1  C N N 186 
ILE CG2  C N N 187 
ILE CD1  C N N 188 
ILE OXT  O N N 189 
ILE H    H N N 190 
ILE H2   H N N 191 
ILE HA   H N N 192 
ILE HB   H N N 193 
ILE HG12 H N N 194 
ILE HG13 H N N 195 
ILE HG21 H N N 196 
ILE HG22 H N N 197 
ILE HG23 H N N 198 
ILE HD11 H N N 199 
ILE HD12 H N N 200 
ILE HD13 H N N 201 
ILE HXT  H N N 202 
LEU N    N N N 203 
LEU CA   C N S 204 
LEU C    C N N 205 
LEU O    O N N 206 
LEU CB   C N N 207 
LEU CG   C N N 208 
LEU CD1  C N N 209 
LEU CD2  C N N 210 
LEU OXT  O N N 211 
LEU H    H N N 212 
LEU H2   H N N 213 
LEU HA   H N N 214 
LEU HB2  H N N 215 
LEU HB3  H N N 216 
LEU HG   H N N 217 
LEU HD11 H N N 218 
LEU HD12 H N N 219 
LEU HD13 H N N 220 
LEU HD21 H N N 221 
LEU HD22 H N N 222 
LEU HD23 H N N 223 
LEU HXT  H N N 224 
LYS N    N N N 225 
LYS CA   C N S 226 
LYS C    C N N 227 
LYS O    O N N 228 
LYS CB   C N N 229 
LYS CG   C N N 230 
LYS CD   C N N 231 
LYS CE   C N N 232 
LYS NZ   N N N 233 
LYS OXT  O N N 234 
LYS H    H N N 235 
LYS H2   H N N 236 
LYS HA   H N N 237 
LYS HB2  H N N 238 
LYS HB3  H N N 239 
LYS HG2  H N N 240 
LYS HG3  H N N 241 
LYS HD2  H N N 242 
LYS HD3  H N N 243 
LYS HE2  H N N 244 
LYS HE3  H N N 245 
LYS HZ1  H N N 246 
LYS HZ2  H N N 247 
LYS HZ3  H N N 248 
LYS HXT  H N N 249 
MET N    N N N 250 
MET CA   C N S 251 
MET C    C N N 252 
MET O    O N N 253 
MET CB   C N N 254 
MET CG   C N N 255 
MET SD   S N N 256 
MET CE   C N N 257 
MET OXT  O N N 258 
MET H    H N N 259 
MET H2   H N N 260 
MET HA   H N N 261 
MET HB2  H N N 262 
MET HB3  H N N 263 
MET HG2  H N N 264 
MET HG3  H N N 265 
MET HE1  H N N 266 
MET HE2  H N N 267 
MET HE3  H N N 268 
MET HXT  H N N 269 
PHE N    N N N 270 
PHE CA   C N S 271 
PHE C    C N N 272 
PHE O    O N N 273 
PHE CB   C N N 274 
PHE CG   C Y N 275 
PHE CD1  C Y N 276 
PHE CD2  C Y N 277 
PHE CE1  C Y N 278 
PHE CE2  C Y N 279 
PHE CZ   C Y N 280 
PHE OXT  O N N 281 
PHE H    H N N 282 
PHE H2   H N N 283 
PHE HA   H N N 284 
PHE HB2  H N N 285 
PHE HB3  H N N 286 
PHE HD1  H N N 287 
PHE HD2  H N N 288 
PHE HE1  H N N 289 
PHE HE2  H N N 290 
PHE HZ   H N N 291 
PHE HXT  H N N 292 
PO4 P    P N N 293 
PO4 O1   O N N 294 
PO4 O2   O N N 295 
PO4 O3   O N N 296 
PO4 O4   O N N 297 
PRO N    N N N 298 
PRO CA   C N S 299 
PRO C    C N N 300 
PRO O    O N N 301 
PRO CB   C N N 302 
PRO CG   C N N 303 
PRO CD   C N N 304 
PRO OXT  O N N 305 
PRO H    H N N 306 
PRO HA   H N N 307 
PRO HB2  H N N 308 
PRO HB3  H N N 309 
PRO HG2  H N N 310 
PRO HG3  H N N 311 
PRO HD2  H N N 312 
PRO HD3  H N N 313 
PRO HXT  H N N 314 
SER N    N N N 315 
SER CA   C N S 316 
SER C    C N N 317 
SER O    O N N 318 
SER CB   C N N 319 
SER OG   O N N 320 
SER OXT  O N N 321 
SER H    H N N 322 
SER H2   H N N 323 
SER HA   H N N 324 
SER HB2  H N N 325 
SER HB3  H N N 326 
SER HG   H N N 327 
SER HXT  H N N 328 
THR N    N N N 329 
THR CA   C N S 330 
THR C    C N N 331 
THR O    O N N 332 
THR CB   C N R 333 
THR OG1  O N N 334 
THR CG2  C N N 335 
THR OXT  O N N 336 
THR H    H N N 337 
THR H2   H N N 338 
THR HA   H N N 339 
THR HB   H N N 340 
THR HG1  H N N 341 
THR HG21 H N N 342 
THR HG22 H N N 343 
THR HG23 H N N 344 
THR HXT  H N N 345 
TRP N    N N N 346 
TRP CA   C N S 347 
TRP C    C N N 348 
TRP O    O N N 349 
TRP CB   C N N 350 
TRP CG   C Y N 351 
TRP CD1  C Y N 352 
TRP CD2  C Y N 353 
TRP NE1  N Y N 354 
TRP CE2  C Y N 355 
TRP CE3  C Y N 356 
TRP CZ2  C Y N 357 
TRP CZ3  C Y N 358 
TRP CH2  C Y N 359 
TRP OXT  O N N 360 
TRP H    H N N 361 
TRP H2   H N N 362 
TRP HA   H N N 363 
TRP HB2  H N N 364 
TRP HB3  H N N 365 
TRP HD1  H N N 366 
TRP HE1  H N N 367 
TRP HE3  H N N 368 
TRP HZ2  H N N 369 
TRP HZ3  H N N 370 
TRP HH2  H N N 371 
TRP HXT  H N N 372 
TYR N    N N N 373 
TYR CA   C N S 374 
TYR C    C N N 375 
TYR O    O N N 376 
TYR CB   C N N 377 
TYR CG   C Y N 378 
TYR CD1  C Y N 379 
TYR CD2  C Y N 380 
TYR CE1  C Y N 381 
TYR CE2  C Y N 382 
TYR CZ   C Y N 383 
TYR OH   O N N 384 
TYR OXT  O N N 385 
TYR H    H N N 386 
TYR H2   H N N 387 
TYR HA   H N N 388 
TYR HB2  H N N 389 
TYR HB3  H N N 390 
TYR HD1  H N N 391 
TYR HD2  H N N 392 
TYR HE1  H N N 393 
TYR HE2  H N N 394 
TYR HH   H N N 395 
TYR HXT  H N N 396 
VAL N    N N N 397 
VAL CA   C N S 398 
VAL C    C N N 399 
VAL O    O N N 400 
VAL CB   C N N 401 
VAL CG1  C N N 402 
VAL CG2  C N N 403 
VAL OXT  O N N 404 
VAL H    H N N 405 
VAL H2   H N N 406 
VAL HA   H N N 407 
VAL HB   H N N 408 
VAL HG11 H N N 409 
VAL HG12 H N N 410 
VAL HG13 H N N 411 
VAL HG21 H N N 412 
VAL HG22 H N N 413 
VAL HG23 H N N 414 
VAL HXT  H N N 415 
ZJ9 CBC  C N N 416 
ZJ9 CBB  C N N 417 
ZJ9 CBA  C Y N 418 
ZJ9 CAZ  C Y N 419 
ZJ9 CAY  C Y N 420 
ZJ9 CAX  C Y N 421 
ZJ9 CAW  C Y N 422 
ZJ9 CAV  C Y N 423 
ZJ9 CAU  C N R 424 
ZJ9 NAT  N N N 425 
ZJ9 CAB  C N N 426 
ZJ9 OAA  O N N 427 
ZJ9 CAC  C Y N 428 
ZJ9 CAS  C Y N 429 
ZJ9 NAD  N Y N 430 
ZJ9 OAE  O Y N 431 
ZJ9 CAF  C Y N 432 
ZJ9 CAG  C Y N 433 
ZJ9 CAH  C Y N 434 
ZJ9 CAI  C Y N 435 
ZJ9 OAJ  O N N 436 
ZJ9 CAK  C Y N 437 
ZJ9 CAL  C Y N 438 
ZJ9 CAM  C Y N 439 
ZJ9 CAN  C N N 440 
ZJ9 OAR  O N N 441 
ZJ9 NAO  N N N 442 
ZJ9 CAQ  C N N 443 
ZJ9 CAP  C N N 444 
ZJ9 H1   H N N 445 
ZJ9 H2   H N N 446 
ZJ9 H3   H N N 447 
ZJ9 H4   H N N 448 
ZJ9 H5   H N N 449 
ZJ9 H6   H N N 450 
ZJ9 H7   H N N 451 
ZJ9 H8   H N N 452 
ZJ9 H9   H N N 453 
ZJ9 H10  H N N 454 
ZJ9 H11  H N N 455 
ZJ9 H12  H N N 456 
ZJ9 H13  H N N 457 
ZJ9 H14  H N N 458 
ZJ9 H15  H N N 459 
ZJ9 H16  H N N 460 
ZJ9 H17  H N N 461 
ZJ9 H18  H N N 462 
ZJ9 H19  H N N 463 
ZJ9 H20  H N N 464 
ZJ9 H21  H N N 465 
# 
loop_
_chem_comp_bond.comp_id 
_chem_comp_bond.atom_id_1 
_chem_comp_bond.atom_id_2 
_chem_comp_bond.value_order 
_chem_comp_bond.pdbx_aromatic_flag 
_chem_comp_bond.pdbx_stereo_config 
_chem_comp_bond.pdbx_ordinal 
ALA N   CA   sing N N 1   
ALA N   H    sing N N 2   
ALA N   H2   sing N N 3   
ALA CA  C    sing N N 4   
ALA CA  CB   sing N N 5   
ALA CA  HA   sing N N 6   
ALA C   O    doub N N 7   
ALA C   OXT  sing N N 8   
ALA CB  HB1  sing N N 9   
ALA CB  HB2  sing N N 10  
ALA CB  HB3  sing N N 11  
ALA OXT HXT  sing N N 12  
ARG N   CA   sing N N 13  
ARG N   H    sing N N 14  
ARG N   H2   sing N N 15  
ARG CA  C    sing N N 16  
ARG CA  CB   sing N N 17  
ARG CA  HA   sing N N 18  
ARG C   O    doub N N 19  
ARG C   OXT  sing N N 20  
ARG CB  CG   sing N N 21  
ARG CB  HB2  sing N N 22  
ARG CB  HB3  sing N N 23  
ARG CG  CD   sing N N 24  
ARG CG  HG2  sing N N 25  
ARG CG  HG3  sing N N 26  
ARG CD  NE   sing N N 27  
ARG CD  HD2  sing N N 28  
ARG CD  HD3  sing N N 29  
ARG NE  CZ   sing N N 30  
ARG NE  HE   sing N N 31  
ARG CZ  NH1  sing N N 32  
ARG CZ  NH2  doub N N 33  
ARG NH1 HH11 sing N N 34  
ARG NH1 HH12 sing N N 35  
ARG NH2 HH21 sing N N 36  
ARG NH2 HH22 sing N N 37  
ARG OXT HXT  sing N N 38  
ASN N   CA   sing N N 39  
ASN N   H    sing N N 40  
ASN N   H2   sing N N 41  
ASN CA  C    sing N N 42  
ASN CA  CB   sing N N 43  
ASN CA  HA   sing N N 44  
ASN C   O    doub N N 45  
ASN C   OXT  sing N N 46  
ASN CB  CG   sing N N 47  
ASN CB  HB2  sing N N 48  
ASN CB  HB3  sing N N 49  
ASN CG  OD1  doub N N 50  
ASN CG  ND2  sing N N 51  
ASN ND2 HD21 sing N N 52  
ASN ND2 HD22 sing N N 53  
ASN OXT HXT  sing N N 54  
ASP N   CA   sing N N 55  
ASP N   H    sing N N 56  
ASP N   H2   sing N N 57  
ASP CA  C    sing N N 58  
ASP CA  CB   sing N N 59  
ASP CA  HA   sing N N 60  
ASP C   O    doub N N 61  
ASP C   OXT  sing N N 62  
ASP CB  CG   sing N N 63  
ASP CB  HB2  sing N N 64  
ASP CB  HB3  sing N N 65  
ASP CG  OD1  doub N N 66  
ASP CG  OD2  sing N N 67  
ASP OD2 HD2  sing N N 68  
ASP OXT HXT  sing N N 69  
CYS N   CA   sing N N 70  
CYS N   H    sing N N 71  
CYS N   H2   sing N N 72  
CYS CA  C    sing N N 73  
CYS CA  CB   sing N N 74  
CYS CA  HA   sing N N 75  
CYS C   O    doub N N 76  
CYS C   OXT  sing N N 77  
CYS CB  SG   sing N N 78  
CYS CB  HB2  sing N N 79  
CYS CB  HB3  sing N N 80  
CYS SG  HG   sing N N 81  
CYS OXT HXT  sing N N 82  
DMS S   O    doub N N 83  
DMS S   C1   sing N N 84  
DMS S   C2   sing N N 85  
DMS C1  H11  sing N N 86  
DMS C1  H12  sing N N 87  
DMS C1  H13  sing N N 88  
DMS C2  H21  sing N N 89  
DMS C2  H22  sing N N 90  
DMS C2  H23  sing N N 91  
EDO C1  O1   sing N N 92  
EDO C1  C2   sing N N 93  
EDO C1  H11  sing N N 94  
EDO C1  H12  sing N N 95  
EDO O1  HO1  sing N N 96  
EDO C2  O2   sing N N 97  
EDO C2  H21  sing N N 98  
EDO C2  H22  sing N N 99  
EDO O2  HO2  sing N N 100 
GLN N   CA   sing N N 101 
GLN N   H    sing N N 102 
GLN N   H2   sing N N 103 
GLN CA  C    sing N N 104 
GLN CA  CB   sing N N 105 
GLN CA  HA   sing N N 106 
GLN C   O    doub N N 107 
GLN C   OXT  sing N N 108 
GLN CB  CG   sing N N 109 
GLN CB  HB2  sing N N 110 
GLN CB  HB3  sing N N 111 
GLN CG  CD   sing N N 112 
GLN CG  HG2  sing N N 113 
GLN CG  HG3  sing N N 114 
GLN CD  OE1  doub N N 115 
GLN CD  NE2  sing N N 116 
GLN NE2 HE21 sing N N 117 
GLN NE2 HE22 sing N N 118 
GLN OXT HXT  sing N N 119 
GLU N   CA   sing N N 120 
GLU N   H    sing N N 121 
GLU N   H2   sing N N 122 
GLU CA  C    sing N N 123 
GLU CA  CB   sing N N 124 
GLU CA  HA   sing N N 125 
GLU C   O    doub N N 126 
GLU C   OXT  sing N N 127 
GLU CB  CG   sing N N 128 
GLU CB  HB2  sing N N 129 
GLU CB  HB3  sing N N 130 
GLU CG  CD   sing N N 131 
GLU CG  HG2  sing N N 132 
GLU CG  HG3  sing N N 133 
GLU CD  OE1  doub N N 134 
GLU CD  OE2  sing N N 135 
GLU OE2 HE2  sing N N 136 
GLU OXT HXT  sing N N 137 
GLY N   CA   sing N N 138 
GLY N   H    sing N N 139 
GLY N   H2   sing N N 140 
GLY CA  C    sing N N 141 
GLY CA  HA2  sing N N 142 
GLY CA  HA3  sing N N 143 
GLY C   O    doub N N 144 
GLY C   OXT  sing N N 145 
GLY OXT HXT  sing N N 146 
HIS N   CA   sing N N 147 
HIS N   H    sing N N 148 
HIS N   H2   sing N N 149 
HIS CA  C    sing N N 150 
HIS CA  CB   sing N N 151 
HIS CA  HA   sing N N 152 
HIS C   O    doub N N 153 
HIS C   OXT  sing N N 154 
HIS CB  CG   sing N N 155 
HIS CB  HB2  sing N N 156 
HIS CB  HB3  sing N N 157 
HIS CG  ND1  sing Y N 158 
HIS CG  CD2  doub Y N 159 
HIS ND1 CE1  doub Y N 160 
HIS ND1 HD1  sing N N 161 
HIS CD2 NE2  sing Y N 162 
HIS CD2 HD2  sing N N 163 
HIS CE1 NE2  sing Y N 164 
HIS CE1 HE1  sing N N 165 
HIS NE2 HE2  sing N N 166 
HIS OXT HXT  sing N N 167 
HOH O   H1   sing N N 168 
HOH O   H2   sing N N 169 
ILE N   CA   sing N N 170 
ILE N   H    sing N N 171 
ILE N   H2   sing N N 172 
ILE CA  C    sing N N 173 
ILE CA  CB   sing N N 174 
ILE CA  HA   sing N N 175 
ILE C   O    doub N N 176 
ILE C   OXT  sing N N 177 
ILE CB  CG1  sing N N 178 
ILE CB  CG2  sing N N 179 
ILE CB  HB   sing N N 180 
ILE CG1 CD1  sing N N 181 
ILE CG1 HG12 sing N N 182 
ILE CG1 HG13 sing N N 183 
ILE CG2 HG21 sing N N 184 
ILE CG2 HG22 sing N N 185 
ILE CG2 HG23 sing N N 186 
ILE CD1 HD11 sing N N 187 
ILE CD1 HD12 sing N N 188 
ILE CD1 HD13 sing N N 189 
ILE OXT HXT  sing N N 190 
LEU N   CA   sing N N 191 
LEU N   H    sing N N 192 
LEU N   H2   sing N N 193 
LEU CA  C    sing N N 194 
LEU CA  CB   sing N N 195 
LEU CA  HA   sing N N 196 
LEU C   O    doub N N 197 
LEU C   OXT  sing N N 198 
LEU CB  CG   sing N N 199 
LEU CB  HB2  sing N N 200 
LEU CB  HB3  sing N N 201 
LEU CG  CD1  sing N N 202 
LEU CG  CD2  sing N N 203 
LEU CG  HG   sing N N 204 
LEU CD1 HD11 sing N N 205 
LEU CD1 HD12 sing N N 206 
LEU CD1 HD13 sing N N 207 
LEU CD2 HD21 sing N N 208 
LEU CD2 HD22 sing N N 209 
LEU CD2 HD23 sing N N 210 
LEU OXT HXT  sing N N 211 
LYS N   CA   sing N N 212 
LYS N   H    sing N N 213 
LYS N   H2   sing N N 214 
LYS CA  C    sing N N 215 
LYS CA  CB   sing N N 216 
LYS CA  HA   sing N N 217 
LYS C   O    doub N N 218 
LYS C   OXT  sing N N 219 
LYS CB  CG   sing N N 220 
LYS CB  HB2  sing N N 221 
LYS CB  HB3  sing N N 222 
LYS CG  CD   sing N N 223 
LYS CG  HG2  sing N N 224 
LYS CG  HG3  sing N N 225 
LYS CD  CE   sing N N 226 
LYS CD  HD2  sing N N 227 
LYS CD  HD3  sing N N 228 
LYS CE  NZ   sing N N 229 
LYS CE  HE2  sing N N 230 
LYS CE  HE3  sing N N 231 
LYS NZ  HZ1  sing N N 232 
LYS NZ  HZ2  sing N N 233 
LYS NZ  HZ3  sing N N 234 
LYS OXT HXT  sing N N 235 
MET N   CA   sing N N 236 
MET N   H    sing N N 237 
MET N   H2   sing N N 238 
MET CA  C    sing N N 239 
MET CA  CB   sing N N 240 
MET CA  HA   sing N N 241 
MET C   O    doub N N 242 
MET C   OXT  sing N N 243 
MET CB  CG   sing N N 244 
MET CB  HB2  sing N N 245 
MET CB  HB3  sing N N 246 
MET CG  SD   sing N N 247 
MET CG  HG2  sing N N 248 
MET CG  HG3  sing N N 249 
MET SD  CE   sing N N 250 
MET CE  HE1  sing N N 251 
MET CE  HE2  sing N N 252 
MET CE  HE3  sing N N 253 
MET OXT HXT  sing N N 254 
PHE N   CA   sing N N 255 
PHE N   H    sing N N 256 
PHE N   H2   sing N N 257 
PHE CA  C    sing N N 258 
PHE CA  CB   sing N N 259 
PHE CA  HA   sing N N 260 
PHE C   O    doub N N 261 
PHE C   OXT  sing N N 262 
PHE CB  CG   sing N N 263 
PHE CB  HB2  sing N N 264 
PHE CB  HB3  sing N N 265 
PHE CG  CD1  doub Y N 266 
PHE CG  CD2  sing Y N 267 
PHE CD1 CE1  sing Y N 268 
PHE CD1 HD1  sing N N 269 
PHE CD2 CE2  doub Y N 270 
PHE CD2 HD2  sing N N 271 
PHE CE1 CZ   doub Y N 272 
PHE CE1 HE1  sing N N 273 
PHE CE2 CZ   sing Y N 274 
PHE CE2 HE2  sing N N 275 
PHE CZ  HZ   sing N N 276 
PHE OXT HXT  sing N N 277 
PO4 P   O1   doub N N 278 
PO4 P   O2   sing N N 279 
PO4 P   O3   sing N N 280 
PO4 P   O4   sing N N 281 
PRO N   CA   sing N N 282 
PRO N   CD   sing N N 283 
PRO N   H    sing N N 284 
PRO CA  C    sing N N 285 
PRO CA  CB   sing N N 286 
PRO CA  HA   sing N N 287 
PRO C   O    doub N N 288 
PRO C   OXT  sing N N 289 
PRO CB  CG   sing N N 290 
PRO CB  HB2  sing N N 291 
PRO CB  HB3  sing N N 292 
PRO CG  CD   sing N N 293 
PRO CG  HG2  sing N N 294 
PRO CG  HG3  sing N N 295 
PRO CD  HD2  sing N N 296 
PRO CD  HD3  sing N N 297 
PRO OXT HXT  sing N N 298 
SER N   CA   sing N N 299 
SER N   H    sing N N 300 
SER N   H2   sing N N 301 
SER CA  C    sing N N 302 
SER CA  CB   sing N N 303 
SER CA  HA   sing N N 304 
SER C   O    doub N N 305 
SER C   OXT  sing N N 306 
SER CB  OG   sing N N 307 
SER CB  HB2  sing N N 308 
SER CB  HB3  sing N N 309 
SER OG  HG   sing N N 310 
SER OXT HXT  sing N N 311 
THR N   CA   sing N N 312 
THR N   H    sing N N 313 
THR N   H2   sing N N 314 
THR CA  C    sing N N 315 
THR CA  CB   sing N N 316 
THR CA  HA   sing N N 317 
THR C   O    doub N N 318 
THR C   OXT  sing N N 319 
THR CB  OG1  sing N N 320 
THR CB  CG2  sing N N 321 
THR CB  HB   sing N N 322 
THR OG1 HG1  sing N N 323 
THR CG2 HG21 sing N N 324 
THR CG2 HG22 sing N N 325 
THR CG2 HG23 sing N N 326 
THR OXT HXT  sing N N 327 
TRP N   CA   sing N N 328 
TRP N   H    sing N N 329 
TRP N   H2   sing N N 330 
TRP CA  C    sing N N 331 
TRP CA  CB   sing N N 332 
TRP CA  HA   sing N N 333 
TRP C   O    doub N N 334 
TRP C   OXT  sing N N 335 
TRP CB  CG   sing N N 336 
TRP CB  HB2  sing N N 337 
TRP CB  HB3  sing N N 338 
TRP CG  CD1  doub Y N 339 
TRP CG  CD2  sing Y N 340 
TRP CD1 NE1  sing Y N 341 
TRP CD1 HD1  sing N N 342 
TRP CD2 CE2  doub Y N 343 
TRP CD2 CE3  sing Y N 344 
TRP NE1 CE2  sing Y N 345 
TRP NE1 HE1  sing N N 346 
TRP CE2 CZ2  sing Y N 347 
TRP CE3 CZ3  doub Y N 348 
TRP CE3 HE3  sing N N 349 
TRP CZ2 CH2  doub Y N 350 
TRP CZ2 HZ2  sing N N 351 
TRP CZ3 CH2  sing Y N 352 
TRP CZ3 HZ3  sing N N 353 
TRP CH2 HH2  sing N N 354 
TRP OXT HXT  sing N N 355 
TYR N   CA   sing N N 356 
TYR N   H    sing N N 357 
TYR N   H2   sing N N 358 
TYR CA  C    sing N N 359 
TYR CA  CB   sing N N 360 
TYR CA  HA   sing N N 361 
TYR C   O    doub N N 362 
TYR C   OXT  sing N N 363 
TYR CB  CG   sing N N 364 
TYR CB  HB2  sing N N 365 
TYR CB  HB3  sing N N 366 
TYR CG  CD1  doub Y N 367 
TYR CG  CD2  sing Y N 368 
TYR CD1 CE1  sing Y N 369 
TYR CD1 HD1  sing N N 370 
TYR CD2 CE2  doub Y N 371 
TYR CD2 HD2  sing N N 372 
TYR CE1 CZ   doub Y N 373 
TYR CE1 HE1  sing N N 374 
TYR CE2 CZ   sing Y N 375 
TYR CE2 HE2  sing N N 376 
TYR CZ  OH   sing N N 377 
TYR OH  HH   sing N N 378 
TYR OXT HXT  sing N N 379 
VAL N   CA   sing N N 380 
VAL N   H    sing N N 381 
VAL N   H2   sing N N 382 
VAL CA  C    sing N N 383 
VAL CA  CB   sing N N 384 
VAL CA  HA   sing N N 385 
VAL C   O    doub N N 386 
VAL C   OXT  sing N N 387 
VAL CB  CG1  sing N N 388 
VAL CB  CG2  sing N N 389 
VAL CB  HB   sing N N 390 
VAL CG1 HG11 sing N N 391 
VAL CG1 HG12 sing N N 392 
VAL CG1 HG13 sing N N 393 
VAL CG2 HG21 sing N N 394 
VAL CG2 HG22 sing N N 395 
VAL CG2 HG23 sing N N 396 
VAL OXT HXT  sing N N 397 
ZJ9 CAP NAO  sing N N 398 
ZJ9 OAR CAN  doub N N 399 
ZJ9 NAO CAN  sing N N 400 
ZJ9 NAO CAQ  sing N N 401 
ZJ9 CAN CAM  sing N N 402 
ZJ9 CAL CAM  doub Y N 403 
ZJ9 CAL CAK  sing Y N 404 
ZJ9 CAM CAI  sing Y N 405 
ZJ9 CAK CAG  doub Y N 406 
ZJ9 CAI OAJ  sing N N 407 
ZJ9 CAI CAH  doub Y N 408 
ZJ9 CAG CAH  sing Y N 409 
ZJ9 CAG CAF  sing N N 410 
ZJ9 OAE CAF  sing Y N 411 
ZJ9 OAE NAD  sing Y N 412 
ZJ9 CAF CAS  doub Y N 413 
ZJ9 NAD CAC  doub Y N 414 
ZJ9 CAS CAC  sing Y N 415 
ZJ9 CAC CAB  sing N N 416 
ZJ9 CAB NAT  sing N N 417 
ZJ9 CAB OAA  doub N N 418 
ZJ9 NAT CAU  sing N N 419 
ZJ9 CAW CAX  doub Y N 420 
ZJ9 CAW CAV  sing Y N 421 
ZJ9 CAX CAY  sing Y N 422 
ZJ9 CAU CAV  sing N N 423 
ZJ9 CAU CBC  sing N N 424 
ZJ9 CAV CBA  doub Y N 425 
ZJ9 CAY CAZ  doub Y N 426 
ZJ9 CBC CBB  sing N N 427 
ZJ9 CBA CAZ  sing Y N 428 
ZJ9 CBA CBB  sing N N 429 
ZJ9 CBC H1   sing N N 430 
ZJ9 CBC H2   sing N N 431 
ZJ9 CBB H3   sing N N 432 
ZJ9 CBB H4   sing N N 433 
ZJ9 CAZ H5   sing N N 434 
ZJ9 CAY H6   sing N N 435 
ZJ9 CAX H7   sing N N 436 
ZJ9 CAW H8   sing N N 437 
ZJ9 CAU H9   sing N N 438 
ZJ9 NAT H10  sing N N 439 
ZJ9 CAS H11  sing N N 440 
ZJ9 CAH H12  sing N N 441 
ZJ9 OAJ H13  sing N N 442 
ZJ9 CAK H14  sing N N 443 
ZJ9 CAL H15  sing N N 444 
ZJ9 CAQ H16  sing N N 445 
ZJ9 CAQ H17  sing N N 446 
ZJ9 CAQ H18  sing N N 447 
ZJ9 CAP H19  sing N N 448 
ZJ9 CAP H20  sing N N 449 
ZJ9 CAP H21  sing N N 450 
# 
_pdbx_audit_support.funding_organization   'Innovative Medicines Initiative' 
_pdbx_audit_support.country                Switzerland 
_pdbx_audit_support.grant_number           875510 
_pdbx_audit_support.ordinal                1 
# 
_pdbx_entity_instance_feature.ordinal        1 
_pdbx_entity_instance_feature.comp_id        ZJ9 
_pdbx_entity_instance_feature.asym_id        ? 
_pdbx_entity_instance_feature.seq_num        ? 
_pdbx_entity_instance_feature.auth_comp_id   ZJ9 
_pdbx_entity_instance_feature.auth_asym_id   ? 
_pdbx_entity_instance_feature.auth_seq_num   ? 
_pdbx_entity_instance_feature.feature_type   'SUBJECT OF INVESTIGATION' 
_pdbx_entity_instance_feature.details        ? 
# 
_pdbx_initial_refinement_model.id               1 
_pdbx_initial_refinement_model.entity_id_list   ? 
_pdbx_initial_refinement_model.type             'experimental model' 
_pdbx_initial_refinement_model.source_name      Other 
_pdbx_initial_refinement_model.accession_code   ? 
_pdbx_initial_refinement_model.details          'model generated from apo form crystal' 
# 
_atom_sites.entry_id                    8PJ7 
_atom_sites.Cartn_transf_matrix[1][1]   ? 
_atom_sites.Cartn_transf_matrix[1][2]   ? 
_atom_sites.Cartn_transf_matrix[1][3]   ? 
_atom_sites.Cartn_transf_matrix[2][1]   ? 
_atom_sites.Cartn_transf_matrix[2][2]   ? 
_atom_sites.Cartn_transf_matrix[2][3]   ? 
_atom_sites.Cartn_transf_matrix[3][1]   ? 
_atom_sites.Cartn_transf_matrix[3][2]   ? 
_atom_sites.Cartn_transf_matrix[3][3]   ? 
_atom_sites.Cartn_transf_vector[1]      ? 
_atom_sites.Cartn_transf_vector[2]      ? 
_atom_sites.Cartn_transf_vector[3]      ? 
_atom_sites.fract_transf_matrix[1][1]   -0.00474890 
_atom_sites.fract_transf_matrix[1][2]   -0.01730594 
_atom_sites.fract_transf_matrix[1][3]   -0.00915938 
_atom_sites.fract_transf_matrix[2][1]   0.01691108 
_atom_sites.fract_transf_matrix[2][2]   0.00112551 
_atom_sites.fract_transf_matrix[2][3]   -0.01089451 
_atom_sites.fract_transf_matrix[3][1]   0.00400057 
_atom_sites.fract_transf_matrix[3][2]   -0.00415716 
_atom_sites.fract_transf_matrix[3][3]   0.00578043 
_atom_sites.fract_transf_vector[1]      -0.071400 
_atom_sites.fract_transf_vector[2]      -0.003866 
_atom_sites.fract_transf_vector[3]      -0.099422 
_atom_sites.solution_primary            ? 
_atom_sites.solution_secondary          ? 
_atom_sites.solution_hydrogens          ? 
_atom_sites.special_details             ? 
# 
loop_
_atom_type.symbol 
C 
N 
O 
P 
S 
# 
loop_
_atom_site.group_PDB 
_atom_site.id 
_atom_site.type_symbol 
_atom_site.label_atom_id 
_atom_site.label_alt_id 
_atom_site.label_comp_id 
_atom_site.label_asym_id 
_atom_site.label_entity_id 
_atom_site.label_seq_id 
_atom_site.pdbx_PDB_ins_code 
_atom_site.Cartn_x 
_atom_site.Cartn_y 
_atom_site.Cartn_z 
_atom_site.occupancy 
_atom_site.B_iso_or_equiv 
_atom_site.pdbx_formal_charge 
_atom_site.auth_seq_id 
_atom_site.auth_comp_id 
_atom_site.auth_asym_id 
_atom_site.auth_atom_id 
_atom_site.pdbx_PDB_model_num 
ATOM   1    N N   . CYS A 1 5   ? 17.462  18.635  9.126   1.00 42.86 ? 5   CYS A N   1 
ATOM   2    C CA  . CYS A 1 5   ? 16.239  19.244  8.591   1.00 39.37 ? 5   CYS A CA  1 
ATOM   3    C C   . CYS A 1 5   ? 15.285  18.156  8.069   1.00 33.80 ? 5   CYS A C   1 
ATOM   4    O O   . CYS A 1 5   ? 14.264  18.523  7.488   1.00 36.17 ? 5   CYS A O   1 
ATOM   5    C CB  . CYS A 1 5   ? 16.578  20.218  7.472   1.00 44.78 ? 5   CYS A CB  1 
ATOM   6    S SG  . CYS A 1 5   ? 17.125  21.831  8.091   1.00 61.80 ? 5   CYS A SG  1 
ATOM   7    N N   . ALA A 1 6   ? 15.554  16.883  8.343   1.00 28.05 ? 6   ALA A N   1 
ATOM   8    C CA  . ALA A 1 6   ? 14.791  15.738  7.775   1.00 26.62 ? 6   ALA A CA  1 
ATOM   9    C C   . ALA A 1 6   ? 13.507  15.508  8.572   1.00 24.44 ? 6   ALA A C   1 
ATOM   10   O O   . ALA A 1 6   ? 13.472  15.816  9.755   1.00 25.62 ? 6   ALA A O   1 
ATOM   11   C CB  . ALA A 1 6   ? 15.632  14.488  7.738   1.00 24.77 ? 6   ALA A CB  1 
ATOM   12   N N   . VAL A 1 7   ? 12.467  15.007  7.898   1.00 20.92 ? 7   VAL A N   1 
ATOM   13   C CA  . VAL A 1 7   ? 11.229  14.508  8.534   1.00 18.56 ? 7   VAL A CA  1 
ATOM   14   C C   . VAL A 1 7   ? 11.053  13.052  8.112   1.00 17.39 ? 7   VAL A C   1 
ATOM   15   O O   . VAL A 1 7   ? 11.139  12.760  6.929   1.00 18.81 ? 7   VAL A O   1 
ATOM   16   C CB  . VAL A 1 7   ? 10.009  15.360  8.169   1.00 19.25 ? 7   VAL A CB  1 
ATOM   17   C CG1 . VAL A 1 7   ? 8.766   14.829  8.847   1.00 20.10 ? 7   VAL A CG1 1 
ATOM   18   C CG2 . VAL A 1 7   ? 10.234  16.823  8.559   1.00 20.23 ? 7   VAL A CG2 1 
ATOM   19   N N   A GLN A 1 8   ? 10.785  12.195  9.083   0.50 18.53 ? 8   GLN A N   1 
ATOM   20   N N   B GLN A 1 8   ? 10.882  12.150  9.069   0.50 17.62 ? 8   GLN A N   1 
ATOM   21   C CA  A GLN A 1 8   ? 10.573  10.747  8.877   0.50 19.26 ? 8   GLN A CA  1 
ATOM   22   C CA  B GLN A 1 8   ? 10.600  10.722  8.774   0.50 17.45 ? 8   GLN A CA  1 
ATOM   23   C C   A GLN A 1 8   ? 9.091   10.434  9.050   0.50 17.98 ? 8   GLN A C   1 
ATOM   24   C C   B GLN A 1 8   ? 9.123   10.433  9.029   0.50 17.14 ? 8   GLN A C   1 
ATOM   25   O O   A GLN A 1 8   ? 8.460   10.925  10.022  0.50 17.74 ? 8   GLN A O   1 
ATOM   26   O O   B GLN A 1 8   ? 8.533   10.930  10.021  0.50 17.63 ? 8   GLN A O   1 
ATOM   27   C CB  A GLN A 1 8   ? 11.386  9.968   9.902   0.50 21.49 ? 8   GLN A CB  1 
ATOM   28   C CB  B GLN A 1 8   ? 11.458  9.776   9.612   0.50 18.16 ? 8   GLN A CB  1 
ATOM   29   C CG  A GLN A 1 8   ? 11.464  8.479   9.616   0.50 24.84 ? 8   GLN A CG  1 
ATOM   30   C CG  B GLN A 1 8   ? 12.955  9.987   9.433   0.50 20.67 ? 8   GLN A CG  1 
ATOM   31   C CD  A GLN A 1 8   ? 12.659  7.856   10.298  0.50 28.87 ? 8   GLN A CD  1 
ATOM   32   C CD  B GLN A 1 8   ? 13.848  8.975   10.115  0.50 23.43 ? 8   GLN A CD  1 
ATOM   33   O OE1 A GLN A 1 8   ? 13.676  7.547   9.670   0.50 31.91 ? 8   GLN A OE1 1 
ATOM   34   O OE1 B GLN A 1 8   ? 13.567  8.472   11.203  0.50 24.59 ? 8   GLN A OE1 1 
ATOM   35   N NE2 A GLN A 1 8   ? 12.556  7.692   11.608  0.50 30.45 ? 8   GLN A NE2 1 
ATOM   36   N NE2 B GLN A 1 8   ? 14.969  8.683   9.480   0.50 27.01 ? 8   GLN A NE2 1 
ATOM   37   N N   . VAL A 1 9   ? 8.547   9.666   8.113   1.00 16.02 ? 9   VAL A N   1 
ATOM   38   C CA  . VAL A 1 9   ? 7.160   9.160   8.218   1.00 15.49 ? 9   VAL A CA  1 
ATOM   39   C C   . VAL A 1 9   ? 7.232   7.670   7.949   1.00 16.17 ? 9   VAL A C   1 
ATOM   40   O O   . VAL A 1 9   ? 8.173   7.196   7.329   1.00 17.44 ? 9   VAL A O   1 
ATOM   41   C CB  . VAL A 1 9   ? 6.174   9.868   7.284   1.00 15.25 ? 9   VAL A CB  1 
ATOM   42   C CG1 . VAL A 1 9   ? 5.935   11.307  7.682   1.00 16.93 ? 9   VAL A CG1 1 
ATOM   43   C CG2 . VAL A 1 9   ? 6.651   9.776   5.842   1.00 16.62 ? 9   VAL A CG2 1 
ATOM   44   N N   . LYS A 1 10  ? 6.201   6.970   8.401   1.00 15.73 ? 10  LYS A N   1 
ATOM   45   C CA  . LYS A 1 10  ? 6.140   5.495   8.312   1.00 15.34 ? 10  LYS A CA  1 
ATOM   46   C C   . LYS A 1 10  ? 4.938   5.097   7.455   1.00 14.43 ? 10  LYS A C   1 
ATOM   47   O O   . LYS A 1 10  ? 3.832   5.661   7.612   1.00 15.33 ? 10  LYS A O   1 
ATOM   48   C CB  . LYS A 1 10  ? 6.025   4.933   9.727   1.00 18.30 ? 10  LYS A CB  1 
ATOM   49   C CG  . LYS A 1 10  ? 7.334   4.981   10.464  1.00 22.90 ? 10  LYS A CG  1 
ATOM   50   C CD  . LYS A 1 10  ? 7.228   4.371   11.836  1.00 29.91 ? 10  LYS A CD  1 
ATOM   51   C CE  . LYS A 1 10  ? 8.530   4.513   12.583  1.00 34.06 ? 10  LYS A CE  1 
ATOM   52   N NZ  . LYS A 1 10  ? 8.304   4.359   14.036  1.00 42.83 ? 10  LYS A NZ  1 
ATOM   53   N N   . LEU A 1 11  ? 5.146   4.140   6.574   1.00 13.29 ? 11  LEU A N   1 
ATOM   54   C CA  . LEU A 1 11  ? 4.069   3.443   5.856   1.00 13.94 ? 11  LEU A CA  1 
ATOM   55   C C   . LEU A 1 11  ? 4.082   1.988   6.281   1.00 15.38 ? 11  LEU A C   1 
ATOM   56   O O   . LEU A 1 11  ? 5.149   1.408   6.554   1.00 15.32 ? 11  LEU A O   1 
ATOM   57   C CB  . LEU A 1 11  ? 4.207   3.557   4.328   1.00 16.49 ? 11  LEU A CB  1 
ATOM   58   C CG  . LEU A 1 11  ? 4.151   4.950   3.738   1.00 16.94 ? 11  LEU A CG  1 
ATOM   59   C CD1 . LEU A 1 11  ? 4.376   4.894   2.250   1.00 18.21 ? 11  LEU A CD1 1 
ATOM   60   C CD2 . LEU A 1 11  ? 2.841   5.619   4.053   1.00 17.06 ? 11  LEU A CD2 1 
ATOM   61   N N   . GLU A 1 12  ? 2.921   1.372   6.287   1.00 13.20 ? 12  GLU A N   1 
ATOM   62   C CA  . GLU A 1 12  ? 2.775   -0.081  6.461   1.00 14.47 ? 12  GLU A CA  1 
ATOM   63   C C   . GLU A 1 12  ? 2.093   -0.627  5.224   1.00 13.99 ? 12  GLU A C   1 
ATOM   64   O O   . GLU A 1 12  ? 0.972   -0.166  4.917   1.00 15.09 ? 12  GLU A O   1 
ATOM   65   C CB  . GLU A 1 12  ? 2.008   -0.408  7.727   1.00 16.07 ? 12  GLU A CB  1 
ATOM   66   C CG  . GLU A 1 12  ? 2.610   0.229   8.971   1.00 17.77 ? 12  GLU A CG  1 
ATOM   67   C CD  . GLU A 1 12  ? 1.942   -0.114  10.273  1.00 21.50 ? 12  GLU A CD  1 
ATOM   68   O OE1 . GLU A 1 12  ? 0.785   -0.604  10.247  1.00 19.39 ? 12  GLU A OE1 1 
ATOM   69   O OE2 . GLU A 1 12  ? 2.591   0.116   11.343  1.00 24.66 ? 12  GLU A OE2 1 
ATOM   70   N N   . LEU A 1 13  ? 2.754   -1.487  4.498   1.00 11.91 ? 13  LEU A N   1 
ATOM   71   C CA  . LEU A 1 13  ? 2.157   -2.192  3.351   1.00 12.67 ? 13  LEU A CA  1 
ATOM   72   C C   . LEU A 1 13  ? 1.745   -3.543  3.854   1.00 11.98 ? 13  LEU A C   1 
ATOM   73   O O   . LEU A 1 13  ? 2.388   -4.072  4.775   1.00 14.03 ? 13  LEU A O   1 
ATOM   74   C CB  . LEU A 1 13  ? 3.156   -2.359  2.215   1.00 13.68 ? 13  LEU A CB  1 
ATOM   75   C CG  . LEU A 1 13  ? 3.486   -1.175  1.319   1.00 19.54 ? 13  LEU A CG  1 
ATOM   76   C CD1 . LEU A 1 13  ? 3.660   0.136   1.998   1.00 22.44 ? 13  LEU A CD1 1 
ATOM   77   C CD2 . LEU A 1 13  ? 4.746   -1.563  0.548   1.00 21.63 ? 13  LEU A CD2 1 
ATOM   78   N N   . GLY A 1 14  ? 0.738   -4.183  3.356   1.00 11.12 ? 14  GLY A N   1 
ATOM   79   C CA  . GLY A 1 14  ? 0.456   -5.536  3.821   1.00 10.91 ? 14  GLY A CA  1 
ATOM   80   C C   . GLY A 1 14  ? -0.569  -6.225  3.003   1.00 10.89 ? 14  GLY A C   1 
ATOM   81   O O   . GLY A 1 14  ? -1.174  -5.605  2.072   1.00 11.21 ? 14  GLY A O   1 
ATOM   82   N N   . HIS A 1 15  ? -0.834  -7.447  3.292   1.00 11.54 ? 15  HIS A N   1 
ATOM   83   C CA  . HIS A 1 15  ? -1.907  -8.193  2.628   1.00 12.48 ? 15  HIS A CA  1 
ATOM   84   C C   . HIS A 1 15  ? -2.425  -9.294  3.519   1.00 12.83 ? 15  HIS A C   1 
ATOM   85   O O   . HIS A 1 15  ? -1.745  -9.793  4.440   1.00 12.35 ? 15  HIS A O   1 
ATOM   86   C CB  . HIS A 1 15  ? -1.487  -8.704  1.263   1.00 13.60 ? 15  HIS A CB  1 
ATOM   87   C CG  . HIS A 1 15  ? -0.696  -9.964  1.271   1.00 13.34 ? 15  HIS A CG  1 
ATOM   88   N ND1 . HIS A 1 15  ? 0.576   -10.079 1.798   1.00 13.49 ? 15  HIS A ND1 1 
ATOM   89   C CD2 . HIS A 1 15  ? -1.014  -11.194 0.768   1.00 13.76 ? 15  HIS A CD2 1 
ATOM   90   C CE1 . HIS A 1 15  ? 1.042   -11.298 1.558   1.00 13.98 ? 15  HIS A CE1 1 
ATOM   91   N NE2 . HIS A 1 15  ? 0.066   -12.016 0.964   1.00 15.24 ? 15  HIS A NE2 1 
ATOM   92   N N   . ARG A 1 16  ? -3.630  -9.736  3.216   1.00 12.57 ? 16  ARG A N   1 
ATOM   93   C CA  . ARG A 1 16  ? -4.266  -10.914 3.802   1.00 13.99 ? 16  ARG A CA  1 
ATOM   94   C C   . ARG A 1 16  ? -4.684  -11.817 2.663   1.00 12.91 ? 16  ARG A C   1 
ATOM   95   O O   . ARG A 1 16  ? -5.114  -11.285 1.618   1.00 13.70 ? 16  ARG A O   1 
ATOM   96   C CB  . ARG A 1 16  ? -5.480  -10.540 4.623   1.00 16.43 ? 16  ARG A CB  1 
ATOM   97   C CG  . ARG A 1 16  ? -5.125  -9.700  5.834   1.00 21.50 ? 16  ARG A CG  1 
ATOM   98   C CD  . ARG A 1 16  ? -6.304  -9.565  6.768   1.00 27.86 ? 16  ARG A CD  1 
ATOM   99   N NE  . ARG A 1 16  ? -5.982  -8.726  7.901   1.00 32.50 ? 16  ARG A NE  1 
ATOM   100  C CZ  . ARG A 1 16  ? -6.539  -8.835  9.108   1.00 35.02 ? 16  ARG A CZ  1 
ATOM   101  N NH1 . ARG A 1 16  ? -6.161  -8.010  10.069  1.00 39.38 ? 16  ARG A NH1 1 
ATOM   102  N NH2 . ARG A 1 16  ? -7.474  -9.738  9.349   1.00 36.48 ? 16  ARG A NH2 1 
ATOM   103  N N   . ALA A 1 17  ? -4.585  -13.112 2.812   1.00 13.34 ? 17  ALA A N   1 
ATOM   104  C CA  . ALA A 1 17  ? -5.021  -14.045 1.741   1.00 14.41 ? 17  ALA A CA  1 
ATOM   105  C C   . ALA A 1 17  ? -5.569  -15.278 2.416   1.00 14.75 ? 17  ALA A C   1 
ATOM   106  O O   . ALA A 1 17  ? -4.858  -15.854 3.250   1.00 15.56 ? 17  ALA A O   1 
ATOM   107  C CB  . ALA A 1 17  ? -3.924  -14.407 0.799   1.00 14.32 ? 17  ALA A CB  1 
ATOM   108  N N   . GLN A 1 18  ? -6.781  -15.696 2.064   1.00 14.51 ? 18  GLN A N   1 
ATOM   109  C CA  . GLN A 1 18  ? -7.451  -16.833 2.692   1.00 15.58 ? 18  GLN A CA  1 
ATOM   110  C C   . GLN A 1 18  ? -8.040  -17.704 1.604   1.00 14.40 ? 18  GLN A C   1 
ATOM   111  O O   . GLN A 1 18  ? -8.627  -17.183 0.643   1.00 15.10 ? 18  GLN A O   1 
ATOM   112  C CB  . GLN A 1 18  ? -8.519  -16.321 3.636   1.00 18.14 ? 18  GLN A CB  1 
ATOM   113  C CG  . GLN A 1 18  ? -9.193  -17.439 4.397   1.00 23.26 ? 18  GLN A CG  1 
ATOM   114  C CD  . GLN A 1 18  ? -9.823  -16.921 5.652   1.00 28.87 ? 18  GLN A CD  1 
ATOM   115  O OE1 . GLN A 1 18  ? -9.204  -16.178 6.408   1.00 33.17 ? 18  GLN A OE1 1 
ATOM   116  N NE2 . GLN A 1 18  ? -11.077 -17.286 5.852   1.00 32.01 ? 18  GLN A NE2 1 
ATOM   117  N N   . VAL A 1 19  ? -7.926  -18.997 1.767   1.00 14.15 ? 19  VAL A N   1 
ATOM   118  C CA  . VAL A 1 19  ? -8.569  -19.981 0.896   1.00 14.76 ? 19  VAL A CA  1 
ATOM   119  C C   . VAL A 1 19  ? -10.069 -19.927 1.130   1.00 13.11 ? 19  VAL A C   1 
ATOM   120  O O   . VAL A 1 19  ? -10.527 -19.987 2.243   1.00 14.86 ? 19  VAL A O   1 
ATOM   121  C CB  . VAL A 1 19  ? -8.017  -21.383 1.145   1.00 16.21 ? 19  VAL A CB  1 
ATOM   122  C CG1 . VAL A 1 19  ? -8.716  -22.398 0.286   1.00 17.52 ? 19  VAL A CG1 1 
ATOM   123  C CG2 . VAL A 1 19  ? -6.534  -21.434 0.883   1.00 18.54 ? 19  VAL A CG2 1 
ATOM   124  N N   . ARG A 1 20  ? -10.795 -19.730 0.041   1.00 13.07 ? 20  ARG A N   1 
ATOM   125  C CA  . ARG A 1 20  ? -12.281 -19.758 0.101   1.00 13.77 ? 20  ARG A CA  1 
ATOM   126  C C   . ARG A 1 20  ? -12.777 -21.150 0.485   1.00 14.57 ? 20  ARG A C   1 
ATOM   127  O O   . ARG A 1 20  ? -12.191 -22.137 0.071   1.00 15.17 ? 20  ARG A O   1 
ATOM   128  C CB  . ARG A 1 20  ? -12.831 -19.424 -1.282  1.00 13.76 ? 20  ARG A CB  1 
ATOM   129  C CG  . ARG A 1 20  ? -12.558 -18.005 -1.787  1.00 13.58 ? 20  ARG A CG  1 
ATOM   130  C CD  . ARG A 1 20  ? -13.120 -17.754 -3.168  1.00 14.34 ? 20  ARG A CD  1 
ATOM   131  N NE  . ARG A 1 20  ? -14.594 -17.839 -3.188  1.00 14.17 ? 20  ARG A NE  1 
ATOM   132  C CZ  . ARG A 1 20  ? -15.381 -16.780 -3.110  1.00 15.98 ? 20  ARG A CZ  1 
ATOM   133  N NH1 . ARG A 1 20  ? -14.902 -15.561 -2.999  1.00 15.13 ? 20  ARG A NH1 1 
ATOM   134  N NH2 . ARG A 1 20  ? -16.701 -16.922 -3.194  1.00 17.42 ? 20  ARG A NH2 1 
ATOM   135  N N   . LYS A 1 21  ? -13.865 -21.198 1.224   1.00 15.39 ? 21  LYS A N   1 
ATOM   136  C CA  . LYS A 1 21  ? -14.533 -22.502 1.489   1.00 17.69 ? 21  LYS A CA  1 
ATOM   137  C C   . LYS A 1 21  ? -14.989 -23.104 0.165   1.00 16.96 ? 21  LYS A C   1 
ATOM   138  O O   . LYS A 1 21  ? -14.961 -24.340 0.039   1.00 18.57 ? 21  LYS A O   1 
ATOM   139  C CB  . LYS A 1 21  ? -15.654 -22.338 2.510   1.00 19.87 ? 21  LYS A CB  1 
ATOM   140  C CG  . LYS A 1 21  ? -15.162 -21.955 3.903   1.00 23.48 ? 21  LYS A CG  1 
ATOM   141  C CD  . LYS A 1 21  ? -16.163 -22.176 5.015   1.00 31.63 ? 21  LYS A CD  1 
ATOM   142  C CE  . LYS A 1 21  ? -15.623 -21.766 6.371   1.00 35.65 ? 21  LYS A CE  1 
ATOM   143  N NZ  . LYS A 1 21  ? -14.435 -22.561 6.753   1.00 40.70 ? 21  LYS A NZ  1 
ATOM   144  N N   . LYS A 1 22  ? -15.434 -22.286 -0.780  1.00 15.42 ? 22  LYS A N   1 
ATOM   145  C CA  . LYS A 1 22  ? -15.837 -22.786 -2.115  1.00 15.99 ? 22  LYS A CA  1 
ATOM   146  C C   . LYS A 1 22  ? -15.280 -21.855 -3.183  1.00 14.02 ? 22  LYS A C   1 
ATOM   147  O O   . LYS A 1 22  ? -15.539 -20.648 -3.169  1.00 13.87 ? 22  LYS A O   1 
ATOM   148  C CB  . LYS A 1 22  ? -17.372 -22.833 -2.175  1.00 16.13 ? 22  LYS A CB  1 
ATOM   149  C CG  . LYS A 1 22  ? -17.933 -23.585 -3.368  1.00 16.54 ? 22  LYS A CG  1 
ATOM   150  C CD  . LYS A 1 22  ? -17.506 -25.026 -3.359  1.00 17.83 ? 22  LYS A CD  1 
ATOM   151  C CE  . LYS A 1 22  ? -18.207 -25.898 -4.397  1.00 19.53 ? 22  LYS A CE  1 
ATOM   152  N NZ  . LYS A 1 22  ? -17.681 -27.276 -4.317  1.00 21.99 ? 22  LYS A NZ  1 
ATOM   153  N N   . PRO A 1 23  ? -14.522 -22.382 -4.154  1.00 14.52 ? 23  PRO A N   1 
ATOM   154  C CA  . PRO A 1 23  ? -14.009 -21.546 -5.233  1.00 14.13 ? 23  PRO A CA  1 
ATOM   155  C C   . PRO A 1 23  ? -15.123 -20.840 -5.999  1.00 15.16 ? 23  PRO A C   1 
ATOM   156  O O   . PRO A 1 23  ? -16.271 -21.363 -6.042  1.00 15.27 ? 23  PRO A O   1 
ATOM   157  C CB  . PRO A 1 23  ? -13.297 -22.526 -6.170  1.00 14.31 ? 23  PRO A CB  1 
ATOM   158  C CG  . PRO A 1 23  ? -12.877 -23.601 -5.214  1.00 16.23 ? 23  PRO A CG  1 
ATOM   159  C CD  . PRO A 1 23  ? -14.038 -23.772 -4.259  1.00 15.61 ? 23  PRO A CD  1 
ATOM   160  N N   . THR A 1 24  ? -14.804 -19.732 -6.607  1.00 13.82 ? 24  THR A N   1 
ATOM   161  C CA  . THR A 1 24  ? -15.759 -18.996 -7.468  1.00 14.16 ? 24  THR A CA  1 
ATOM   162  C C   . THR A 1 24  ? -16.047 -19.828 -8.730  1.00 15.71 ? 24  THR A C   1 
ATOM   163  O O   . THR A 1 24  ? -15.330 -20.803 -8.992  1.00 16.79 ? 24  THR A O   1 
ATOM   164  C CB  . THR A 1 24  ? -15.216 -17.609 -7.822  1.00 15.58 ? 24  THR A CB  1 
ATOM   165  O OG1 . THR A 1 24  ? -14.166 -17.794 -8.768  1.00 14.48 ? 24  THR A OG1 1 
ATOM   166  C CG2 . THR A 1 24  ? -14.742 -16.837 -6.619  1.00 16.18 ? 24  THR A CG2 1 
ATOM   167  N N   . VAL A 1 25  ? -17.002 -19.357 -9.522  1.00 16.55 ? 25  VAL A N   1 
ATOM   168  C CA  . VAL A 1 25  ? -17.373 -20.051 -10.784 1.00 18.36 ? 25  VAL A CA  1 
ATOM   169  C C   . VAL A 1 25  ? -16.167 -20.070 -11.723 1.00 18.73 ? 25  VAL A C   1 
ATOM   170  O O   . VAL A 1 25  ? -16.002 -21.042 -12.466 1.00 19.56 ? 25  VAL A O   1 
ATOM   171  C CB  . VAL A 1 25  ? -18.573 -19.392 -11.460 1.00 19.73 ? 25  VAL A CB  1 
ATOM   172  C CG1 . VAL A 1 25  ? -18.254 -18.006 -11.981 1.00 21.56 ? 25  VAL A CG1 1 
ATOM   173  C CG2 . VAL A 1 25  ? -19.104 -20.291 -12.565 1.00 22.88 ? 25  VAL A CG2 1 
ATOM   174  N N   . GLU A 1 26  ? -15.289 -19.062 -11.635 1.00 16.70 ? 26  GLU A N   1 
ATOM   175  C CA  . GLU A 1 26  ? -14.083 -18.971 -12.502 1.00 17.95 ? 26  GLU A CA  1 
ATOM   176  C C   . GLU A 1 26  ? -13.006 -19.940 -12.025 1.00 16.61 ? 26  GLU A C   1 
ATOM   177  O O   . GLU A 1 26  ? -12.041 -20.158 -12.756 1.00 19.72 ? 26  GLU A O   1 
ATOM   178  C CB  . GLU A 1 26  ? -13.462 -17.584 -12.504 1.00 16.57 ? 26  GLU A CB  1 
ATOM   179  C CG  . GLU A 1 26  ? -14.386 -16.509 -12.970 1.00 17.54 ? 26  GLU A CG  1 
ATOM   180  C CD  . GLU A 1 26  ? -15.293 -15.877 -11.931 1.00 19.92 ? 26  GLU A CD  1 
ATOM   181  O OE1 . GLU A 1 26  ? -15.241 -16.261 -10.744 1.00 19.09 ? 26  GLU A OE1 1 
ATOM   182  O OE2 . GLU A 1 26  ? -16.051 -14.978 -12.293 1.00 21.86 ? 26  GLU A OE2 1 
ATOM   183  N N   . GLY A 1 27  ? -13.144 -20.520 -10.844 1.00 15.88 ? 27  GLY A N   1 
ATOM   184  C CA  . GLY A 1 27  ? -12.157 -21.381 -10.187 1.00 17.23 ? 27  GLY A CA  1 
ATOM   185  C C   . GLY A 1 27  ? -11.239 -20.599 -9.253  1.00 17.63 ? 27  GLY A C   1 
ATOM   186  O O   . GLY A 1 27  ? -10.270 -21.194 -8.751  1.00 22.08 ? 27  GLY A O   1 
ATOM   187  N N   . PHE A 1 28  ? -11.571 -19.361 -8.920  1.00 15.63 ? 28  PHE A N   1 
ATOM   188  C CA  . PHE A 1 28  ? -10.714 -18.582 -7.977  1.00 16.11 ? 28  PHE A CA  1 
ATOM   189  C C   . PHE A 1 28  ? -10.800 -19.200 -6.591  1.00 15.69 ? 28  PHE A C   1 
ATOM   190  O O   . PHE A 1 28  ? -11.917 -19.346 -6.057  1.00 15.24 ? 28  PHE A O   1 
ATOM   191  C CB  . PHE A 1 28  ? -11.085 -17.100 -7.964  1.00 15.37 ? 28  PHE A CB  1 
ATOM   192  C CG  . PHE A 1 28  ? -11.069 -16.422 -9.306  1.00 14.81 ? 28  PHE A CG  1 
ATOM   193  C CD1 . PHE A 1 28  ? -10.255 -16.898 -10.324 1.00 17.55 ? 28  PHE A CD1 1 
ATOM   194  C CD2 . PHE A 1 28  ? -11.895 -15.354 -9.579  1.00 16.71 ? 28  PHE A CD2 1 
ATOM   195  C CE1 . PHE A 1 28  ? -10.247 -16.291 -11.579 1.00 16.89 ? 28  PHE A CE1 1 
ATOM   196  C CE2 . PHE A 1 28  ? -11.887 -14.759 -10.831 1.00 16.44 ? 28  PHE A CE2 1 
ATOM   197  C CZ  . PHE A 1 28  ? -11.072 -15.233 -11.823 1.00 17.41 ? 28  PHE A CZ  1 
ATOM   198  N N   . THR A 1 29  ? -9.646  -19.574 -6.007  1.00 13.64 ? 29  THR A N   1 
ATOM   199  C CA  . THR A 1 29  ? -9.520  -20.349 -4.773  1.00 13.48 ? 29  THR A CA  1 
ATOM   200  C C   . THR A 1 29  ? -9.375  -19.471 -3.542  1.00 13.47 ? 29  THR A C   1 
ATOM   201  O O   . THR A 1 29  ? -9.542  -20.017 -2.438  1.00 13.35 ? 29  THR A O   1 
ATOM   202  C CB  . THR A 1 29  ? -8.321  -21.281 -4.886  1.00 14.97 ? 29  THR A CB  1 
ATOM   203  O OG1 . THR A 1 29  ? -7.178  -20.502 -5.264  1.00 15.65 ? 29  THR A OG1 1 
ATOM   204  C CG2 . THR A 1 29  ? -8.577  -22.360 -5.924  1.00 15.98 ? 29  THR A CG2 1 
ATOM   205  N N   . HIS A 1 30  ? -8.920  -18.231 -3.740  1.00 13.25 ? 30  HIS A N   1 
ATOM   206  C CA  . HIS A 1 30  ? -8.539  -17.372 -2.597  1.00 13.40 ? 30  HIS A CA  1 
ATOM   207  C C   . HIS A 1 30  ? -9.254  -16.051 -2.681  1.00 12.43 ? 30  HIS A C   1 
ATOM   208  O O   . HIS A 1 30  ? -9.494  -15.520 -3.816  1.00 13.27 ? 30  HIS A O   1 
ATOM   209  C CB  . HIS A 1 30  ? -7.023  -17.086 -2.571  1.00 13.06 ? 30  HIS A CB  1 
ATOM   210  C CG  . HIS A 1 30  ? -6.177  -18.259 -2.223  1.00 13.96 ? 30  HIS A CG  1 
ATOM   211  N ND1 . HIS A 1 30  ? -6.054  -19.351 -3.072  1.00 15.60 ? 30  HIS A ND1 1 
ATOM   212  C CD2 . HIS A 1 30  ? -5.387  -18.502 -1.139  1.00 15.32 ? 30  HIS A CD2 1 
ATOM   213  C CE1 . HIS A 1 30  ? -5.207  -20.209 -2.532  1.00 16.29 ? 30  HIS A CE1 1 
ATOM   214  N NE2 . HIS A 1 30  ? -4.777  -19.690 -1.364  1.00 18.70 ? 30  HIS A NE2 1 
ATOM   215  N N   . ASP A 1 31  ? -9.507  -15.466 -1.533  1.00 12.66 ? 31  ASP A N   1 
ATOM   216  C CA  . ASP A 1 31  ? -9.799  -14.037 -1.368  1.00 13.30 ? 31  ASP A CA  1 
ATOM   217  C C   . ASP A 1 31  ? -8.558  -13.353 -0.832  1.00 12.13 ? 31  ASP A C   1 
ATOM   218  O O   . ASP A 1 31  ? -7.926  -13.927 0.088   1.00 13.56 ? 31  ASP A O   1 
ATOM   219  C CB  . ASP A 1 31  ? -10.986 -13.799 -0.480  1.00 13.06 ? 31  ASP A CB  1 
ATOM   220  C CG  . ASP A 1 31  ? -12.250 -14.481 -0.958  1.00 14.88 ? 31  ASP A CG  1 
ATOM   221  O OD1 . ASP A 1 31  ? -12.433 -14.582 -2.197  1.00 14.50 ? 31  ASP A OD1 1 
ATOM   222  O OD2 . ASP A 1 31  ? -13.052 -14.853 -0.077  1.00 17.26 ? 31  ASP A OD2 1 
ATOM   223  N N   . TRP A 1 32  ? -8.229  -12.178 -1.322  1.00 12.65 ? 32  TRP A N   1 
ATOM   224  C CA  . TRP A 1 32  ? -7.060  -11.464 -0.792  1.00 12.06 ? 32  TRP A CA  1 
ATOM   225  C C   . TRP A 1 32  ? -7.357  -9.981  -0.735  1.00 12.37 ? 32  TRP A C   1 
ATOM   226  O O   . TRP A 1 32  ? -8.290  -9.448  -1.374  1.00 12.24 ? 32  TRP A O   1 
ATOM   227  C CB  . TRP A 1 32  ? -5.793  -11.826 -1.556  1.00 13.14 ? 32  TRP A CB  1 
ATOM   228  C CG  . TRP A 1 32  ? -5.761  -11.574 -3.037  1.00 12.75 ? 32  TRP A CG  1 
ATOM   229  C CD1 . TRP A 1 32  ? -5.719  -12.537 -4.002  1.00 12.66 ? 32  TRP A CD1 1 
ATOM   230  C CD2 . TRP A 1 32  ? -5.577  -10.322 -3.729  1.00 11.84 ? 32  TRP A CD2 1 
ATOM   231  N NE1 . TRP A 1 32  ? -5.592  -11.968 -5.240  1.00 13.03 ? 32  TRP A NE1 1 
ATOM   232  C CE2 . TRP A 1 32  ? -5.433  -10.620 -5.108  1.00 13.23 ? 32  TRP A CE2 1 
ATOM   233  C CE3 . TRP A 1 32  ? -5.433  -9.006  -3.329  1.00 13.22 ? 32  TRP A CE3 1 
ATOM   234  C CZ2 . TRP A 1 32  ? -5.251  -9.633  -6.063  1.00 12.10 ? 32  TRP A CZ2 1 
ATOM   235  C CZ3 . TRP A 1 32  ? -5.290  -8.033  -4.284  1.00 12.43 ? 32  TRP A CZ3 1 
ATOM   236  C CH2 . TRP A 1 32  ? -5.154  -8.348  -5.622  1.00 12.86 ? 32  TRP A CH2 1 
ATOM   237  N N   . MET A 1 33  ? -6.583  -9.278  0.059   1.00 12.29 ? 33  MET A N   1 
ATOM   238  C CA  . MET A 1 33  ? -6.694  -7.830  0.238   1.00 12.63 ? 33  MET A CA  1 
ATOM   239  C C   . MET A 1 33  ? -5.278  -7.325  0.389   1.00 12.80 ? 33  MET A C   1 
ATOM   240  O O   . MET A 1 33  ? -4.512  -7.932  1.132   1.00 14.17 ? 33  MET A O   1 
ATOM   241  C CB  . MET A 1 33  ? -7.622  -7.516  1.398   1.00 15.19 ? 33  MET A CB  1 
ATOM   242  C CG  . MET A 1 33  ? -7.913  -6.054  1.662   1.00 18.40 ? 33  MET A CG  1 
ATOM   243  S SD  . MET A 1 33  ? -6.668  -5.208  2.621   1.00 21.74 ? 33  MET A SD  1 
ATOM   244  C CE  . MET A 1 33  ? -6.054  -6.600  3.526   1.00 16.85 ? 33  MET A CE  1 
ATOM   245  N N   . VAL A 1 34  ? -4.924  -6.281  -0.292  1.00 11.14 ? 34  VAL A N   1 
ATOM   246  C CA  . VAL A 1 34  ? -3.618  -5.615  -0.189  1.00 11.18 ? 34  VAL A CA  1 
ATOM   247  C C   . VAL A 1 34  ? -3.855  -4.184  0.205   1.00 12.06 ? 34  VAL A C   1 
ATOM   248  O O   . VAL A 1 34  ? -4.866  -3.595  -0.207  1.00 11.56 ? 34  VAL A O   1 
ATOM   249  C CB  . VAL A 1 34  ? -2.796  -5.743  -1.469  1.00 11.22 ? 34  VAL A CB  1 
ATOM   250  C CG1 . VAL A 1 34  ? -3.465  -5.029  -2.621  1.00 12.39 ? 34  VAL A CG1 1 
ATOM   251  C CG2 . VAL A 1 34  ? -1.372  -5.272  -1.309  1.00 12.66 ? 34  VAL A CG2 1 
ATOM   252  N N   . PHE A 1 35  ? -2.978  -3.571  0.983   1.00 11.47 ? 35  PHE A N   1 
ATOM   253  C CA  . PHE A 1 35  ? -3.221  -2.214  1.492   1.00 11.26 ? 35  PHE A CA  1 
ATOM   254  C C   . PHE A 1 35  ? -1.940  -1.437  1.711   1.00 11.94 ? 35  PHE A C   1 
ATOM   255  O O   . PHE A 1 35  ? -0.854  -2.023  1.881   1.00 11.34 ? 35  PHE A O   1 
ATOM   256  C CB  . PHE A 1 35  ? -4.032  -2.258  2.774   1.00 11.22 ? 35  PHE A CB  1 
ATOM   257  C CG  . PHE A 1 35  ? -3.350  -2.987  3.904   1.00 11.63 ? 35  PHE A CG  1 
ATOM   258  C CD1 . PHE A 1 35  ? -2.498  -2.302  4.754   1.00 12.19 ? 35  PHE A CD1 1 
ATOM   259  C CD2 . PHE A 1 35  ? -3.550  -4.323  4.086   1.00 13.22 ? 35  PHE A CD2 1 
ATOM   260  C CE1 . PHE A 1 35  ? -1.895  -2.962  5.817   1.00 12.20 ? 35  PHE A CE1 1 
ATOM   261  C CE2 . PHE A 1 35  ? -2.925  -4.993  5.133   1.00 12.42 ? 35  PHE A CE2 1 
ATOM   262  C CZ  . PHE A 1 35  ? -2.117  -4.299  5.998   1.00 13.25 ? 35  PHE A CZ  1 
ATOM   263  N N   . VAL A 1 36  ? -2.081  -0.130  1.816   1.00 11.36 ? 36  VAL A N   1 
ATOM   264  C CA  . VAL A 1 36  ? -1.108  0.812   2.406   1.00 11.23 ? 36  VAL A CA  1 
ATOM   265  C C   . VAL A 1 36  ? -1.833  1.571   3.503   1.00 11.86 ? 36  VAL A C   1 
ATOM   266  O O   . VAL A 1 36  ? -2.952  2.035   3.279   1.00 12.54 ? 36  VAL A O   1 
ATOM   267  C CB  . VAL A 1 36  ? -0.577  1.779   1.343   1.00 11.90 ? 36  VAL A CB  1 
ATOM   268  C CG1 . VAL A 1 36  ? 0.341   2.798   1.978   1.00 13.14 ? 36  VAL A CG1 1 
ATOM   269  C CG2 . VAL A 1 36  ? 0.112   1.018   0.222   1.00 12.16 ? 36  VAL A CG2 1 
ATOM   270  N N   . ARG A 1 37  ? -1.196  1.692   4.651   1.00 11.62 ? 37  ARG A N   1 
ATOM   271  C CA  . ARG A 1 37  ? -1.737  2.497   5.769   1.00 12.38 ? 37  ARG A CA  1 
ATOM   272  C C   . ARG A 1 37  ? -0.595  3.114   6.552   1.00 13.12 ? 37  ARG A C   1 
ATOM   273  O O   . ARG A 1 37  ? 0.579   2.820   6.264   1.00 13.35 ? 37  ARG A O   1 
ATOM   274  C CB  . ARG A 1 37  ? -2.601  1.612   6.669   1.00 11.81 ? 37  ARG A CB  1 
ATOM   275  C CG  . ARG A 1 37  ? -1.791  0.600   7.465   1.00 12.01 ? 37  ARG A CG  1 
ATOM   276  C CD  . ARG A 1 37  ? -2.641  -0.320  8.306   1.00 14.33 ? 37  ARG A CD  1 
ATOM   277  N NE  . ARG A 1 37  ? -1.764  -1.119  9.133   1.00 15.62 ? 37  ARG A NE  1 
ATOM   278  C CZ  . ARG A 1 37  ? -2.091  -2.233  9.752   1.00 19.82 ? 37  ARG A CZ  1 
ATOM   279  N NH1 . ARG A 1 37  ? -3.295  -2.759  9.603   1.00 23.73 ? 37  ARG A NH1 1 
ATOM   280  N NH2 . ARG A 1 37  ? -1.201  -2.825  10.517  1.00 20.82 ? 37  ARG A NH2 1 
ATOM   281  N N   . GLY A 1 38  ? -0.947  4.000   7.471   1.00 14.77 ? 38  GLY A N   1 
ATOM   282  C CA  . GLY A 1 38  ? 0.020   4.506   8.449   1.00 14.66 ? 38  GLY A CA  1 
ATOM   283  C C   . GLY A 1 38  ? -0.096  3.679   9.709   1.00 16.74 ? 38  GLY A C   1 
ATOM   284  O O   . GLY A 1 38  ? -1.079  2.959   9.934   1.00 16.71 ? 38  GLY A O   1 
ATOM   285  N N   . PRO A 1 39  ? 0.851   3.888   10.634  1.00 17.49 ? 39  PRO A N   1 
ATOM   286  C CA  . PRO A 1 39  ? 0.736   3.323   11.970  1.00 20.34 ? 39  PRO A CA  1 
ATOM   287  C C   . PRO A 1 39  ? -0.427  3.946   12.744  1.00 20.10 ? 39  PRO A C   1 
ATOM   288  O O   . PRO A 1 39  ? -1.036  4.922   12.377  1.00 18.77 ? 39  PRO A O   1 
ATOM   289  C CB  . PRO A 1 39  ? 2.075   3.652   12.626  1.00 21.26 ? 39  PRO A CB  1 
ATOM   290  C CG  . PRO A 1 39  ? 2.942   4.204   11.553  1.00 23.54 ? 39  PRO A CG  1 
ATOM   291  C CD  . PRO A 1 39  ? 2.025   4.749   10.485  1.00 17.97 ? 39  PRO A CD  1 
ATOM   292  N N   . GLU A 1 40  ? -0.761  3.294   13.854  1.00 26.31 ? 40  GLU A N   1 
ATOM   293  C CA  . GLU A 1 40  ? -1.823  3.808   14.750  1.00 29.87 ? 40  GLU A CA  1 
ATOM   294  C C   . GLU A 1 40  ? -1.490  5.258   15.106  1.00 25.68 ? 40  GLU A C   1 
ATOM   295  O O   . GLU A 1 40  ? -0.299  5.552   15.289  1.00 25.96 ? 40  GLU A O   1 
ATOM   296  C CB  . GLU A 1 40  ? -1.914  2.940   16.012  1.00 35.78 ? 40  GLU A CB  1 
ATOM   297  C CG  . GLU A 1 40  ? -3.341  2.548   16.373  1.00 43.54 ? 40  GLU A CG  1 
ATOM   298  C CD  . GLU A 1 40  ? -3.564  2.426   17.873  1.00 53.34 ? 40  GLU A CD  1 
ATOM   299  O OE1 . GLU A 1 40  ? -2.710  1.806   18.561  1.00 59.82 ? 40  GLU A OE1 1 
ATOM   300  O OE2 . GLU A 1 40  ? -4.564  2.993   18.364  1.00 60.12 ? 40  GLU A OE2 1 
ATOM   301  N N   . HIS A 1 41  ? -2.512  6.108   15.100  1.00 24.84 ? 41  HIS A N   1 
ATOM   302  C CA  . HIS A 1 41  ? -2.498  7.522   15.544  1.00 28.47 ? 41  HIS A CA  1 
ATOM   303  C C   . HIS A 1 41  ? -2.021  8.438   14.416  1.00 28.95 ? 41  HIS A C   1 
ATOM   304  O O   . HIS A 1 41  ? -2.079  9.652   14.595  1.00 33.02 ? 41  HIS A O   1 
ATOM   305  C CB  . HIS A 1 41  ? -1.653  7.726   16.808  1.00 35.25 ? 41  HIS A CB  1 
ATOM   306  C CG  . HIS A 1 41  ? -1.939  6.749   17.901  1.00 39.05 ? 41  HIS A CG  1 
ATOM   307  N ND1 . HIS A 1 41  ? -3.169  6.692   18.532  1.00 44.36 ? 41  HIS A ND1 1 
ATOM   308  C CD2 . HIS A 1 41  ? -1.165  5.804   18.477  1.00 43.67 ? 41  HIS A CD2 1 
ATOM   309  C CE1 . HIS A 1 41  ? -3.146  5.734   19.437  1.00 44.57 ? 41  HIS A CE1 1 
ATOM   310  N NE2 . HIS A 1 41  ? -1.924  5.177   19.432  1.00 46.65 ? 41  HIS A NE2 1 
ATOM   311  N N   . SER A 1 42  ? -1.716  7.898   13.235  1.00 22.34 ? 42  SER A N   1 
ATOM   312  C CA  . SER A 1 42  ? -1.242  8.711   12.087  1.00 20.57 ? 42  SER A CA  1 
ATOM   313  C C   . SER A 1 42  ? -2.384  9.055   11.141  1.00 20.14 ? 42  SER A C   1 
ATOM   314  O O   . SER A 1 42  ? -3.490  8.488   11.243  1.00 20.83 ? 42  SER A O   1 
ATOM   315  C CB  . SER A 1 42  ? -0.171  7.959   11.362  1.00 19.73 ? 42  SER A CB  1 
ATOM   316  O OG  . SER A 1 42  ? -0.734  6.867   10.611  1.00 20.31 ? 42  SER A OG  1 
ATOM   317  N N   . ASN A 1 43  ? -2.123  9.908   10.160  1.00 17.44 ? 43  ASN A N   1 
ATOM   318  C CA  . ASN A 1 43  ? -3.065  10.192  9.065   1.00 18.96 ? 43  ASN A CA  1 
ATOM   319  C C   . ASN A 1 43  ? -2.254  10.463  7.801   1.00 17.46 ? 43  ASN A C   1 
ATOM   320  O O   . ASN A 1 43  ? -2.011  11.623  7.460   1.00 17.14 ? 43  ASN A O   1 
ATOM   321  C CB  . ASN A 1 43  ? -4.075  11.309  9.310   1.00 21.40 ? 43  ASN A CB  1 
ATOM   322  C CG  . ASN A 1 43  ? -5.073  11.378  8.176   1.00 23.24 ? 43  ASN A CG  1 
ATOM   323  O OD1 . ASN A 1 43  ? -4.992  10.606  7.202   1.00 23.07 ? 43  ASN A OD1 1 
ATOM   324  N ND2 . ASN A 1 43  ? -6.024  12.304  8.270   1.00 24.61 ? 43  ASN A ND2 1 
ATOM   325  N N   . ILE A 1 44  ? -1.935  9.393   7.088   1.00 15.37 ? 44  ILE A N   1 
ATOM   326  C CA  . ILE A 1 44  ? -1.059  9.539   5.890   1.00 14.40 ? 44  ILE A CA  1 
ATOM   327  C C   . ILE A 1 44  ? -1.751  10.317  4.789   1.00 14.50 ? 44  ILE A C   1 
ATOM   328  O O   . ILE A 1 44  ? -1.054  10.855  3.903   1.00 14.41 ? 44  ILE A O   1 
ATOM   329  C CB  . ILE A 1 44  ? -0.546  8.180   5.382   1.00 15.29 ? 44  ILE A CB  1 
ATOM   330  C CG1 . ILE A 1 44  ? -1.679  7.282   4.853   1.00 15.56 ? 44  ILE A CG1 1 
ATOM   331  C CG2 . ILE A 1 44  ? 0.290   7.490   6.452   1.00 16.19 ? 44  ILE A CG2 1 
ATOM   332  C CD1 . ILE A 1 44  ? -1.215  6.029   4.118   1.00 15.88 ? 44  ILE A CD1 1 
ATOM   333  N N   . GLN A 1 45  ? -3.070  10.473  4.829   1.00 15.14 ? 45  GLN A N   1 
ATOM   334  C CA  . GLN A 1 45  ? -3.731  11.258  3.795   1.00 15.69 ? 45  GLN A CA  1 
ATOM   335  C C   . GLN A 1 45  ? -3.189  12.699  3.749   1.00 15.49 ? 45  GLN A C   1 
ATOM   336  O O   . GLN A 1 45  ? -3.331  13.334  2.717   1.00 16.19 ? 45  GLN A O   1 
ATOM   337  C CB  . GLN A 1 45  ? -5.242  11.240  3.984   1.00 18.49 ? 45  GLN A CB  1 
ATOM   338  C CG  . GLN A 1 45  ? -5.960  11.943  2.861   1.00 21.42 ? 45  GLN A CG  1 
ATOM   339  C CD  . GLN A 1 45  ? -7.444  11.700  2.780   1.00 26.58 ? 45  GLN A CD  1 
ATOM   340  O OE1 . GLN A 1 45  ? -8.091  11.524  3.791   1.00 28.60 ? 45  GLN A OE1 1 
ATOM   341  N NE2 . GLN A 1 45  ? -7.963  11.677  1.562   1.00 29.68 ? 45  GLN A NE2 1 
ATOM   342  N N   . HIS A 1 46  ? -2.633  13.210  4.842   1.00 16.36 ? 46  HIS A N   1 
ATOM   343  C CA  . HIS A 1 46  ? -2.132  14.601  4.804   1.00 17.54 ? 46  HIS A CA  1 
ATOM   344  C C   . HIS A 1 46  ? -0.983  14.725  3.807   1.00 17.61 ? 46  HIS A C   1 
ATOM   345  O O   . HIS A 1 46  ? -0.794  15.812  3.278   1.00 17.51 ? 46  HIS A O   1 
ATOM   346  C CB  . HIS A 1 46  ? -1.711  15.057  6.197   1.00 17.63 ? 46  HIS A CB  1 
ATOM   347  C CG  . HIS A 1 46  ? -2.884  15.296  7.074   1.00 18.93 ? 46  HIS A CG  1 
ATOM   348  N ND1 . HIS A 1 46  ? -3.896  16.115  6.682   1.00 23.74 ? 46  HIS A ND1 1 
ATOM   349  C CD2 . HIS A 1 46  ? -3.217  14.789  8.277   1.00 22.04 ? 46  HIS A CD2 1 
ATOM   350  C CE1 . HIS A 1 46  ? -4.823  16.111  7.647   1.00 23.73 ? 46  HIS A CE1 1 
ATOM   351  N NE2 . HIS A 1 46  ? -4.396  15.349  8.634   1.00 21.44 ? 46  HIS A NE2 1 
ATOM   352  N N   . PHE A 1 47  ? -0.188  13.675  3.581   1.00 15.81 ? 47  PHE A N   1 
ATOM   353  C CA  . PHE A 1 47  ? 0.935   13.790  2.617   1.00 15.03 ? 47  PHE A CA  1 
ATOM   354  C C   . PHE A 1 47  ? 0.782   12.895  1.382   1.00 15.01 ? 47  PHE A C   1 
ATOM   355  O O   . PHE A 1 47  ? 1.611   13.072  0.463   1.00 15.32 ? 47  PHE A O   1 
ATOM   356  C CB  . PHE A 1 47  ? 2.280   13.571  3.284   1.00 15.47 ? 47  PHE A CB  1 
ATOM   357  C CG  . PHE A 1 47  ? 2.667   12.162  3.672   1.00 15.88 ? 47  PHE A CG  1 
ATOM   358  C CD1 . PHE A 1 47  ? 2.347   11.676  4.923   1.00 17.51 ? 47  PHE A CD1 1 
ATOM   359  C CD2 . PHE A 1 47  ? 3.364   11.325  2.811   1.00 16.78 ? 47  PHE A CD2 1 
ATOM   360  C CE1 . PHE A 1 47  ? 2.729   10.414  5.333   1.00 18.30 ? 47  PHE A CE1 1 
ATOM   361  C CE2 . PHE A 1 47  ? 3.727   10.049  3.213   1.00 17.27 ? 47  PHE A CE2 1 
ATOM   362  C CZ  . PHE A 1 47  ? 3.360   9.580   4.448   1.00 18.20 ? 47  PHE A CZ  1 
ATOM   363  N N   . VAL A 1 48  ? -0.134  11.949  1.389   1.00 14.28 ? 48  VAL A N   1 
ATOM   364  C CA  . VAL A 1 48  ? -0.328  11.000  0.257   1.00 14.13 ? 48  VAL A CA  1 
ATOM   365  C C   . VAL A 1 48  ? -1.418  11.523  -0.659  1.00 15.00 ? 48  VAL A C   1 
ATOM   366  O O   . VAL A 1 48  ? -2.584  11.703  -0.202  1.00 16.16 ? 48  VAL A O   1 
ATOM   367  C CB  . VAL A 1 48  ? -0.625  9.598   0.785   1.00 13.54 ? 48  VAL A CB  1 
ATOM   368  C CG1 . VAL A 1 48  ? -1.077  8.658   -0.330  1.00 14.02 ? 48  VAL A CG1 1 
ATOM   369  C CG2 . VAL A 1 48  ? 0.526   9.010   1.560   1.00 14.11 ? 48  VAL A CG2 1 
ATOM   370  N N   . GLU A 1 49  ? -1.108  11.747  -1.929  1.00 14.62 ? 49  GLU A N   1 
ATOM   371  C CA  . GLU A 1 49  ? -2.118  12.161  -2.915  1.00 15.85 ? 49  GLU A CA  1 
ATOM   372  C C   . GLU A 1 49  ? -2.971  10.942  -3.271  1.00 15.58 ? 49  GLU A C   1 
ATOM   373  O O   . GLU A 1 49  ? -4.203  11.047  -3.360  1.00 17.16 ? 49  GLU A O   1 
ATOM   374  C CB  . GLU A 1 49  ? -1.426  12.724  -4.151  1.00 18.26 ? 49  GLU A CB  1 
ATOM   375  C CG  . GLU A 1 49  ? -2.400  13.233  -5.184  1.00 21.26 ? 49  GLU A CG  1 
ATOM   376  C CD  . GLU A 1 49  ? -1.899  13.311  -6.612  1.00 31.38 ? 49  GLU A CD  1 
ATOM   377  O OE1 . GLU A 1 49  ? -0.716  13.030  -6.858  1.00 36.41 ? 49  GLU A OE1 1 
ATOM   378  O OE2 . GLU A 1 49  ? -2.731  13.646  -7.486  1.00 38.47 ? 49  GLU A OE2 1 
ATOM   379  N N   . LYS A 1 50  ? -2.334  9.822   -3.610  1.00 13.90 ? 50  LYS A N   1 
ATOM   380  C CA  . LYS A 1 50  ? -3.058  8.609   -4.013  1.00 14.38 ? 50  LYS A CA  1 
ATOM   381  C C   . LYS A 1 50  ? -2.106  7.426   -3.882  1.00 13.35 ? 50  LYS A C   1 
ATOM   382  O O   . LYS A 1 50  ? -0.876  7.634   -3.866  1.00 13.29 ? 50  LYS A O   1 
ATOM   383  C CB  . LYS A 1 50  ? -3.568  8.771   -5.448  1.00 15.51 ? 50  LYS A CB  1 
ATOM   384  C CG  . LYS A 1 50  ? -2.508  8.979   -6.498  1.00 15.36 ? 50  LYS A CG  1 
ATOM   385  C CD  . LYS A 1 50  ? -3.041  9.130   -7.903  1.00 18.10 ? 50  LYS A CD  1 
ATOM   386  C CE  . LYS A 1 50  ? -1.944  9.479   -8.875  1.00 19.97 ? 50  LYS A CE  1 
ATOM   387  N NZ  . LYS A 1 50  ? -2.497  9.930   -10.181 1.00 23.14 ? 50  LYS A NZ  1 
ATOM   388  N N   . VAL A 1 51  ? -2.692  6.239   -3.852  1.00 12.45 ? 51  VAL A N   1 
ATOM   389  C CA  . VAL A 1 51  ? -1.936  4.992   -3.942  1.00 12.85 ? 51  VAL A CA  1 
ATOM   390  C C   . VAL A 1 51  ? -2.445  4.266   -5.170  1.00 12.52 ? 51  VAL A C   1 
ATOM   391  O O   . VAL A 1 51  ? -3.661  4.120   -5.315  1.00 13.49 ? 51  VAL A O   1 
ATOM   392  C CB  . VAL A 1 51  ? -2.064  4.170   -2.663  1.00 12.72 ? 51  VAL A CB  1 
ATOM   393  C CG1 . VAL A 1 51  ? -1.330  2.852   -2.809  1.00 14.01 ? 51  VAL A CG1 1 
ATOM   394  C CG2 . VAL A 1 51  ? -1.597  4.951   -1.455  1.00 12.75 ? 51  VAL A CG2 1 
ATOM   395  N N   . VAL A 1 52  ? -1.539  3.757   -5.962  1.00 12.45 ? 52  VAL A N   1 
ATOM   396  C CA  . VAL A 1 52  ? -1.891  3.025   -7.206  1.00 13.32 ? 52  VAL A CA  1 
ATOM   397  C C   . VAL A 1 52  ? -1.346  1.623   -7.044  1.00 13.18 ? 52  VAL A C   1 
ATOM   398  O O   . VAL A 1 52  ? -0.145  1.433   -6.792  1.00 13.94 ? 52  VAL A O   1 
ATOM   399  C CB  . VAL A 1 52  ? -1.334  3.705   -8.446  1.00 15.36 ? 52  VAL A CB  1 
ATOM   400  C CG1 . VAL A 1 52  ? -1.759  2.955   -9.711  1.00 16.55 ? 52  VAL A CG1 1 
ATOM   401  C CG2 . VAL A 1 52  ? -1.750  5.177   -8.471  1.00 16.22 ? 52  VAL A CG2 1 
ATOM   402  N N   . PHE A 1 53  ? -2.248  0.670   -7.138  1.00 12.47 ? 53  PHE A N   1 
ATOM   403  C CA  . PHE A 1 53  ? -1.945  -0.773  -7.071  1.00 13.38 ? 53  PHE A CA  1 
ATOM   404  C C   . PHE A 1 53  ? -1.962  -1.339  -8.491  1.00 13.61 ? 53  PHE A C   1 
ATOM   405  O O   . PHE A 1 53  ? -3.006  -1.194  -9.204  1.00 15.12 ? 53  PHE A O   1 
ATOM   406  C CB  . PHE A 1 53  ? -2.969  -1.516  -6.212  1.00 12.71 ? 53  PHE A CB  1 
ATOM   407  C CG  . PHE A 1 53  ? -3.038  -1.029  -4.791  1.00 11.27 ? 53  PHE A CG  1 
ATOM   408  C CD1 . PHE A 1 53  ? -3.885  0.001   -4.428  1.00 13.72 ? 53  PHE A CD1 1 
ATOM   409  C CD2 . PHE A 1 53  ? -2.289  -1.630  -3.778  1.00 12.20 ? 53  PHE A CD2 1 
ATOM   410  C CE1 . PHE A 1 53  ? -3.941  0.471   -3.131  1.00 13.11 ? 53  PHE A CE1 1 
ATOM   411  C CE2 . PHE A 1 53  ? -2.407  -1.212  -2.476  1.00 13.67 ? 53  PHE A CE2 1 
ATOM   412  C CZ  . PHE A 1 53  ? -3.207  -0.141  -2.129  1.00 12.72 ? 53  PHE A CZ  1 
ATOM   413  N N   . HIS A 1 54  ? -0.877  -1.926  -8.950  1.00 12.58 ? 54  HIS A N   1 
ATOM   414  C CA  . HIS A 1 54  ? -0.771  -2.448  -10.329 1.00 13.88 ? 54  HIS A CA  1 
ATOM   415  C C   . HIS A 1 54  ? -0.941  -3.963  -10.326 1.00 14.17 ? 54  HIS A C   1 
ATOM   416  O O   . HIS A 1 54  ? -0.009  -4.681  -9.879  1.00 15.65 ? 54  HIS A O   1 
ATOM   417  C CB  . HIS A 1 54  ? 0.555   -2.038  -10.922 1.00 14.59 ? 54  HIS A CB  1 
ATOM   418  C CG  . HIS A 1 54  ? 0.667   -0.569  -11.090 1.00 14.74 ? 54  HIS A CG  1 
ATOM   419  N ND1 . HIS A 1 54  ? 0.178   0.069   -12.218 1.00 15.45 ? 54  HIS A ND1 1 
ATOM   420  C CD2 . HIS A 1 54  ? 1.192   0.388   -10.280 1.00 15.62 ? 54  HIS A CD2 1 
ATOM   421  C CE1 . HIS A 1 54  ? 0.417   1.366   -12.093 1.00 16.44 ? 54  HIS A CE1 1 
ATOM   422  N NE2 . HIS A 1 54  ? 1.031   1.598   -10.914 1.00 16.24 ? 54  HIS A NE2 1 
ATOM   423  N N   . LEU A 1 55  ? -2.145  -4.452  -10.606 1.00 13.86 ? 55  LEU A N   1 
ATOM   424  C CA  . LEU A 1 55  ? -2.404  -5.892  -10.538 1.00 14.35 ? 55  LEU A CA  1 
ATOM   425  C C   . LEU A 1 55  ? -1.810  -6.613  -11.742 1.00 13.89 ? 55  LEU A C   1 
ATOM   426  O O   . LEU A 1 55  ? -1.601  -6.013  -12.821 1.00 14.58 ? 55  LEU A O   1 
ATOM   427  C CB  . LEU A 1 55  ? -3.903  -6.151  -10.457 1.00 14.43 ? 55  LEU A CB  1 
ATOM   428  C CG  . LEU A 1 55  ? -4.655  -5.442  -9.344  1.00 16.60 ? 55  LEU A CG  1 
ATOM   429  C CD1 . LEU A 1 55  ? -6.042  -6.056  -9.172  1.00 16.16 ? 55  LEU A CD1 1 
ATOM   430  C CD2 . LEU A 1 55  ? -3.940  -5.385  -8.035  1.00 16.81 ? 55  LEU A CD2 1 
ATOM   431  N N   . HIS A 1 56  ? -1.665  -7.903  -11.576 1.00 14.22 ? 56  HIS A N   1 
ATOM   432  C CA  . HIS A 1 56  ? -1.323  -8.800  -12.701 1.00 14.47 ? 56  HIS A CA  1 
ATOM   433  C C   . HIS A 1 56  ? -2.362  -8.601  -13.804 1.00 15.51 ? 56  HIS A C   1 
ATOM   434  O O   . HIS A 1 56  ? -3.542  -8.421  -13.512 1.00 14.69 ? 56  HIS A O   1 
ATOM   435  C CB  . HIS A 1 56  ? -1.260  -10.221 -12.160 1.00 14.81 ? 56  HIS A CB  1 
ATOM   436  C CG  . HIS A 1 56  ? -0.789  -11.203 -13.156 1.00 16.03 ? 56  HIS A CG  1 
ATOM   437  N ND1 . HIS A 1 56  ? -1.651  -11.856 -14.037 1.00 16.64 ? 56  HIS A ND1 1 
ATOM   438  C CD2 . HIS A 1 56  ? 0.449   -11.663 -13.363 1.00 18.12 ? 56  HIS A CD2 1 
ATOM   439  C CE1 . HIS A 1 56  ? -0.902  -12.690 -14.743 1.00 17.77 ? 56  HIS A CE1 1 
ATOM   440  N NE2 . HIS A 1 56  ? 0.383   -12.573 -14.370 1.00 19.30 ? 56  HIS A NE2 1 
ATOM   441  N N   . GLU A 1 57  ? -1.939  -8.676  -15.072 1.00 15.48 ? 57  GLU A N   1 
ATOM   442  C CA  . GLU A 1 57  ? -2.817  -8.296  -16.195 1.00 16.35 ? 57  GLU A CA  1 
ATOM   443  C C   . GLU A 1 57  ? -3.848  -9.381  -16.522 1.00 17.64 ? 57  GLU A C   1 
ATOM   444  O O   . GLU A 1 57  ? -4.747  -9.074  -17.312 1.00 21.18 ? 57  GLU A O   1 
ATOM   445  C CB  . GLU A 1 57  ? -1.946  -7.957  -17.399 1.00 17.05 ? 57  GLU A CB  1 
ATOM   446  C CG  . GLU A 1 57  ? -1.218  -6.656  -17.219 1.00 17.23 ? 57  GLU A CG  1 
ATOM   447  C CD  . GLU A 1 57  ? -0.559  -6.162  -18.487 1.00 19.68 ? 57  GLU A CD  1 
ATOM   448  O OE1 . GLU A 1 57  ? 0.588   -5.726  -18.390 1.00 19.51 ? 57  GLU A OE1 1 
ATOM   449  O OE2 . GLU A 1 57  ? -1.214  -6.201  -19.536 1.00 24.11 ? 57  GLU A OE2 1 
ATOM   450  N N   . SER A 1 58  ? -3.876  -10.484 -15.809 1.00 17.35 ? 58  SER A N   1 
ATOM   451  C CA  . SER A 1 58  ? -5.053  -11.401 -15.809 1.00 17.40 ? 58  SER A CA  1 
ATOM   452  C C   . SER A 1 58  ? -6.278  -10.732 -15.181 1.00 18.95 ? 58  SER A C   1 
ATOM   453  O O   . SER A 1 58  ? -7.431  -11.130 -15.455 1.00 20.97 ? 58  SER A O   1 
ATOM   454  C CB  . SER A 1 58  ? -4.720  -12.685 -15.155 1.00 18.49 ? 58  SER A CB  1 
ATOM   455  O OG  . SER A 1 58  ? -4.317  -12.517 -13.790 1.00 17.25 ? 58  SER A OG  1 
ATOM   456  N N   . PHE A 1 59  ? -6.112  -9.733  -14.328 1.00 15.83 ? 59  PHE A N   1 
ATOM   457  C CA  . PHE A 1 59  ? -7.215  -9.005  -13.700 1.00 16.03 ? 59  PHE A CA  1 
ATOM   458  C C   . PHE A 1 59  ? -7.751  -7.950  -14.649 1.00 19.24 ? 59  PHE A C   1 
ATOM   459  O O   . PHE A 1 59  ? -6.997  -7.226  -15.283 1.00 20.57 ? 59  PHE A O   1 
ATOM   460  C CB  . PHE A 1 59  ? -6.776  -8.326  -12.400 1.00 14.81 ? 59  PHE A CB  1 
ATOM   461  C CG  . PHE A 1 59  ? -6.522  -9.279  -11.270 1.00 14.13 ? 59  PHE A CG  1 
ATOM   462  C CD1 . PHE A 1 59  ? -5.313  -9.923  -11.083 1.00 14.12 ? 59  PHE A CD1 1 
ATOM   463  C CD2 . PHE A 1 59  ? -7.548  -9.534  -10.393 1.00 13.70 ? 59  PHE A CD2 1 
ATOM   464  C CE1 . PHE A 1 59  ? -5.143  -10.838 -10.058 1.00 13.86 ? 59  PHE A CE1 1 
ATOM   465  C CE2 . PHE A 1 59  ? -7.368  -10.396 -9.337  1.00 13.72 ? 59  PHE A CE2 1 
ATOM   466  C CZ  . PHE A 1 59  ? -6.182  -11.064 -9.178  1.00 13.89 ? 59  PHE A CZ  1 
ATOM   467  N N   . PRO A 1 60  ? -9.068  -7.748  -14.648 1.00 20.89 ? 60  PRO A N   1 
ATOM   468  C CA  . PRO A 1 60  ? -9.628  -6.629  -15.393 1.00 21.93 ? 60  PRO A CA  1 
ATOM   469  C C   . PRO A 1 60  ? -9.226  -5.300  -14.737 1.00 22.89 ? 60  PRO A C   1 
ATOM   470  O O   . PRO A 1 60  ? -9.080  -5.215  -13.502 1.00 23.18 ? 60  PRO A O   1 
ATOM   471  C CB  . PRO A 1 60  ? -11.141 -6.816  -15.289 1.00 25.07 ? 60  PRO A CB  1 
ATOM   472  C CG  . PRO A 1 60  ? -11.369 -7.861  -14.234 1.00 25.45 ? 60  PRO A CG  1 
ATOM   473  C CD  . PRO A 1 60  ? -10.055 -8.531  -13.902 1.00 22.21 ? 60  PRO A CD  1 
ATOM   474  N N   . ARG A 1 61  ? -9.053  -4.293  -15.583 1.00 24.32 ? 61  ARG A N   1 
ATOM   475  C CA  . ARG A 1 61  ? -8.765  -2.906  -15.155 1.00 25.53 ? 61  ARG A CA  1 
ATOM   476  C C   . ARG A 1 61  ? -7.698  -2.963  -14.058 1.00 20.04 ? 61  ARG A C   1 
ATOM   477  O O   . ARG A 1 61  ? -7.924  -2.488  -12.947 1.00 21.96 ? 61  ARG A O   1 
ATOM   478  C CB  . ARG A 1 61  ? -10.014 -2.224  -14.590 1.00 29.61 ? 61  ARG A CB  1 
ATOM   479  C CG  . ARG A 1 61  ? -11.282 -2.260  -15.430 1.00 37.64 ? 61  ARG A CG  1 
ATOM   480  C CD  . ARG A 1 61  ? -12.468 -1.941  -14.518 1.00 46.28 ? 61  ARG A CD  1 
ATOM   481  N NE  . ARG A 1 61  ? -12.843 -3.046  -13.602 1.00 52.98 ? 61  ARG A NE  1 
ATOM   482  C CZ  . ARG A 1 61  ? -12.660 -3.101  -12.267 1.00 55.55 ? 61  ARG A CZ  1 
ATOM   483  N NH1 . ARG A 1 61  ? -12.088 -2.110  -11.595 1.00 53.41 ? 61  ARG A NH1 1 
ATOM   484  N NH2 . ARG A 1 61  ? -13.054 -4.178  -11.602 1.00 54.79 ? 61  ARG A NH2 1 
ATOM   485  N N   . PRO A 1 62  ? -6.498  -3.499  -14.361 1.00 16.90 ? 62  PRO A N   1 
ATOM   486  C CA  . PRO A 1 62  ? -5.530  -3.843  -13.317 1.00 17.82 ? 62  PRO A CA  1 
ATOM   487  C C   . PRO A 1 62  ? -4.888  -2.639  -12.611 1.00 17.29 ? 62  PRO A C   1 
ATOM   488  O O   . PRO A 1 62  ? -4.325  -2.824  -11.543 1.00 17.13 ? 62  PRO A O   1 
ATOM   489  C CB  . PRO A 1 62  ? -4.461  -4.653  -14.043 1.00 19.04 ? 62  PRO A CB  1 
ATOM   490  C CG  . PRO A 1 62  ? -4.563  -4.169  -15.467 1.00 19.96 ? 62  PRO A CG  1 
ATOM   491  C CD  . PRO A 1 62  ? -6.029  -3.941  -15.674 1.00 18.72 ? 62  PRO A CD  1 
ATOM   492  N N   . LYS A 1 63  ? -5.042  -1.426  -13.105 1.00 15.47 ? 63  LYS A N   1 
ATOM   493  C CA  . LYS A 1 63  ? -4.508  -0.247  -12.402 1.00 15.51 ? 63  LYS A CA  1 
ATOM   494  C C   . LYS A 1 63  ? -5.593  0.245   -11.464 1.00 16.22 ? 63  LYS A C   1 
ATOM   495  O O   . LYS A 1 63  ? -6.619  0.790   -11.922 1.00 18.69 ? 63  LYS A O   1 
ATOM   496  C CB  . LYS A 1 63  ? -4.124  0.840   -13.405 1.00 17.25 ? 63  LYS A CB  1 
ATOM   497  C CG  . LYS A 1 63  ? -3.526  2.071   -12.760 1.00 19.48 ? 63  LYS A CG  1 
ATOM   498  C CD  . LYS A 1 63  ? -2.991  3.035   -13.773 1.00 24.36 ? 63  LYS A CD  1 
ATOM   499  C CE  . LYS A 1 63  ? -3.899  4.194   -14.054 1.00 31.05 ? 63  LYS A CE  1 
ATOM   500  N NZ  . LYS A 1 63  ? -3.074  5.340   -14.506 1.00 32.99 ? 63  LYS A NZ  1 
ATOM   501  N N   . ARG A 1 64  ? -5.455  -0.046  -10.182 1.00 13.58 ? 64  ARG A N   1 
ATOM   502  C CA  . ARG A 1 64  ? -6.442  0.297   -9.147  1.00 14.47 ? 64  ARG A CA  1 
ATOM   503  C C   . ARG A 1 64  ? -5.911  1.519   -8.405  1.00 14.18 ? 64  ARG A C   1 
ATOM   504  O O   . ARG A 1 64  ? -4.899  1.423   -7.692  1.00 15.75 ? 64  ARG A O   1 
ATOM   505  C CB  . ARG A 1 64  ? -6.661  -0.920  -8.242  1.00 14.07 ? 64  ARG A CB  1 
ATOM   506  C CG  . ARG A 1 64  ? -7.056  -2.185  -8.970  1.00 14.24 ? 64  ARG A CG  1 
ATOM   507  C CD  . ARG A 1 64  ? -8.448  -2.099  -9.577  1.00 15.84 ? 64  ARG A CD  1 
ATOM   508  N NE  . ARG A 1 64  ? -8.724  -3.290  -10.367 1.00 16.41 ? 64  ARG A NE  1 
ATOM   509  C CZ  . ARG A 1 64  ? -9.215  -4.450  -9.889  1.00 17.18 ? 64  ARG A CZ  1 
ATOM   510  N NH1 . ARG A 1 64  ? -9.345  -5.479  -10.705 1.00 18.44 ? 64  ARG A NH1 1 
ATOM   511  N NH2 . ARG A 1 64  ? -9.509  -4.577  -8.620  1.00 17.55 ? 64  ARG A NH2 1 
ATOM   512  N N   . VAL A 1 65  ? -6.664  2.595   -8.410  1.00 15.19 ? 65  VAL A N   1 
ATOM   513  C CA  . VAL A 1 65  ? -6.264  3.880   -7.815  1.00 14.47 ? 65  VAL A CA  1 
ATOM   514  C C   . VAL A 1 65  ? -7.118  4.137   -6.592  1.00 17.00 ? 65  VAL A C   1 
ATOM   515  O O   . VAL A 1 65  ? -8.380  4.064   -6.670  1.00 17.49 ? 65  VAL A O   1 
ATOM   516  C CB  . VAL A 1 65  ? -6.425  5.006   -8.835  1.00 15.43 ? 65  VAL A CB  1 
ATOM   517  C CG1 . VAL A 1 65  ? -5.972  6.319   -8.229  1.00 16.86 ? 65  VAL A CG1 1 
ATOM   518  C CG2 . VAL A 1 65  ? -5.700  4.706   -10.124 1.00 17.07 ? 65  VAL A CG2 1 
ATOM   519  N N   . CYS A 1 66  ? -6.486  4.419   -5.463  1.00 14.86 ? 66  CYS A N   1 
ATOM   520  C CA  . CYS A 1 66  ? -7.193  4.910   -4.262  1.00 14.13 ? 66  CYS A CA  1 
ATOM   521  C C   . CYS A 1 66  ? -6.728  6.320   -3.960  1.00 15.17 ? 66  CYS A C   1 
ATOM   522  O O   . CYS A 1 66  ? -5.575  6.535   -3.566  1.00 14.84 ? 66  CYS A O   1 
ATOM   523  C CB  . CYS A 1 66  ? -6.903  4.036   -3.044  1.00 14.08 ? 66  CYS A CB  1 
ATOM   524  S SG  . CYS A 1 66  ? -7.543  2.365   -3.279  1.00 16.93 ? 66  CYS A SG  1 
ATOM   525  N N   . LYS A 1 67  ? -7.623  7.288   -4.131  1.00 16.93 ? 67  LYS A N   1 
ATOM   526  C CA  . LYS A 1 67  ? -7.312  8.692   -3.792  1.00 16.73 ? 67  LYS A CA  1 
ATOM   527  C C   . LYS A 1 67  ? -7.601  9.004   -2.335  1.00 17.92 ? 67  LYS A C   1 
ATOM   528  O O   . LYS A 1 67  ? -7.162  10.053  -1.867  1.00 18.78 ? 67  LYS A O   1 
ATOM   529  C CB  . LYS A 1 67  ? -8.076  9.596   -4.764  1.00 20.06 ? 67  LYS A CB  1 
ATOM   530  C CG  . LYS A 1 67  ? -7.471  9.583   -6.159  1.00 24.67 ? 67  LYS A CG  1 
ATOM   531  C CD  . LYS A 1 67  ? -8.043  10.655  -7.056  1.00 30.41 ? 67  LYS A CD  1 
ATOM   532  C CE  . LYS A 1 67  ? -7.597  10.481  -8.491  1.00 30.36 ? 67  LYS A CE  1 
ATOM   533  N NZ  . LYS A 1 67  ? -8.443  11.286  -9.404  1.00 35.18 ? 67  LYS A NZ  1 
ATOM   534  N N   . ASP A 1 68  ? -8.345  8.154   -1.653  1.00 17.60 ? 68  ASP A N   1 
ATOM   535  C CA  . ASP A 1 68  ? -8.722  8.361   -0.240  1.00 18.86 ? 68  ASP A CA  1 
ATOM   536  C C   . ASP A 1 68  ? -8.572  7.059   0.518   1.00 16.69 ? 68  ASP A C   1 
ATOM   537  O O   . ASP A 1 68  ? -8.683  6.000   -0.108  1.00 17.02 ? 68  ASP A O   1 
ATOM   538  C CB  . ASP A 1 68  ? -10.197 8.777   -0.128  1.00 21.97 ? 68  ASP A CB  1 
ATOM   539  C CG  . ASP A 1 68  ? -10.483 10.082  -0.804  1.00 25.84 ? 68  ASP A CG  1 
ATOM   540  O OD1 . ASP A 1 68  ? -9.951  11.092  -0.328  1.00 30.26 ? 68  ASP A OD1 1 
ATOM   541  O OD2 . ASP A 1 68  ? -11.228 10.066  -1.775  1.00 29.30 ? 68  ASP A OD2 1 
ATOM   542  N N   . PRO A 1 69  ? -8.393  7.095   1.838   1.00 15.83 ? 69  PRO A N   1 
ATOM   543  C CA  . PRO A 1 69  ? -8.350  5.866   2.610   1.00 15.67 ? 69  PRO A CA  1 
ATOM   544  C C   . PRO A 1 69  ? -9.714  5.198   2.621   1.00 16.63 ? 69  PRO A C   1 
ATOM   545  O O   . PRO A 1 69  ? -10.775 5.868   2.487   1.00 16.82 ? 69  PRO A O   1 
ATOM   546  C CB  . PRO A 1 69  ? -7.935  6.258   4.004   1.00 17.28 ? 69  PRO A CB  1 
ATOM   547  C CG  . PRO A 1 69  ? -8.232  7.749   4.070   1.00 19.57 ? 69  PRO A CG  1 
ATOM   548  C CD  . PRO A 1 69  ? -8.155  8.281   2.664   1.00 17.32 ? 69  PRO A CD  1 
ATOM   549  N N   . PRO A 1 70  ? -9.787  3.873   2.762   1.00 16.07 ? 70  PRO A N   1 
ATOM   550  C CA  . PRO A 1 70  ? -8.628  2.996   2.931   1.00 16.07 ? 70  PRO A CA  1 
ATOM   551  C C   . PRO A 1 70  ? -7.933  2.776   1.588   1.00 15.15 ? 70  PRO A C   1 
ATOM   552  O O   . PRO A 1 70  ? -8.594  2.656   0.526   1.00 14.58 ? 70  PRO A O   1 
ATOM   553  C CB  . PRO A 1 70  ? -9.232  1.651   3.346   1.00 15.78 ? 70  PRO A CB  1 
ATOM   554  C CG  . PRO A 1 70  ? -10.612 1.683   2.714   1.00 16.96 ? 70  PRO A CG  1 
ATOM   555  C CD  . PRO A 1 70  ? -11.054 3.132   2.715   1.00 17.51 ? 70  PRO A CD  1 
ATOM   556  N N   . TYR A 1 71  ? -6.606  2.809   1.584   1.00 12.22 ? 71  TYR A N   1 
ATOM   557  C CA  . TYR A 1 71  ? -5.817  2.548   0.364   1.00 12.32 ? 71  TYR A CA  1 
ATOM   558  C C   . TYR A 1 71  ? -5.689  1.054   0.236   1.00 11.71 ? 71  TYR A C   1 
ATOM   559  O O   . TYR A 1 71  ? -4.805  0.458   0.888   1.00 12.09 ? 71  TYR A O   1 
ATOM   560  C CB  . TYR A 1 71  ? -4.480  3.259   0.425   1.00 12.12 ? 71  TYR A CB  1 
ATOM   561  C CG  . TYR A 1 71  ? -4.561  4.727   0.722   1.00 12.60 ? 71  TYR A CG  1 
ATOM   562  C CD1 . TYR A 1 71  ? -4.930  5.633   -0.264  1.00 11.54 ? 71  TYR A CD1 1 
ATOM   563  C CD2 . TYR A 1 71  ? -4.337  5.206   1.994   1.00 14.76 ? 71  TYR A CD2 1 
ATOM   564  C CE1 . TYR A 1 71  ? -4.981  6.989   -0.002  1.00 13.41 ? 71  TYR A CE1 1 
ATOM   565  C CE2 . TYR A 1 71  ? -4.393  6.577   2.262   1.00 14.39 ? 71  TYR A CE2 1 
ATOM   566  C CZ  . TYR A 1 71  ? -4.733  7.461   1.267   1.00 13.84 ? 71  TYR A CZ  1 
ATOM   567  O OH  . TYR A 1 71  ? -4.769  8.804   1.589   1.00 15.56 ? 71  TYR A OH  1 
ATOM   568  N N   . LYS A 1 72  ? -6.583  0.406   -0.465  1.00 11.69 ? 72  LYS A N   1 
ATOM   569  C CA  . LYS A 1 72  ? -6.623  -1.069  -0.466  1.00 14.08 ? 72  LYS A CA  1 
ATOM   570  C C   . LYS A 1 72  ? -7.311  -1.576  -1.726  1.00 14.23 ? 72  LYS A C   1 
ATOM   571  O O   . LYS A 1 72  ? -8.077  -0.821  -2.390  1.00 16.03 ? 72  LYS A O   1 
ATOM   572  C CB  . LYS A 1 72  ? -7.316  -1.627  0.763   1.00 15.86 ? 72  LYS A CB  1 
ATOM   573  C CG  . LYS A 1 72  ? -8.818  -1.526  0.735   1.00 19.57 ? 72  LYS A CG  1 
ATOM   574  C CD  . LYS A 1 72  ? -9.406  -2.279  1.913   1.00 21.60 ? 72  LYS A CD  1 
ATOM   575  C CE  . LYS A 1 72  ? -10.915 -2.337  1.833   1.00 22.49 ? 72  LYS A CE  1 
ATOM   576  N NZ  . LYS A 1 72  ? -11.401 -3.179  2.937   1.00 24.85 ? 72  LYS A NZ  1 
ATOM   577  N N   . VAL A 1 73  ? -7.027  -2.809  -2.081  1.00 13.99 ? 73  VAL A N   1 
ATOM   578  C CA  . VAL A 1 73  ? -7.727  -3.559  -3.146  1.00 13.31 ? 73  VAL A CA  1 
ATOM   579  C C   . VAL A 1 73  ? -8.175  -4.866  -2.536  1.00 12.30 ? 73  VAL A C   1 
ATOM   580  O O   . VAL A 1 73  ? -7.375  -5.518  -1.845  1.00 12.21 ? 73  VAL A O   1 
ATOM   581  C CB  . VAL A 1 73  ? -6.827  -3.849  -4.334  1.00 14.56 ? 73  VAL A CB  1 
ATOM   582  C CG1 . VAL A 1 73  ? -7.513  -4.798  -5.306  1.00 14.39 ? 73  VAL A CG1 1 
ATOM   583  C CG2 . VAL A 1 73  ? -6.382  -2.592  -5.035  1.00 16.22 ? 73  VAL A CG2 1 
ATOM   584  N N   . GLU A 1 74  ? -9.421  -5.245  -2.702  1.00 13.78 ? 74  GLU A N   1 
ATOM   585  C CA  . GLU A 1 74  ? -9.974  -6.556  -2.335  1.00 14.53 ? 74  GLU A CA  1 
ATOM   586  C C   . GLU A 1 74  ? -10.254 -7.333  -3.604  1.00 12.59 ? 74  GLU A C   1 
ATOM   587  O O   . GLU A 1 74  ? -10.960 -6.756  -4.486  1.00 14.44 ? 74  GLU A O   1 
ATOM   588  C CB  . GLU A 1 74  ? -11.266 -6.431  -1.545  1.00 16.32 ? 74  GLU A CB  1 
ATOM   589  C CG  . GLU A 1 74  ? -11.107 -5.781  -0.184  1.00 21.09 ? 74  GLU A CG  1 
ATOM   590  C CD  . GLU A 1 74  ? -12.417 -5.759  0.580   1.00 29.50 ? 74  GLU A CD  1 
ATOM   591  O OE1 . GLU A 1 74  ? -13.262 -4.913  0.250   1.00 38.91 ? 74  GLU A OE1 1 
ATOM   592  O OE2 . GLU A 1 74  ? -12.593 -6.635  1.457   1.00 39.81 ? 74  GLU A OE2 1 
ATOM   593  N N   . GLU A 1 75  ? -9.718  -8.515  -3.756  1.00 13.45 ? 75  GLU A N   1 
ATOM   594  C CA  . GLU A 1 75  ? -9.868  -9.325  -4.966  1.00 12.52 ? 75  GLU A CA  1 
ATOM   595  C C   . GLU A 1 75  ? -10.044 -10.778 -4.590  1.00 11.80 ? 75  GLU A C   1 
ATOM   596  O O   . GLU A 1 75  ? -9.894  -11.192 -3.424  1.00 13.32 ? 75  GLU A O   1 
ATOM   597  C CB  . GLU A 1 75  ? -8.667  -9.139  -5.879  1.00 12.62 ? 75  GLU A CB  1 
ATOM   598  C CG  . GLU A 1 75  ? -8.943  -8.076  -6.912  1.00 13.49 ? 75  GLU A CG  1 
ATOM   599  C CD  . GLU A 1 75  ? -10.039 -8.396  -7.888  1.00 14.03 ? 75  GLU A CD  1 
ATOM   600  O OE1 . GLU A 1 75  ? -10.523 -9.520  -7.913  1.00 14.10 ? 75  GLU A OE1 1 
ATOM   601  O OE2 . GLU A 1 75  ? -10.434 -7.474  -8.613  1.00 16.55 ? 75  GLU A OE2 1 
ATOM   602  N N   . SER A 1 76  ? -10.312 -11.561 -5.617  1.00 12.75 ? 76  SER A N   1 
ATOM   603  C CA  . SER A 1 76  ? -10.241 -13.023 -5.572  1.00 12.87 ? 76  SER A CA  1 
ATOM   604  C C   . SER A 1 76  ? -9.319  -13.470 -6.697  1.00 13.16 ? 76  SER A C   1 
ATOM   605  O O   . SER A 1 76  ? -9.229  -12.789 -7.733  1.00 14.35 ? 76  SER A O   1 
ATOM   606  C CB  . SER A 1 76  ? -11.609 -13.666 -5.676  1.00 12.60 ? 76  SER A CB  1 
ATOM   607  O OG  . SER A 1 76  ? -12.435 -13.281 -4.612  1.00 15.64 ? 76  SER A OG  1 
ATOM   608  N N   . GLY A 1 77  ? -8.730  -14.637 -6.517  1.00 12.47 ? 77  GLY A N   1 
ATOM   609  C CA  . GLY A 1 77  ? -7.893  -15.228 -7.562  1.00 12.91 ? 77  GLY A CA  1 
ATOM   610  C C   . GLY A 1 77  ? -7.311  -16.535 -7.150  1.00 13.80 ? 77  GLY A C   1 
ATOM   611  O O   . GLY A 1 77  ? -7.765  -17.152 -6.173  1.00 14.42 ? 77  GLY A O   1 
ATOM   612  N N   . TYR A 1 78  ? -6.303  -16.984 -7.893  1.00 14.89 ? 78  TYR A N   1 
ATOM   613  C CA  . TYR A 1 78  ? -5.796  -18.355 -7.667  1.00 15.27 ? 78  TYR A CA  1 
ATOM   614  C C   . TYR A 1 78  ? -4.271  -18.428 -7.664  1.00 15.93 ? 78  TYR A C   1 
ATOM   615  O O   . TYR A 1 78  ? -3.742  -19.516 -7.493  1.00 17.25 ? 78  TYR A O   1 
ATOM   616  C CB  . TYR A 1 78  ? -6.369  -19.311 -8.715  1.00 17.70 ? 78  TYR A CB  1 
ATOM   617  C CG  . TYR A 1 78  ? -5.941  -19.083 -10.128 1.00 18.50 ? 78  TYR A CG  1 
ATOM   618  C CD1 . TYR A 1 78  ? -6.599  -18.231 -10.968 1.00 21.66 ? 78  TYR A CD1 1 
ATOM   619  C CD2 . TYR A 1 78  ? -4.880  -19.804 -10.630 1.00 22.44 ? 78  TYR A CD2 1 
ATOM   620  C CE1 . TYR A 1 78  ? -6.251  -18.121 -12.302 1.00 24.96 ? 78  TYR A CE1 1 
ATOM   621  C CE2 . TYR A 1 78  ? -4.475  -19.662 -11.941 1.00 22.21 ? 78  TYR A CE2 1 
ATOM   622  C CZ  . TYR A 1 78  ? -5.202  -18.857 -12.796 1.00 23.91 ? 78  TYR A CZ  1 
ATOM   623  O OH  . TYR A 1 78  ? -4.858  -18.685 -14.104 1.00 27.06 ? 78  TYR A OH  1 
ATOM   624  N N   . ALA A 1 79  ? -3.564  -17.312 -7.769  1.00 13.84 ? 79  ALA A N   1 
ATOM   625  C CA  . ALA A 1 79  ? -2.093  -17.368 -7.701  1.00 14.49 ? 79  ALA A CA  1 
ATOM   626  C C   . ALA A 1 79  ? -1.591  -16.017 -7.203  1.00 14.40 ? 79  ALA A C   1 
ATOM   627  O O   . ALA A 1 79  ? -2.196  -14.969 -7.494  1.00 14.40 ? 79  ALA A O   1 
ATOM   628  C CB  . ALA A 1 79  ? -1.501  -17.649 -9.050  1.00 15.52 ? 79  ALA A CB  1 
ATOM   629  N N   . GLY A 1 80  ? -0.497  -16.078 -6.473  1.00 14.94 ? 80  GLY A N   1 
ATOM   630  C CA  . GLY A 1 80  ? 0.177   -14.863 -6.031  1.00 14.32 ? 80  GLY A CA  1 
ATOM   631  C C   . GLY A 1 80  ? 1.033   -14.260 -7.117  1.00 14.08 ? 80  GLY A C   1 
ATOM   632  O O   . GLY A 1 80  ? 1.252   -14.863 -8.185  1.00 14.89 ? 80  GLY A O   1 
ATOM   633  N N   . PHE A 1 81  ? 1.558   -13.082 -6.837  1.00 12.48 ? 81  PHE A N   1 
ATOM   634  C CA  . PHE A 1 81  ? 2.367   -12.341 -7.808  1.00 11.95 ? 81  PHE A CA  1 
ATOM   635  C C   . PHE A 1 81  ? 3.010   -11.162 -7.105  1.00 13.04 ? 81  PHE A C   1 
ATOM   636  O O   . PHE A 1 81  ? 2.638   -10.775 -5.996  1.00 13.23 ? 81  PHE A O   1 
ATOM   637  C CB  . PHE A 1 81  ? 1.530   -11.914 -9.030  1.00 12.52 ? 81  PHE A CB  1 
ATOM   638  C CG  . PHE A 1 81  ? 0.340   -11.036 -8.718  1.00 13.63 ? 81  PHE A CG  1 
ATOM   639  C CD1 . PHE A 1 81  ? -0.861  -11.610 -8.323  1.00 13.09 ? 81  PHE A CD1 1 
ATOM   640  C CD2 . PHE A 1 81  ? 0.436   -9.660  -8.770  1.00 13.03 ? 81  PHE A CD2 1 
ATOM   641  C CE1 . PHE A 1 81  ? -1.947  -10.812 -7.989  1.00 14.35 ? 81  PHE A CE1 1 
ATOM   642  C CE2 . PHE A 1 81  ? -0.644  -8.871  -8.446  1.00 13.32 ? 81  PHE A CE2 1 
ATOM   643  C CZ  . PHE A 1 81  ? -1.820  -9.445  -8.088  1.00 15.33 ? 81  PHE A CZ  1 
ATOM   644  N N   . ILE A 1 82  ? 3.953   -10.569 -7.808  1.00 13.29 ? 82  ILE A N   1 
ATOM   645  C CA  . ILE A 1 82  ? 4.595   -9.318  -7.347  1.00 13.50 ? 82  ILE A CA  1 
ATOM   646  C C   . ILE A 1 82  ? 3.737   -8.168  -7.849  1.00 13.03 ? 82  ILE A C   1 
ATOM   647  O O   . ILE A 1 82  ? 3.485   -8.038  -9.054  1.00 14.79 ? 82  ILE A O   1 
ATOM   648  C CB  . ILE A 1 82  ? 6.053   -9.224  -7.818  1.00 13.42 ? 82  ILE A CB  1 
ATOM   649  C CG1 . ILE A 1 82  ? 6.879   -10.433 -7.383  1.00 14.29 ? 82  ILE A CG1 1 
ATOM   650  C CG2 . ILE A 1 82  ? 6.657   -7.912  -7.361  1.00 14.36 ? 82  ILE A CG2 1 
ATOM   651  C CD1 . ILE A 1 82  ? 6.968   -10.631 -5.945  1.00 16.91 ? 82  ILE A CD1 1 
ATOM   652  N N   . LEU A 1 83  ? 3.302   -7.326  -6.933  1.00 12.60 ? 83  LEU A N   1 
ATOM   653  C CA  . LEU A 1 83  ? 2.295   -6.268  -7.131  1.00 12.30 ? 83  LEU A CA  1 
ATOM   654  C C   . LEU A 1 83  ? 2.967   -4.912  -6.906  1.00 12.24 ? 83  LEU A C   1 
ATOM   655  O O   . LEU A 1 83  ? 3.217   -4.538  -5.749  1.00 13.46 ? 83  LEU A O   1 
ATOM   656  C CB  . LEU A 1 83  ? 1.188   -6.549  -6.118  1.00 13.73 ? 83  LEU A CB  1 
ATOM   657  C CG  . LEU A 1 83  ? -0.148  -5.869  -6.399  1.00 15.07 ? 83  LEU A CG  1 
ATOM   658  C CD1 . LEU A 1 83  ? -1.270  -6.520  -5.583  1.00 14.95 ? 83  LEU A CD1 1 
ATOM   659  C CD2 . LEU A 1 83  ? -0.102  -4.392  -6.095  1.00 16.29 ? 83  LEU A CD2 1 
ATOM   660  N N   . PRO A 1 84  ? 3.290   -4.165  -7.973  1.00 12.63 ? 84  PRO A N   1 
ATOM   661  C CA  . PRO A 1 84  ? 3.871   -2.840  -7.791  1.00 12.77 ? 84  PRO A CA  1 
ATOM   662  C C   . PRO A 1 84  ? 2.821   -1.929  -7.138  1.00 12.56 ? 84  PRO A C   1 
ATOM   663  O O   . PRO A 1 84  ? 1.669   -1.844  -7.596  1.00 12.97 ? 84  PRO A O   1 
ATOM   664  C CB  . PRO A 1 84  ? 4.208   -2.362  -9.178  1.00 13.03 ? 84  PRO A CB  1 
ATOM   665  C CG  . PRO A 1 84  ? 4.345   -3.669  -9.953  1.00 14.43 ? 84  PRO A CG  1 
ATOM   666  C CD  . PRO A 1 84  ? 3.277   -4.575  -9.386  1.00 13.65 ? 84  PRO A CD  1 
ATOM   667  N N   . ILE A 1 85  ? 3.242   -1.191  -6.122  1.00 12.67 ? 85  ILE A N   1 
ATOM   668  C CA  . ILE A 1 85  ? 2.410   -0.224  -5.364  1.00 11.41 ? 85  ILE A CA  1 
ATOM   669  C C   . ILE A 1 85  ? 3.142   1.096   -5.445  1.00 12.49 ? 85  ILE A C   1 
ATOM   670  O O   . ILE A 1 85  ? 4.311   1.189   -5.041  1.00 13.28 ? 85  ILE A O   1 
ATOM   671  C CB  . ILE A 1 85  ? 2.251   -0.623  -3.911  1.00 12.60 ? 85  ILE A CB  1 
ATOM   672  C CG1 . ILE A 1 85  ? 1.573   -1.984  -3.781  1.00 13.35 ? 85  ILE A CG1 1 
ATOM   673  C CG2 . ILE A 1 85  ? 1.461   0.435   -3.152  1.00 13.89 ? 85  ILE A CG2 1 
ATOM   674  C CD1 . ILE A 1 85  ? 1.469   -2.481  -2.366  1.00 14.42 ? 85  ILE A CD1 1 
ATOM   675  N N   A GLU A 1 86  ? 2.487   2.086   -6.020  0.50 11.83 ? 86  GLU A N   1 
ATOM   676  N N   B GLU A 1 86  ? 2.502   2.113   -5.994  0.50 12.67 ? 86  GLU A N   1 
ATOM   677  C CA  A GLU A 1 86  ? 3.016   3.464   -6.069  0.50 11.86 ? 86  GLU A CA  1 
ATOM   678  C CA  B GLU A 1 86  ? 3.126   3.455   -6.065  0.50 13.10 ? 86  GLU A CA  1 
ATOM   679  C C   A GLU A 1 86  ? 2.286   4.309   -5.035  0.50 11.99 ? 86  GLU A C   1 
ATOM   680  C C   B GLU A 1 86  ? 2.340   4.420   -5.180  0.50 12.99 ? 86  GLU A C   1 
ATOM   681  O O   A GLU A 1 86  ? 1.034   4.315   -4.996  0.50 12.20 ? 86  GLU A O   1 
ATOM   682  O O   B GLU A 1 86  ? 1.118   4.620   -5.397  0.50 13.92 ? 86  GLU A O   1 
ATOM   683  C CB  A GLU A 1 86  ? 2.821   4.061   -7.455  0.50 12.31 ? 86  GLU A CB  1 
ATOM   684  C CB  B GLU A 1 86  ? 3.222   3.917   -7.512  0.50 14.79 ? 86  GLU A CB  1 
ATOM   685  C CG  A GLU A 1 86  ? 3.714   3.418   -8.484  0.50 13.34 ? 86  GLU A CG  1 
ATOM   686  C CG  B GLU A 1 86  ? 4.187   3.073   -8.309  0.50 16.83 ? 86  GLU A CG  1 
ATOM   687  C CD  A GLU A 1 86  ? 3.453   3.893   -9.900  0.50 12.82 ? 86  GLU A CD  1 
ATOM   688  C CD  B GLU A 1 86  ? 4.635   3.751   -9.585  0.50 18.88 ? 86  GLU A CD  1 
ATOM   689  O OE1 A GLU A 1 86  ? 2.268   3.963   -10.290 0.50 15.86 ? 86  GLU A OE1 1 
ATOM   690  O OE1 B GLU A 1 86  ? 3.843   4.570   -10.134 0.50 23.25 ? 86  GLU A OE1 1 
ATOM   691  O OE2 A GLU A 1 86  ? 4.475   4.332   -10.555 0.50 15.23 ? 86  GLU A OE2 1 
ATOM   692  O OE2 B GLU A 1 86  ? 5.748   3.480   -10.018 0.50 20.33 ? 86  GLU A OE2 1 
ATOM   693  N N   . VAL A 1 87  ? 3.065   5.026   -4.240  1.00 12.07 ? 87  VAL A N   1 
ATOM   694  C CA  . VAL A 1 87  ? 2.524   5.994   -3.267  1.00 12.54 ? 87  VAL A CA  1 
ATOM   695  C C   . VAL A 1 87  ? 2.951   7.372   -3.784  1.00 12.67 ? 87  VAL A C   1 
ATOM   696  O O   . VAL A 1 87  ? 4.154   7.632   -3.843  1.00 13.24 ? 87  VAL A O   1 
ATOM   697  C CB  . VAL A 1 87  ? 3.004   5.701   -1.848  1.00 12.72 ? 87  VAL A CB  1 
ATOM   698  C CG1 . VAL A 1 87  ? 2.436   6.722   -0.897  1.00 13.45 ? 87  VAL A CG1 1 
ATOM   699  C CG2 . VAL A 1 87  ? 2.672   4.288   -1.432  1.00 12.88 ? 87  VAL A CG2 1 
ATOM   700  N N   . TYR A 1 88  ? 1.985   8.162   -4.211  1.00 12.50 ? 88  TYR A N   1 
ATOM   701  C CA  . TYR A 1 88  ? 2.224   9.527   -4.715  1.00 12.82 ? 88  TYR A CA  1 
ATOM   702  C C   . TYR A 1 88  ? 2.080   10.520  -3.579  1.00 12.40 ? 88  TYR A C   1 
ATOM   703  O O   . TYR A 1 88  ? 1.159   10.406  -2.790  1.00 13.99 ? 88  TYR A O   1 
ATOM   704  C CB  . TYR A 1 88  ? 1.214   9.873   -5.796  1.00 13.73 ? 88  TYR A CB  1 
ATOM   705  C CG  . TYR A 1 88  ? 1.467   9.206   -7.118  1.00 15.13 ? 88  TYR A CG  1 
ATOM   706  C CD1 . TYR A 1 88  ? 1.171   7.878   -7.360  1.00 16.38 ? 88  TYR A CD1 1 
ATOM   707  C CD2 . TYR A 1 88  ? 1.951   9.946   -8.181  1.00 18.51 ? 88  TYR A CD2 1 
ATOM   708  C CE1 . TYR A 1 88  ? 1.408   7.271   -8.586  1.00 17.97 ? 88  TYR A CE1 1 
ATOM   709  C CE2 . TYR A 1 88  ? 2.219   9.357   -9.405  1.00 19.93 ? 88  TYR A CE2 1 
ATOM   710  C CZ  . TYR A 1 88  ? 1.929   8.028   -9.606  1.00 19.56 ? 88  TYR A CZ  1 
ATOM   711  O OH  . TYR A 1 88  ? 2.148   7.445   -10.815 1.00 24.08 ? 88  TYR A OH  1 
ATOM   712  N N   . PHE A 1 89  ? 3.016   11.449  -3.499  1.00 13.32 ? 89  PHE A N   1 
ATOM   713  C CA  . PHE A 1 89  ? 3.077   12.438  -2.411  1.00 14.48 ? 89  PHE A CA  1 
ATOM   714  C C   . PHE A 1 89  ? 2.530   13.771  -2.891  1.00 16.86 ? 89  PHE A C   1 
ATOM   715  O O   . PHE A 1 89  ? 2.717   14.151  -4.041  1.00 17.05 ? 89  PHE A O   1 
ATOM   716  C CB  . PHE A 1 89  ? 4.504   12.635  -1.940  1.00 14.25 ? 89  PHE A CB  1 
ATOM   717  C CG  . PHE A 1 89  ? 5.255   11.382  -1.598  1.00 14.84 ? 89  PHE A CG  1 
ATOM   718  C CD1 . PHE A 1 89  ? 4.682   10.459  -0.750  1.00 14.55 ? 89  PHE A CD1 1 
ATOM   719  C CD2 . PHE A 1 89  ? 6.512   11.121  -2.130  1.00 14.80 ? 89  PHE A CD2 1 
ATOM   720  C CE1 . PHE A 1 89  ? 5.351   9.291   -0.434  1.00 16.20 ? 89  PHE A CE1 1 
ATOM   721  C CE2 . PHE A 1 89  ? 7.179   9.959   -1.804  1.00 16.08 ? 89  PHE A CE2 1 
ATOM   722  C CZ  . PHE A 1 89  ? 6.598   9.049   -0.964  1.00 15.34 ? 89  PHE A CZ  1 
ATOM   723  N N   . LYS A 1 90  ? 1.996   14.524  -1.929  1.00 16.55 ? 90  LYS A N   1 
ATOM   724  C CA  . LYS A 1 90  ? 1.543   15.916  -2.150  1.00 16.87 ? 90  LYS A CA  1 
ATOM   725  C C   . LYS A 1 90  ? 2.748   16.846  -2.018  1.00 18.33 ? 90  LYS A C   1 
ATOM   726  O O   . LYS A 1 90  ? 2.692   17.757  -1.200  1.00 19.40 ? 90  LYS A O   1 
ATOM   727  C CB  . LYS A 1 90  ? 0.455   16.271  -1.143  1.00 18.38 ? 90  LYS A CB  1 
ATOM   728  C CG  . LYS A 1 90  ? -0.771  15.389  -1.179  1.00 18.16 ? 90  LYS A CG  1 
ATOM   729  C CD  . LYS A 1 90  ? -1.812  15.707  -0.107  1.00 19.68 ? 90  LYS A CD  1 
ATOM   730  C CE  . LYS A 1 90  ? -3.130  15.006  -0.319  1.00 21.99 ? 90  LYS A CE  1 
ATOM   731  N NZ  . LYS A 1 90  ? -4.047  15.219  0.820   1.00 24.43 ? 90  LYS A NZ  1 
ATOM   732  N N   . ASN A 1 91  ? 3.813   16.585  -2.767  1.00 18.04 ? 91  ASN A N   1 
ATOM   733  C CA  . ASN A 1 91  ? 5.156   17.210  -2.697  1.00 19.48 ? 91  ASN A CA  1 
ATOM   734  C C   . ASN A 1 91  ? 5.405   17.840  -4.069  1.00 26.07 ? 91  ASN A C   1 
ATOM   735  O O   . ASN A 1 91  ? 5.071   17.200  -5.065  1.00 30.79 ? 91  ASN A O   1 
ATOM   736  C CB  . ASN A 1 91  ? 6.217   16.162  -2.378  1.00 23.32 ? 91  ASN A CB  1 
ATOM   737  C CG  . ASN A 1 91  ? 7.609   16.706  -2.108  1.00 24.52 ? 91  ASN A CG  1 
ATOM   738  O OD1 . ASN A 1 91  ? 7.800   17.912  -1.930  1.00 23.80 ? 91  ASN A OD1 1 
ATOM   739  N ND2 . ASN A 1 91  ? 8.589   15.814  -2.023  1.00 24.02 ? 91  ASN A ND2 1 
ATOM   740  N N   . LYS A 1 92  ? 6.039   19.005  -4.130  1.00 22.63 ? 92  LYS A N   1 
ATOM   741  C CA  . LYS A 1 92  ? 6.426   19.607  -5.442  1.00 25.23 ? 92  LYS A CA  1 
ATOM   742  C C   . LYS A 1 92  ? 7.879   19.288  -5.802  1.00 25.15 ? 92  LYS A C   1 
ATOM   743  O O   . LYS A 1 92  ? 8.271   19.582  -6.938  1.00 31.66 ? 92  LYS A O   1 
ATOM   744  C CB  . LYS A 1 92  ? 6.216   21.117  -5.404  1.00 28.52 ? 92  LYS A CB  1 
ATOM   745  C CG  . LYS A 1 92  ? 4.761   21.545  -5.367  1.00 32.14 ? 92  LYS A CG  1 
ATOM   746  C CD  . LYS A 1 92  ? 4.617   23.044  -5.584  1.00 36.74 ? 92  LYS A CD  1 
ATOM   747  C CE  . LYS A 1 92  ? 3.390   23.674  -4.956  1.00 43.89 ? 92  LYS A CE  1 
ATOM   748  N NZ  . LYS A 1 92  ? 2.180   22.841  -5.140  1.00 47.67 ? 92  LYS A NZ  1 
ATOM   749  N N   A GLU A 1 93  ? 8.657   18.732  -4.884  0.50 26.28 ? 93  GLU A N   1 
ATOM   750  N N   B GLU A 1 93  ? 8.682   18.799  -4.859  0.50 24.07 ? 93  GLU A N   1 
ATOM   751  C CA  A GLU A 1 93  ? 10.086  18.425  -5.128  0.50 26.20 ? 93  GLU A CA  1 
ATOM   752  C CA  B GLU A 1 93  ? 10.120  18.475  -5.071  0.50 22.71 ? 93  GLU A CA  1 
ATOM   753  C C   A GLU A 1 93  ? 10.265  16.913  -5.032  0.50 25.14 ? 93  GLU A C   1 
ATOM   754  C C   B GLU A 1 93  ? 10.205  16.948  -5.210  0.50 23.37 ? 93  GLU A C   1 
ATOM   755  O O   A GLU A 1 93  ? 9.368   16.208  -4.515  0.50 22.88 ? 93  GLU A O   1 
ATOM   756  O O   B GLU A 1 93  ? 9.142   16.267  -5.087  0.50 22.51 ? 93  GLU A O   1 
ATOM   757  C CB  A GLU A 1 93  ? 10.974  19.200  -4.153  0.50 29.17 ? 93  GLU A CB  1 
ATOM   758  C CB  B GLU A 1 93  ? 10.963  19.120  -3.957  0.50 22.93 ? 93  GLU A CB  1 
ATOM   759  C CG  A GLU A 1 93  ? 11.249  18.492  -2.843  0.50 29.06 ? 93  GLU A CG  1 
ATOM   760  C CG  B GLU A 1 93  ? 11.019  20.656  -4.057  0.50 20.65 ? 93  GLU A CG  1 
ATOM   761  C CD  A GLU A 1 93  ? 12.057  19.328  -1.862  0.50 27.93 ? 93  GLU A CD  1 
ATOM   762  C CD  B GLU A 1 93  ? 12.056  21.386  -3.216  0.50 20.58 ? 93  GLU A CD  1 
ATOM   763  O OE1 A GLU A 1 93  ? 12.499  20.416  -2.272  0.50 33.16 ? 93  GLU A OE1 1 
ATOM   764  O OE1 B GLU A 1 93  ? 12.160  22.631  -3.325  0.50 20.51 ? 93  GLU A OE1 1 
ATOM   765  O OE2 A GLU A 1 93  ? 12.229  18.896  -0.687  0.50 25.13 ? 93  GLU A OE2 1 
ATOM   766  O OE2 B GLU A 1 93  ? 12.741  20.740  -2.443  0.50 22.77 ? 93  GLU A OE2 1 
ATOM   767  N N   . GLU A 1 94  ? 11.397  16.426  -5.513  1.00 21.70 ? 94  GLU A N   1 
ATOM   768  C CA  . GLU A 1 94  ? 11.682  14.988  -5.518  1.00 19.50 ? 94  GLU A CA  1 
ATOM   769  C C   . GLU A 1 94  ? 11.943  14.540  -4.091  1.00 19.89 ? 94  GLU A C   1 
ATOM   770  O O   . GLU A 1 94  ? 12.523  15.278  -3.298  1.00 22.39 ? 94  GLU A O   1 
ATOM   771  C CB  . GLU A 1 94  ? 12.924  14.706  -6.365  1.00 17.85 ? 94  GLU A CB  1 
ATOM   772  C CG  . GLU A 1 94  ? 12.693  14.927  -7.837  1.00 17.71 ? 94  GLU A CG  1 
ATOM   773  C CD  . GLU A 1 94  ? 13.839  14.514  -8.759  1.00 17.39 ? 94  GLU A CD  1 
ATOM   774  O OE1 . GLU A 1 94  ? 14.995  14.306  -8.262  1.00 17.58 ? 94  GLU A OE1 1 
ATOM   775  O OE2 . GLU A 1 94  ? 13.576  14.454  -10.001 1.00 17.55 ? 94  GLU A OE2 1 
ATOM   776  N N   . PRO A 1 95  ? 11.547  13.310  -3.700  1.00 19.49 ? 95  PRO A N   1 
ATOM   777  C CA  . PRO A 1 95  ? 10.754  12.420  -4.538  1.00 20.80 ? 95  PRO A CA  1 
ATOM   778  C C   . PRO A 1 95  ? 9.256   12.761  -4.600  1.00 18.13 ? 95  PRO A C   1 
ATOM   779  O O   . PRO A 1 95  ? 8.679   13.144  -3.573  1.00 20.48 ? 95  PRO A O   1 
ATOM   780  C CB  . PRO A 1 95  ? 10.986  11.057  -3.874  1.00 22.46 ? 95  PRO A CB  1 
ATOM   781  C CG  . PRO A 1 95  ? 11.260  11.368  -2.439  1.00 22.86 ? 95  PRO A CG  1 
ATOM   782  C CD  . PRO A 1 95  ? 11.986  12.692  -2.442  1.00 20.48 ? 95  PRO A CD  1 
ATOM   783  N N   . ARG A 1 96  ? 8.668   12.629  -5.783  1.00 18.35 ? 96  ARG A N   1 
ATOM   784  C CA  . ARG A 1 96  ? 7.232   12.872  -6.041  1.00 18.60 ? 96  ARG A CA  1 
ATOM   785  C C   . ARG A 1 96  ? 6.399   11.632  -5.676  1.00 17.33 ? 96  ARG A C   1 
ATOM   786  O O   . ARG A 1 96  ? 5.216   11.745  -5.434  1.00 16.00 ? 96  ARG A O   1 
ATOM   787  C CB  . ARG A 1 96  ? 7.004   13.238  -7.499  1.00 24.02 ? 96  ARG A CB  1 
ATOM   788  C CG  . ARG A 1 96  ? 7.793   14.480  -7.899  1.00 31.67 ? 96  ARG A CG  1 
ATOM   789  C CD  . ARG A 1 96  ? 7.144   15.734  -7.312  1.00 36.30 ? 96  ARG A CD  1 
ATOM   790  N NE  . ARG A 1 96  ? 7.506   16.908  -8.079  1.00 45.48 ? 96  ARG A NE  1 
ATOM   791  C CZ  . ARG A 1 96  ? 6.975   17.229  -9.253  1.00 51.18 ? 96  ARG A CZ  1 
ATOM   792  N NH1 . ARG A 1 96  ? 6.020   16.483  -9.791  1.00 54.60 ? 96  ARG A NH1 1 
ATOM   793  N NH2 . ARG A 1 96  ? 7.400   18.309  -9.882  1.00 55.64 ? 96  ARG A NH2 1 
ATOM   794  N N   . LYS A 1 97  ? 7.031   10.467  -5.692  1.00 15.87 ? 97  LYS A N   1 
ATOM   795  C CA  . LYS A 1 97  ? 6.339   9.188   -5.455  1.00 15.18 ? 97  LYS A CA  1 
ATOM   796  C C   . LYS A 1 97  ? 7.407   8.200   -5.024  1.00 14.10 ? 97  LYS A C   1 
ATOM   797  O O   . LYS A 1 97  ? 8.607   8.411   -5.268  1.00 15.62 ? 97  LYS A O   1 
ATOM   798  C CB  . LYS A 1 97  ? 5.543   8.751   -6.683  1.00 18.26 ? 97  LYS A CB  1 
ATOM   799  C CG  . LYS A 1 97  ? 6.361   8.260   -7.858  1.00 20.46 ? 97  LYS A CG  1 
ATOM   800  C CD  . LYS A 1 97  ? 5.462   7.634   -8.914  1.00 22.15 ? 97  LYS A CD  1 
ATOM   801  C CE  . LYS A 1 97  ? 6.238   7.168   -10.127 1.00 23.17 ? 97  LYS A CE  1 
ATOM   802  N NZ  . LYS A 1 97  ? 5.339   6.992   -11.298 1.00 25.14 ? 97  LYS A NZ  1 
ATOM   803  N N   . VAL A 1 98  ? 6.953   7.053   -4.560  1.00 13.38 ? 98  VAL A N   1 
ATOM   804  C CA  . VAL A 1 98  ? 7.853   5.912   -4.280  1.00 13.31 ? 98  VAL A CA  1 
ATOM   805  C C   . VAL A 1 98  ? 7.124   4.671   -4.803  1.00 13.61 ? 98  VAL A C   1 
ATOM   806  O O   . VAL A 1 98  ? 5.903   4.561   -4.639  1.00 13.69 ? 98  VAL A O   1 
ATOM   807  C CB  . VAL A 1 98  ? 8.183   5.752   -2.800  1.00 15.03 ? 98  VAL A CB  1 
ATOM   808  C CG1 . VAL A 1 98  ? 6.944   5.636   -1.954  1.00 15.24 ? 98  VAL A CG1 1 
ATOM   809  C CG2 . VAL A 1 98  ? 9.141   4.622   -2.599  1.00 15.41 ? 98  VAL A CG2 1 
ATOM   810  N N   . ARG A 1 99  ? 7.877   3.747   -5.357  1.00 13.20 ? 99  ARG A N   1 
ATOM   811  C CA  . ARG A 1 99  ? 7.343   2.451   -5.809  1.00 12.57 ? 99  ARG A CA  1 
ATOM   812  C C   . ARG A 1 99  ? 7.862   1.369   -4.887  1.00 13.29 ? 99  ARG A C   1 
ATOM   813  O O   . ARG A 1 99  ? 9.096   1.277   -4.617  1.00 16.32 ? 99  ARG A O   1 
ATOM   814  C CB  . ARG A 1 99  ? 7.794   2.186   -7.240  1.00 13.61 ? 99  ARG A CB  1 
ATOM   815  C CG  . ARG A 1 99  ? 7.460   0.795   -7.735  1.00 13.90 ? 99  ARG A CG  1 
ATOM   816  C CD  . ARG A 1 99  ? 7.844   0.617   -9.191  1.00 14.90 ? 99  ARG A CD  1 
ATOM   817  N NE  . ARG A 1 99  ? 7.766   -0.781  -9.550  1.00 14.78 ? 99  ARG A NE  1 
ATOM   818  C CZ  . ARG A 1 99  ? 7.623   -1.284  -10.764 1.00 15.06 ? 99  ARG A CZ  1 
ATOM   819  N NH1 . ARG A 1 99  ? 7.444   -0.479  -11.793 1.00 16.33 ? 99  ARG A NH1 1 
ATOM   820  N NH2 . ARG A 1 99  ? 7.563   -2.592  -10.898 1.00 15.89 ? 99  ARG A NH2 1 
ATOM   821  N N   . PHE A 1 100 ? 6.980   0.489   -4.488  1.00 11.90 ? 100 PHE A N   1 
ATOM   822  C CA  . PHE A 1 100 ? 7.312   -0.729  -3.743  1.00 13.11 ? 100 PHE A CA  1 
ATOM   823  C C   . PHE A 1 100 ? 6.820   -1.910  -4.559  1.00 15.04 ? 100 PHE A C   1 
ATOM   824  O O   . PHE A 1 100 ? 5.675   -1.874  -5.011  1.00 17.30 ? 100 PHE A O   1 
ATOM   825  C CB  . PHE A 1 100 ? 6.597   -0.772  -2.395  1.00 14.21 ? 100 PHE A CB  1 
ATOM   826  C CG  . PHE A 1 100 ? 6.889   0.427   -1.533  1.00 15.07 ? 100 PHE A CG  1 
ATOM   827  C CD1 . PHE A 1 100 ? 8.088   0.535   -0.868  1.00 16.43 ? 100 PHE A CD1 1 
ATOM   828  C CD2 . PHE A 1 100 ? 5.941   1.420   -1.360  1.00 16.30 ? 100 PHE A CD2 1 
ATOM   829  C CE1 . PHE A 1 100 ? 8.330   1.648   -0.063  1.00 17.01 ? 100 PHE A CE1 1 
ATOM   830  C CE2 . PHE A 1 100 ? 6.204   2.538   -0.580  1.00 17.21 ? 100 PHE A CE2 1 
ATOM   831  C CZ  . PHE A 1 100 ? 7.375   2.605   0.098   1.00 15.93 ? 100 PHE A CZ  1 
ATOM   832  N N   . ASP A 1 101 ? 7.620   -2.941  -4.698  1.00 12.62 ? 101 ASP A N   1 
ATOM   833  C CA  . ASP A 1 101 ? 7.213   -4.169  -5.388  1.00 12.51 ? 101 ASP A CA  1 
ATOM   834  C C   . ASP A 1 101 ? 6.812   -5.147  -4.314  1.00 12.16 ? 101 ASP A C   1 
ATOM   835  O O   . ASP A 1 101 ? 7.694   -5.692  -3.608  1.00 14.52 ? 101 ASP A O   1 
ATOM   836  C CB  . ASP A 1 101 ? 8.286   -4.643  -6.361  1.00 12.12 ? 101 ASP A CB  1 
ATOM   837  C CG  . ASP A 1 101 ? 8.213   -3.771  -7.603  1.00 14.05 ? 101 ASP A CG  1 
ATOM   838  O OD1 . ASP A 1 101 ? 8.712   -2.623  -7.560  1.00 16.04 ? 101 ASP A OD1 1 
ATOM   839  O OD2 . ASP A 1 101 ? 7.623   -4.223  -8.600  1.00 16.62 ? 101 ASP A OD2 1 
ATOM   840  N N   . TYR A 1 102 ? 5.528   -5.324  -4.109  1.00 11.82 ? 102 TYR A N   1 
ATOM   841  C CA  . TYR A 1 102 ? 4.968   -6.041  -2.943  1.00 12.25 ? 102 TYR A CA  1 
ATOM   842  C C   . TYR A 1 102 ? 4.775   -7.525  -3.296  1.00 12.13 ? 102 TYR A C   1 
ATOM   843  O O   . TYR A 1 102 ? 4.171   -7.842  -4.303  1.00 13.86 ? 102 TYR A O   1 
ATOM   844  C CB  . TYR A 1 102 ? 3.669   -5.366  -2.493  1.00 12.54 ? 102 TYR A CB  1 
ATOM   845  C CG  . TYR A 1 102 ? 3.182   -6.012  -1.224  1.00 12.57 ? 102 TYR A CG  1 
ATOM   846  C CD1 . TYR A 1 102 ? 3.662   -5.610  -0.001  1.00 13.04 ? 102 TYR A CD1 1 
ATOM   847  C CD2 . TYR A 1 102 ? 2.309   -7.074  -1.247  1.00 12.74 ? 102 TYR A CD2 1 
ATOM   848  C CE1 . TYR A 1 102 ? 3.296   -6.241  1.168   1.00 13.27 ? 102 TYR A CE1 1 
ATOM   849  C CE2 . TYR A 1 102 ? 1.941   -7.737  -0.092  1.00 13.47 ? 102 TYR A CE2 1 
ATOM   850  C CZ  . TYR A 1 102 ? 2.451   -7.320  1.132   1.00 12.61 ? 102 TYR A CZ  1 
ATOM   851  O OH  . TYR A 1 102 ? 2.169   -7.964  2.300   1.00 12.91 ? 102 TYR A OH  1 
ATOM   852  N N   . ASP A 1 103 ? 5.251   -8.427  -2.450  1.00 12.69 ? 103 ASP A N   1 
ATOM   853  C CA  . ASP A 1 103 ? 5.098   -9.892  -2.643  1.00 13.11 ? 103 ASP A CA  1 
ATOM   854  C C   . ASP A 1 103 ? 3.741   -10.347 -2.140  1.00 12.79 ? 103 ASP A C   1 
ATOM   855  O O   . ASP A 1 103 ? 3.578   -10.644 -0.958  1.00 14.06 ? 103 ASP A O   1 
ATOM   856  C CB  . ASP A 1 103 ? 6.223   -10.603 -1.920  1.00 14.80 ? 103 ASP A CB  1 
ATOM   857  C CG  . ASP A 1 103 ? 6.248   -12.081 -2.182  1.00 18.58 ? 103 ASP A CG  1 
ATOM   858  O OD1 . ASP A 1 103 ? 5.436   -12.544 -2.973  1.00 18.72 ? 103 ASP A OD1 1 
ATOM   859  O OD2 . ASP A 1 103 ? 7.044   -12.727 -1.494  1.00 25.55 ? 103 ASP A OD2 1 
ATOM   860  N N   . LEU A 1 104 ? 2.761   -10.373 -3.042  1.00 12.36 ? 104 LEU A N   1 
ATOM   861  C CA  . LEU A 1 104 ? 1.397   -10.835 -2.721  1.00 12.41 ? 104 LEU A CA  1 
ATOM   862  C C   . LEU A 1 104 ? 1.352   -12.354 -2.881  1.00 13.23 ? 104 LEU A C   1 
ATOM   863  O O   . LEU A 1 104 ? 0.985   -12.847 -3.937  1.00 14.96 ? 104 LEU A O   1 
ATOM   864  C CB  . LEU A 1 104 ? 0.383   -10.144 -3.627  1.00 12.51 ? 104 LEU A CB  1 
ATOM   865  C CG  . LEU A 1 104 ? -1.035  -10.463 -3.181  1.00 15.36 ? 104 LEU A CG  1 
ATOM   866  C CD1 . LEU A 1 104 ? -1.612  -9.368  -2.329  1.00 17.58 ? 104 LEU A CD1 1 
ATOM   867  C CD2 . LEU A 1 104 ? -1.934  -10.808 -4.345  1.00 18.44 ? 104 LEU A CD2 1 
ATOM   868  N N   . PHE A 1 105 ? 1.797   -13.054 -1.848  1.00 13.41 ? 105 PHE A N   1 
ATOM   869  C CA  . PHE A 1 105 ? 1.847   -14.532 -1.858  1.00 13.84 ? 105 PHE A CA  1 
ATOM   870  C C   . PHE A 1 105 ? 0.598   -15.098 -1.197  1.00 12.79 ? 105 PHE A C   1 
ATOM   871  O O   . PHE A 1 105 ? -0.003  -14.527 -0.282  1.00 13.44 ? 105 PHE A O   1 
ATOM   872  C CB  . PHE A 1 105 ? 3.128   -15.058 -1.203  1.00 16.04 ? 105 PHE A CB  1 
ATOM   873  C CG  . PHE A 1 105 ? 3.334   -14.709 0.238   1.00 16.04 ? 105 PHE A CG  1 
ATOM   874  C CD1 . PHE A 1 105 ? 2.815   -15.514 1.253   1.00 18.78 ? 105 PHE A CD1 1 
ATOM   875  C CD2 . PHE A 1 105 ? 4.016   -13.559 0.594   1.00 17.61 ? 105 PHE A CD2 1 
ATOM   876  C CE1 . PHE A 1 105 ? 2.966   -15.162 2.580   1.00 19.42 ? 105 PHE A CE1 1 
ATOM   877  C CE2 . PHE A 1 105 ? 4.148   -13.211 1.932   1.00 19.56 ? 105 PHE A CE2 1 
ATOM   878  C CZ  . PHE A 1 105 ? 3.624   -14.015 2.910   1.00 20.37 ? 105 PHE A CZ  1 
ATOM   879  N N   . LEU A 1 106 ? 0.236   -16.270 -1.690  1.00 14.94 ? 106 LEU A N   1 
ATOM   880  C CA  . LEU A 1 106 ? -0.918  -17.044 -1.225  1.00 15.80 ? 106 LEU A CA  1 
ATOM   881  C C   . LEU A 1 106 ? -0.413  -18.341 -0.606  1.00 19.35 ? 106 LEU A C   1 
ATOM   882  O O   . LEU A 1 106 ? 0.621   -18.905 -1.120  1.00 22.92 ? 106 LEU A O   1 
ATOM   883  C CB  . LEU A 1 106 ? -1.825  -17.419 -2.386  1.00 17.41 ? 106 LEU A CB  1 
ATOM   884  C CG  . LEU A 1 106 ? -2.307  -16.299 -3.282  1.00 18.32 ? 106 LEU A CG  1 
ATOM   885  C CD1 . LEU A 1 106 ? -3.247  -16.897 -4.315  1.00 19.48 ? 106 LEU A CD1 1 
ATOM   886  C CD2 . LEU A 1 106 ? -2.928  -15.162 -2.518  1.00 19.52 ? 106 LEU A CD2 1 
ATOM   887  N N   . HIS A 1 107 ? -1.194  -18.890 0.298   1.00 18.13 ? 107 HIS A N   1 
ATOM   888  C CA  . HIS A 1 107 ? -0.796  -20.182 0.901   1.00 20.03 ? 107 HIS A CA  1 
ATOM   889  C C   . HIS A 1 107 ? -1.768  -21.261 0.486   1.00 20.52 ? 107 HIS A C   1 
ATOM   890  O O   . HIS A 1 107 ? -2.877  -20.971 0.031   1.00 21.84 ? 107 HIS A O   1 
ATOM   891  C CB  . HIS A 1 107 ? -0.547  -20.082 2.401   1.00 24.39 ? 107 HIS A CB  1 
ATOM   892  C CG  . HIS A 1 107 ? 0.848   -19.576 2.672   1.00 29.57 ? 107 HIS A CG  1 
ATOM   893  N ND1 . HIS A 1 107 ? 1.310   -19.248 3.953   1.00 34.47 ? 107 HIS A ND1 1 
ATOM   894  C CD2 . HIS A 1 107 ? 1.874   -19.302 1.827   1.00 32.16 ? 107 HIS A CD2 1 
ATOM   895  C CE1 . HIS A 1 107 ? 2.551   -18.810 3.872   1.00 33.80 ? 107 HIS A CE1 1 
ATOM   896  N NE2 . HIS A 1 107 ? 2.917   -18.823 2.565   1.00 37.42 ? 107 HIS A NE2 1 
ATOM   897  N N   . LEU A 1 108 ? -1.326  -22.487 0.659   1.00 22.63 ? 108 LEU A N   1 
ATOM   898  C CA  . LEU A 1 108 ? -2.107  -23.655 0.199   1.00 24.73 ? 108 LEU A CA  1 
ATOM   899  C C   . LEU A 1 108 ? -3.334  -23.894 1.093   1.00 23.89 ? 108 LEU A C   1 
ATOM   900  O O   . LEU A 1 108 ? -3.347  -23.577 2.304   1.00 23.37 ? 108 LEU A O   1 
ATOM   901  C CB  . LEU A 1 108 ? -1.181  -24.868 0.203   1.00 27.06 ? 108 LEU A CB  1 
ATOM   902  C CG  . LEU A 1 108 ? 0.056   -24.756 -0.685  1.00 31.11 ? 108 LEU A CG  1 
ATOM   903  C CD1 . LEU A 1 108 ? 0.992   -25.939 -0.461  1.00 34.34 ? 108 LEU A CD1 1 
ATOM   904  C CD2 . LEU A 1 108 ? -0.342  -24.656 -2.150  1.00 36.37 ? 108 LEU A CD2 1 
ATOM   905  N N   . GLU A 1 109 ? -4.364  -24.497 0.501   1.00 25.36 ? 109 GLU A N   1 
ATOM   906  C CA  . GLU A 1 109 ? -5.498  -25.055 1.269   1.00 26.35 ? 109 GLU A CA  1 
ATOM   907  C C   . GLU A 1 109 ? -4.927  -25.977 2.340   1.00 27.24 ? 109 GLU A C   1 
ATOM   908  O O   . GLU A 1 109 ? -3.958  -26.708 2.044   1.00 30.33 ? 109 GLU A O   1 
ATOM   909  C CB  . GLU A 1 109 ? -6.433  -25.867 0.374   1.00 28.31 ? 109 GLU A CB  1 
ATOM   910  C CG  . GLU A 1 109 ? -7.729  -26.243 1.073   1.00 32.93 ? 109 GLU A CG  1 
ATOM   911  C CD  . GLU A 1 109 ? -8.769  -26.898 0.182   1.00 41.34 ? 109 GLU A CD  1 
ATOM   912  O OE1 . GLU A 1 109 ? -9.644  -26.179 -0.367  1.00 43.64 ? 109 GLU A OE1 1 
ATOM   913  O OE2 . GLU A 1 109 ? -8.722  -28.130 0.063   1.00 49.66 ? 109 GLU A OE2 1 
ATOM   914  N N   . GLY A 1 110 ? -5.491  -25.899 3.533   1.00 28.08 ? 110 GLY A N   1 
ATOM   915  C CA  . GLY A 1 110 ? -5.088  -26.751 4.660   1.00 30.31 ? 110 GLY A CA  1 
ATOM   916  C C   . GLY A 1 110 ? -4.052  -26.060 5.513   1.00 31.96 ? 110 GLY A C   1 
ATOM   917  O O   . GLY A 1 110 ? -3.818  -26.531 6.643   1.00 35.65 ? 110 GLY A O   1 
ATOM   918  N N   . HIS A 1 111 ? -3.459  -24.975 5.012   1.00 28.62 ? 111 HIS A N   1 
ATOM   919  C CA  . HIS A 1 111 ? -2.506  -24.137 5.784   1.00 27.55 ? 111 HIS A CA  1 
ATOM   920  C C   . HIS A 1 111 ? -3.215  -22.887 6.278   1.00 24.29 ? 111 HIS A C   1 
ATOM   921  O O   . HIS A 1 111 ? -4.229  -22.455 5.728   1.00 23.06 ? 111 HIS A O   1 
ATOM   922  C CB  . HIS A 1 111 ? -1.292  -23.780 4.940   1.00 29.92 ? 111 HIS A CB  1 
ATOM   923  C CG  . HIS A 1 111 ? -0.543  -24.981 4.491   1.00 34.29 ? 111 HIS A CG  1 
ATOM   924  N ND1 . HIS A 1 111 ? 0.694   -25.304 5.008   1.00 36.75 ? 111 HIS A ND1 1 
ATOM   925  C CD2 . HIS A 1 111 ? -0.879  -25.969 3.632   1.00 38.45 ? 111 HIS A CD2 1 
ATOM   926  C CE1 . HIS A 1 111 ? 1.107   -26.426 4.459   1.00 40.20 ? 111 HIS A CE1 1 
ATOM   927  N NE2 . HIS A 1 111 ? 0.156   -26.853 3.609   1.00 42.19 ? 111 HIS A NE2 1 
ATOM   928  N N   . PRO A 1 112 ? -2.677  -22.261 7.336   1.00 23.58 ? 112 PRO A N   1 
ATOM   929  C CA  . PRO A 1 112 ? -3.270  -21.038 7.854   1.00 23.56 ? 112 PRO A CA  1 
ATOM   930  C C   . PRO A 1 112 ? -3.321  -19.945 6.796   1.00 22.07 ? 112 PRO A C   1 
ATOM   931  O O   . PRO A 1 112 ? -2.469  -19.901 5.898   1.00 22.10 ? 112 PRO A O   1 
ATOM   932  C CB  . PRO A 1 112 ? -2.317  -20.637 8.986   1.00 26.20 ? 112 PRO A CB  1 
ATOM   933  C CG  . PRO A 1 112 ? -1.676  -21.960 9.387   1.00 27.64 ? 112 PRO A CG  1 
ATOM   934  C CD  . PRO A 1 112 ? -1.506  -22.708 8.096   1.00 26.27 ? 112 PRO A CD  1 
ATOM   935  N N   . PRO A 1 113 ? -4.269  -19.006 6.930   1.00 19.63 ? 113 PRO A N   1 
ATOM   936  C CA  . PRO A 1 113 ? -4.338  -17.859 6.043   1.00 18.21 ? 113 PRO A CA  1 
ATOM   937  C C   . PRO A 1 113 ? -3.086  -16.995 6.271   1.00 18.57 ? 113 PRO A C   1 
ATOM   938  O O   . PRO A 1 113 ? -2.354  -17.135 7.268   1.00 18.99 ? 113 PRO A O   1 
ATOM   939  C CB  . PRO A 1 113 ? -5.563  -17.095 6.489   1.00 22.32 ? 113 PRO A CB  1 
ATOM   940  C CG  . PRO A 1 113 ? -5.642  -17.420 7.939   1.00 23.40 ? 113 PRO A CG  1 
ATOM   941  C CD  . PRO A 1 113 ? -5.255  -18.876 7.999   1.00 21.20 ? 113 PRO A CD  1 
ATOM   942  N N   . VAL A 1 114 ? -2.825  -16.143 5.308   1.00 15.79 ? 114 VAL A N   1 
ATOM   943  C CA  . VAL A 1 114 ? -1.658  -15.221 5.299   1.00 16.57 ? 114 VAL A CA  1 
ATOM   944  C C   . VAL A 1 114 ? -2.150  -13.894 5.856   1.00 16.34 ? 114 VAL A C   1 
ATOM   945  O O   . VAL A 1 114 ? -3.195  -13.386 5.414   1.00 15.11 ? 114 VAL A O   1 
ATOM   946  C CB  . VAL A 1 114 ? -1.153  -15.017 3.860   1.00 18.68 ? 114 VAL A CB  1 
ATOM   947  C CG1 . VAL A 1 114 ? -0.145  -13.866 3.811   1.00 20.71 ? 114 VAL A CG1 1 
ATOM   948  C CG2 . VAL A 1 114 ? -0.576  -16.295 3.298   1.00 22.03 ? 114 VAL A CG2 1 
ATOM   949  N N   . ASN A 1 115 ? -1.344  -13.236 6.695   1.00 15.68 ? 115 ASN A N   1 
ATOM   950  C CA  . ASN A 1 115 ? -1.690  -11.899 7.203   1.00 14.50 ? 115 ASN A CA  1 
ATOM   951  C C   . ASN A 1 115 ? -0.340  -11.250 7.463   1.00 13.91 ? 115 ASN A C   1 
ATOM   952  O O   . ASN A 1 115 ? 0.282   -11.563 8.491   1.00 14.11 ? 115 ASN A O   1 
ATOM   953  C CB  . ASN A 1 115 ? -2.609  -11.995 8.401   1.00 14.93 ? 115 ASN A CB  1 
ATOM   954  C CG  . ASN A 1 115 ? -3.055  -10.691 8.997   1.00 17.85 ? 115 ASN A CG  1 
ATOM   955  O OD1 . ASN A 1 115 ? -2.662  -9.628  8.515   1.00 21.67 ? 115 ASN A OD1 1 
ATOM   956  N ND2 . ASN A 1 115 ? -3.794  -10.756 10.082  1.00 20.27 ? 115 ASN A ND2 1 
ATOM   957  N N   A HIS A 1 116 ? 0.302   -10.635 6.453   0.50 12.24 ? 116 HIS A N   1 
ATOM   958  N N   B HIS A 1 116 ? 0.030   -10.319 6.625   0.50 13.60 ? 116 HIS A N   1 
ATOM   959  C CA  A HIS A 1 116 ? 1.673   -10.062 6.529   0.50 13.50 ? 116 HIS A CA  1 
ATOM   960  C CA  B HIS A 1 116 ? 1.437   -9.939  6.471   0.50 13.82 ? 116 HIS A CA  1 
ATOM   961  C C   A HIS A 1 116 ? 1.655   -8.542  6.486   0.50 12.76 ? 116 HIS A C   1 
ATOM   962  C C   B HIS A 1 116 ? 1.580   -8.437  6.530   0.50 13.67 ? 116 HIS A C   1 
ATOM   963  O O   A HIS A 1 116 ? 0.761   -7.961  5.860   0.50 13.28 ? 116 HIS A O   1 
ATOM   964  O O   B HIS A 1 116 ? 0.692   -7.747  5.998   0.50 12.89 ? 116 HIS A O   1 
ATOM   965  C CB  A HIS A 1 116 ? 2.620   -10.605 5.440   0.50 13.10 ? 116 HIS A CB  1 
ATOM   966  C CB  B HIS A 1 116 ? 1.979   -10.482 5.163   0.50 15.17 ? 116 HIS A CB  1 
ATOM   967  C CG  A HIS A 1 116 ? 3.101   -11.978 5.767   0.50 13.95 ? 116 HIS A CG  1 
ATOM   968  C CG  B HIS A 1 116 ? 3.444   -10.586 5.258   0.50 14.11 ? 116 HIS A CG  1 
ATOM   969  N ND1 A HIS A 1 116 ? 4.438   -12.312 5.817   0.50 14.56 ? 116 HIS A ND1 1 
ATOM   970  N ND1 B HIS A 1 116 ? 4.302   -9.636  4.748   0.50 16.09 ? 116 HIS A ND1 1 
ATOM   971  C CD2 A HIS A 1 116 ? 2.414   -13.103 6.139   0.50 15.11 ? 116 HIS A CD2 1 
ATOM   972  C CD2 B HIS A 1 116 ? 4.192   -11.430 5.992   0.50 13.12 ? 116 HIS A CD2 1 
ATOM   973  C CE1 A HIS A 1 116 ? 4.541   -13.600 6.140   0.50 15.04 ? 116 HIS A CE1 1 
ATOM   974  C CE1 B HIS A 1 116 ? 5.531   -9.964  5.067   0.50 14.18 ? 116 HIS A CE1 1 
ATOM   975  N NE2 A HIS A 1 116 ? 3.295   -14.091 6.319   0.50 15.64 ? 116 HIS A NE2 1 
ATOM   976  N NE2 B HIS A 1 116 ? 5.489   -11.054 5.816   0.50 16.43 ? 116 HIS A NE2 1 
ATOM   977  N N   . LEU A 1 117 ? 2.673   -7.928  7.083   1.00 13.69 ? 117 LEU A N   1 
ATOM   978  C CA  . LEU A 1 117 ? 2.905   -6.493  7.102   1.00 14.65 ? 117 LEU A CA  1 
ATOM   979  C C   . LEU A 1 117 ? 4.355   -6.233  6.730   1.00 14.82 ? 117 LEU A C   1 
ATOM   980  O O   . LEU A 1 117 ? 5.240   -6.944  7.186   1.00 14.62 ? 117 LEU A O   1 
ATOM   981  C CB  . LEU A 1 117 ? 2.547   -5.936  8.478   1.00 16.36 ? 117 LEU A CB  1 
ATOM   982  C CG  . LEU A 1 117 ? 2.256   -4.453  8.560   1.00 17.88 ? 117 LEU A CG  1 
ATOM   983  C CD1 . LEU A 1 117 ? 0.869   -4.173  7.957   1.00 17.82 ? 117 LEU A CD1 1 
ATOM   984  C CD2 . LEU A 1 117 ? 2.323   -3.944  9.990   1.00 18.98 ? 117 LEU A CD2 1 
ATOM   985  N N   . ARG A 1 118 ? 4.593   -5.244  5.917   1.00 15.02 ? 118 ARG A N   1 
ATOM   986  C CA  . ARG A 1 118 ? 5.913   -4.764  5.475   1.00 13.16 ? 118 ARG A CA  1 
ATOM   987  C C   . ARG A 1 118 ? 5.983   -3.291  5.844   1.00 14.15 ? 118 ARG A C   1 
ATOM   988  O O   . ARG A 1 118 ? 5.207   -2.462  5.314   1.00 14.21 ? 118 ARG A O   1 
ATOM   989  C CB  . ARG A 1 118 ? 6.042   -4.945  3.969   1.00 14.11 ? 118 ARG A CB  1 
ATOM   990  C CG  . ARG A 1 118 ? 7.220   -4.222  3.346   1.00 14.02 ? 118 ARG A CG  1 
ATOM   991  C CD  . ARG A 1 118 ? 7.312   -4.582  1.878   1.00 14.64 ? 118 ARG A CD  1 
ATOM   992  N NE  . ARG A 1 118 ? 8.258   -3.726  1.213   1.00 15.41 ? 118 ARG A NE  1 
ATOM   993  C CZ  . ARG A 1 118 ? 8.538   -3.819  -0.063  1.00 14.80 ? 118 ARG A CZ  1 
ATOM   994  N NH1 . ARG A 1 118 ? 7.940   -4.759  -0.789  1.00 14.97 ? 118 ARG A NH1 1 
ATOM   995  N NH2 . ARG A 1 118 ? 9.371   -2.956  -0.618  1.00 16.96 ? 118 ARG A NH2 1 
ATOM   996  N N   . CYS A 1 119 ? 6.833   -2.907  6.759   1.00 13.61 ? 119 CYS A N   1 
ATOM   997  C CA  . CYS A 1 119 ? 6.935   -1.550  7.294   1.00 13.96 ? 119 CYS A CA  1 
ATOM   998  C C   . CYS A 1 119 ? 8.064   -0.819  6.589   1.00 14.35 ? 119 CYS A C   1 
ATOM   999  O O   . CYS A 1 119 ? 9.144   -1.366  6.393   1.00 16.51 ? 119 CYS A O   1 
ATOM   1000 C CB  . CYS A 1 119 ? 7.185   -1.591  8.793   1.00 14.22 ? 119 CYS A CB  1 
ATOM   1001 S SG  . CYS A 1 119 ? 5.762   -2.310  9.655   1.00 20.78 ? 119 CYS A SG  1 
ATOM   1002 N N   . GLU A 1 120 ? 7.759   0.367   6.077   1.00 13.77 ? 120 GLU A N   1 
ATOM   1003 C CA  . GLU A 1 120 ? 8.726   1.202   5.345   1.00 14.45 ? 120 GLU A CA  1 
ATOM   1004 C C   . GLU A 1 120 ? 8.829   2.525   6.088   1.00 16.24 ? 120 GLU A C   1 
ATOM   1005 O O   . GLU A 1 120 ? 7.810   3.194   6.329   1.00 19.18 ? 120 GLU A O   1 
ATOM   1006 C CB  . GLU A 1 120 ? 8.267   1.371   3.894   1.00 15.52 ? 120 GLU A CB  1 
ATOM   1007 C CG  . GLU A 1 120 ? 8.224   0.073   3.124   1.00 15.37 ? 120 GLU A CG  1 
ATOM   1008 C CD  . GLU A 1 120 ? 9.584   -0.502  2.742   1.00 16.78 ? 120 GLU A CD  1 
ATOM   1009 O OE1 . GLU A 1 120 ? 10.529  0.275   2.680   1.00 17.53 ? 120 GLU A OE1 1 
ATOM   1010 O OE2 . GLU A 1 120 ? 9.674   -1.698  2.373   1.00 17.42 ? 120 GLU A OE2 1 
ATOM   1011 N N   . LYS A 1 121 ? 10.029  2.998   6.283   1.00 17.04 ? 121 LYS A N   1 
ATOM   1012 C CA  . LYS A 1 121 ? 10.290  4.348   6.833   1.00 18.86 ? 121 LYS A CA  1 
ATOM   1013 C C   . LYS A 1 121 ? 10.743  5.204   5.659   1.00 18.58 ? 121 LYS A C   1 
ATOM   1014 O O   . LYS A 1 121 ? 11.601  4.749   4.859   1.00 22.73 ? 121 LYS A O   1 
ATOM   1015 C CB  . LYS A 1 121 ? 11.333  4.200   7.953   1.00 23.97 ? 121 LYS A CB  1 
ATOM   1016 C CG  . LYS A 1 121 ? 11.383  5.339   8.963   1.00 32.23 ? 121 LYS A CG  1 
ATOM   1017 C CD  . LYS A 1 121 ? 12.353  5.090   10.114  1.00 37.28 ? 121 LYS A CD  1 
ATOM   1018 C CE  . LYS A 1 121 ? 11.949  3.986   11.067  1.00 44.21 ? 121 LYS A CE  1 
ATOM   1019 N NZ  . LYS A 1 121 ? 13.045  3.660   12.008  1.00 49.95 ? 121 LYS A NZ  1 
ATOM   1020 N N   . LEU A 1 122 ? 10.113  6.349   5.506   1.00 17.12 ? 122 LEU A N   1 
ATOM   1021 C CA  . LEU A 1 122 ? 10.461  7.333   4.466   1.00 18.55 ? 122 LEU A CA  1 
ATOM   1022 C C   . LEU A 1 122 ? 11.157  8.500   5.160   1.00 18.95 ? 122 LEU A C   1 
ATOM   1023 O O   . LEU A 1 122 ? 10.631  9.029   6.119   1.00 18.89 ? 122 LEU A O   1 
ATOM   1024 C CB  . LEU A 1 122 ? 9.241   7.827   3.718   1.00 19.09 ? 122 LEU A CB  1 
ATOM   1025 C CG  . LEU A 1 122 ? 8.382   6.744   3.050   1.00 20.36 ? 122 LEU A CG  1 
ATOM   1026 C CD1 . LEU A 1 122 ? 7.237   7.384   2.302   1.00 21.05 ? 122 LEU A CD1 1 
ATOM   1027 C CD2 . LEU A 1 122 ? 9.208   5.887   2.146   1.00 23.99 ? 122 LEU A CD2 1 
ATOM   1028 N N   . THR A 1 123 ? 12.286  8.909   4.628   1.00 19.41 ? 123 THR A N   1 
ATOM   1029 C CA  . THR A 1 123 ? 13.059  10.038  5.189   1.00 21.13 ? 123 THR A CA  1 
ATOM   1030 C C   . THR A 1 123 ? 13.096  11.134  4.151   1.00 19.85 ? 123 THR A C   1 
ATOM   1031 O O   . THR A 1 123 ? 13.656  10.951  3.030   1.00 20.41 ? 123 THR A O   1 
ATOM   1032 C CB  . THR A 1 123 ? 14.456  9.632   5.639   1.00 21.85 ? 123 THR A CB  1 
ATOM   1033 O OG1 . THR A 1 123 ? 14.323  8.610   6.608   1.00 28.77 ? 123 THR A OG1 1 
ATOM   1034 C CG2 . THR A 1 123 ? 15.174  10.797  6.290   1.00 24.87 ? 123 THR A CG2 1 
ATOM   1035 N N   . PHE A 1 124 ? 12.394  12.198  4.457   1.00 18.71 ? 124 PHE A N   1 
ATOM   1036 C CA  . PHE A 1 124 ? 12.368  13.385  3.587   1.00 17.98 ? 124 PHE A CA  1 
ATOM   1037 C C   . PHE A 1 124 ? 13.445  14.348  4.103   1.00 22.80 ? 124 PHE A C   1 
ATOM   1038 O O   . PHE A 1 124 ? 13.254  14.945  5.158   1.00 21.64 ? 124 PHE A O   1 
ATOM   1039 C CB  . PHE A 1 124 ? 10.979  14.001  3.486   1.00 18.15 ? 124 PHE A CB  1 
ATOM   1040 C CG  . PHE A 1 124 ? 10.005  13.108  2.752   1.00 16.66 ? 124 PHE A CG  1 
ATOM   1041 C CD1 . PHE A 1 124 ? 9.952   13.108  1.372   1.00 16.33 ? 124 PHE A CD1 1 
ATOM   1042 C CD2 . PHE A 1 124 ? 9.135   12.267  3.433   1.00 17.17 ? 124 PHE A CD2 1 
ATOM   1043 C CE1 . PHE A 1 124 ? 9.058   12.302  0.701   1.00 17.20 ? 124 PHE A CE1 1 
ATOM   1044 C CE2 . PHE A 1 124 ? 8.239   11.452  2.748   1.00 16.78 ? 124 PHE A CE2 1 
ATOM   1045 C CZ  . PHE A 1 124 ? 8.183   11.498  1.387   1.00 16.10 ? 124 PHE A CZ  1 
ATOM   1046 N N   . ASN A 1 125 ? 14.543  14.484  3.359   1.00 22.02 ? 125 ASN A N   1 
ATOM   1047 C CA  . ASN A 1 125 ? 15.594  15.511  3.640   1.00 25.23 ? 125 ASN A CA  1 
ATOM   1048 C C   . ASN A 1 125 ? 15.125  16.891  3.167   1.00 23.40 ? 125 ASN A C   1 
ATOM   1049 O O   . ASN A 1 125 ? 14.698  17.055  2.007   1.00 29.36 ? 125 ASN A O   1 
ATOM   1050 C CB  . ASN A 1 125 ? 16.870  15.120  2.894   1.00 26.00 ? 125 ASN A CB  1 
ATOM   1051 C CG  . ASN A 1 125 ? 17.298  13.695  3.117   1.00 29.93 ? 125 ASN A CG  1 
ATOM   1052 O OD1 . ASN A 1 125 ? 17.279  13.212  4.246   1.00 38.31 ? 125 ASN A OD1 1 
ATOM   1053 N ND2 . ASN A 1 125 ? 17.740  13.034  2.056   1.00 34.04 ? 125 ASN A ND2 1 
ATOM   1054 N N   . ASN A 1 126 ? 15.258  17.922  3.986   1.00 29.57 ? 126 ASN A N   1 
ATOM   1055 C CA  . ASN A 1 126 ? 15.014  19.309  3.535   1.00 33.86 ? 126 ASN A CA  1 
ATOM   1056 C C   . ASN A 1 126 ? 13.691  19.374  2.781   1.00 30.06 ? 126 ASN A C   1 
ATOM   1057 O O   . ASN A 1 126 ? 13.675  19.813  1.640   1.00 27.32 ? 126 ASN A O   1 
ATOM   1058 C CB  . ASN A 1 126 ? 16.069  19.822  2.549   1.00 39.30 ? 126 ASN A CB  1 
ATOM   1059 C CG  . ASN A 1 126 ? 17.445  20.099  3.105   1.00 47.57 ? 126 ASN A CG  1 
ATOM   1060 O OD1 . ASN A 1 126 ? 17.666  20.040  4.314   1.00 49.54 ? 126 ASN A OD1 1 
ATOM   1061 N ND2 . ASN A 1 126 ? 18.361  20.451  2.208   1.00 49.69 ? 126 ASN A ND2 1 
ATOM   1062 N N   . PRO A 1 127 ? 12.540  18.932  3.354   1.00 23.57 ? 127 PRO A N   1 
ATOM   1063 C CA  . PRO A 1 127 ? 11.266  19.158  2.674   1.00 23.49 ? 127 PRO A CA  1 
ATOM   1064 C C   . PRO A 1 127 ? 11.018  20.659  2.534   1.00 22.16 ? 127 PRO A C   1 
ATOM   1065 O O   . PRO A 1 127 ? 11.551  21.416  3.347   1.00 24.09 ? 127 PRO A O   1 
ATOM   1066 C CB  . PRO A 1 127 ? 10.201  18.553  3.602   1.00 22.34 ? 127 PRO A CB  1 
ATOM   1067 C CG  . PRO A 1 127 ? 10.903  18.485  4.954   1.00 24.34 ? 127 PRO A CG  1 
ATOM   1068 C CD  . PRO A 1 127 ? 12.380  18.276  4.659   1.00 26.05 ? 127 PRO A CD  1 
ATOM   1069 N N   . THR A 1 128 ? 10.221  21.048  1.548   1.00 22.74 ? 128 THR A N   1 
ATOM   1070 C CA  . THR A 1 128 ? 9.644   22.412  1.397   1.00 22.64 ? 128 THR A CA  1 
ATOM   1071 C C   . THR A 1 128 ? 8.820   22.708  2.645   1.00 23.62 ? 128 THR A C   1 
ATOM   1072 O O   . THR A 1 128 ? 8.450   21.739  3.387   1.00 21.39 ? 128 THR A O   1 
ATOM   1073 C CB  . THR A 1 128 ? 8.755   22.545  0.157   1.00 23.18 ? 128 THR A CB  1 
ATOM   1074 O OG1 . THR A 1 128 ? 7.607   21.701  0.348   1.00 22.74 ? 128 THR A OG1 1 
ATOM   1075 C CG2 . THR A 1 128 ? 9.487   22.186  -1.115  1.00 25.97 ? 128 THR A CG2 1 
ATOM   1076 N N   . GLU A 1 129 ? 8.520   23.980  2.921   1.00 22.62 ? 129 GLU A N   1 
ATOM   1077 C CA  . GLU A 1 129 ? 7.745   24.311  4.136   1.00 22.75 ? 129 GLU A CA  1 
ATOM   1078 C C   . GLU A 1 129 ? 6.365   23.661  4.031   1.00 22.91 ? 129 GLU A C   1 
ATOM   1079 O O   . GLU A 1 129 ? 5.875   23.110  5.025   1.00 22.91 ? 129 GLU A O   1 
ATOM   1080 C CB  . GLU A 1 129 ? 7.622   25.818  4.343   1.00 24.41 ? 129 GLU A CB  1 
ATOM   1081 C CG  . GLU A 1 129 ? 7.092   26.135  5.726   1.00 28.25 ? 129 GLU A CG  1 
ATOM   1082 C CD  . GLU A 1 129 ? 5.605   25.910  5.968   1.00 30.27 ? 129 GLU A CD  1 
ATOM   1083 O OE1 . GLU A 1 129 ? 4.830   26.194  5.051   1.00 30.44 ? 129 GLU A OE1 1 
ATOM   1084 O OE2 . GLU A 1 129 ? 5.220   25.452  7.097   1.00 30.16 ? 129 GLU A OE2 1 
ATOM   1085 N N   . ASP A 1 130 ? 5.761   23.703  2.858   1.00 23.04 ? 130 ASP A N   1 
ATOM   1086 C CA  . ASP A 1 130 ? 4.391   23.172  2.671   1.00 24.44 ? 130 ASP A CA  1 
ATOM   1087 C C   . ASP A 1 130 ? 4.370   21.648  2.893   1.00 23.72 ? 130 ASP A C   1 
ATOM   1088 O O   . ASP A 1 130 ? 3.485   21.121  3.614   1.00 19.92 ? 130 ASP A O   1 
ATOM   1089 C CB  . ASP A 1 130 ? 3.868   23.459  1.283   1.00 26.83 ? 130 ASP A CB  1 
ATOM   1090 C CG  . ASP A 1 130 ? 2.424   23.027  1.226   1.00 30.31 ? 130 ASP A CG  1 
ATOM   1091 O OD1 . ASP A 1 130 ? 1.597   23.712  1.841   1.00 38.36 ? 130 ASP A OD1 1 
ATOM   1092 O OD2 . ASP A 1 130 ? 2.171   21.910  0.746   1.00 31.23 ? 130 ASP A OD2 1 
ATOM   1093 N N   . PHE A 1 131 ? 5.354   20.949  2.349   1.00 21.34 ? 131 PHE A N   1 
ATOM   1094 C CA  . PHE A 1 131 ? 5.398   19.472  2.504   1.00 17.71 ? 131 PHE A CA  1 
ATOM   1095 C C   . PHE A 1 131 ? 5.833   19.105  3.920   1.00 18.48 ? 131 PHE A C   1 
ATOM   1096 O O   . PHE A 1 131 ? 5.295   18.146  4.491   1.00 17.02 ? 131 PHE A O   1 
ATOM   1097 C CB  . PHE A 1 131 ? 6.300   18.852  1.438   1.00 17.70 ? 131 PHE A CB  1 
ATOM   1098 C CG  . PHE A 1 131 ? 6.099   17.355  1.326   1.00 17.50 ? 131 PHE A CG  1 
ATOM   1099 C CD1 . PHE A 1 131 ? 4.835   16.851  1.089   1.00 17.20 ? 131 PHE A CD1 1 
ATOM   1100 C CD2 . PHE A 1 131 ? 7.146   16.473  1.529   1.00 17.23 ? 131 PHE A CD2 1 
ATOM   1101 C CE1 . PHE A 1 131 ? 4.606   15.486  0.966   1.00 16.41 ? 131 PHE A CE1 1 
ATOM   1102 C CE2 . PHE A 1 131 ? 6.914   15.106  1.422   1.00 18.60 ? 131 PHE A CE2 1 
ATOM   1103 C CZ  . PHE A 1 131 ? 5.653   14.622  1.141   1.00 17.09 ? 131 PHE A CZ  1 
ATOM   1104 N N   . ARG A 1 132 ? 6.726   19.859  4.549   1.00 18.50 ? 132 ARG A N   1 
ATOM   1105 C CA  . ARG A 1 132 ? 7.115   19.633  5.949   1.00 18.96 ? 132 ARG A CA  1 
ATOM   1106 C C   . ARG A 1 132 ? 5.858   19.650  6.829   1.00 19.12 ? 132 ARG A C   1 
ATOM   1107 O O   . ARG A 1 132 ? 5.672   18.770  7.667   1.00 21.18 ? 132 ARG A O   1 
ATOM   1108 C CB  . ARG A 1 132 ? 8.068   20.749  6.409   1.00 19.54 ? 132 ARG A CB  1 
ATOM   1109 C CG  . ARG A 1 132 ? 8.480   20.637  7.865   1.00 20.98 ? 132 ARG A CG  1 
ATOM   1110 C CD  . ARG A 1 132 ? 9.464   21.749  8.245   1.00 22.84 ? 132 ARG A CD  1 
ATOM   1111 N NE  . ARG A 1 132 ? 10.783  21.406  7.763   1.00 28.37 ? 132 ARG A NE  1 
ATOM   1112 C CZ  . ARG A 1 132 ? 11.587  20.521  8.365   1.00 28.12 ? 132 ARG A CZ  1 
ATOM   1113 N NH1 . ARG A 1 132 ? 12.770  20.250  7.859   1.00 33.47 ? 132 ARG A NH1 1 
ATOM   1114 N NH2 . ARG A 1 132 ? 11.193  19.903  9.464   1.00 37.33 ? 132 ARG A NH2 1 
ATOM   1115 N N   A ARG A 1 133 ? 4.999   20.649  6.627   0.50 20.95 ? 133 ARG A N   1 
ATOM   1116 N N   B ARG A 1 133 ? 4.986   20.631  6.628   0.50 20.02 ? 133 ARG A N   1 
ATOM   1117 C CA  A ARG A 1 133 ? 3.744   20.834  7.392   0.50 22.18 ? 133 ARG A CA  1 
ATOM   1118 C CA  B ARG A 1 133 ? 3.758   20.788  7.437   0.50 20.70 ? 133 ARG A CA  1 
ATOM   1119 C C   A ARG A 1 133 ? 2.878   19.577  7.198   0.50 21.27 ? 133 ARG A C   1 
ATOM   1120 C C   B ARG A 1 133 ? 2.852   19.567  7.201   0.50 20.39 ? 133 ARG A C   1 
ATOM   1121 O O   A ARG A 1 133 ? 2.372   19.039  8.200   0.50 21.60 ? 133 ARG A O   1 
ATOM   1122 O O   B ARG A 1 133 ? 2.260   19.055  8.164   0.50 20.04 ? 133 ARG A O   1 
ATOM   1123 C CB  A ARG A 1 133 ? 3.076   22.122  6.904   0.50 25.54 ? 133 ARG A CB  1 
ATOM   1124 C CB  B ARG A 1 133 ? 3.099   22.111  7.054   0.50 23.08 ? 133 ARG A CB  1 
ATOM   1125 C CG  A ARG A 1 133 ? 2.394   22.952  7.987   0.50 27.82 ? 133 ARG A CG  1 
ATOM   1126 C CG  B ARG A 1 133 ? 1.907   22.482  7.922   0.50 23.90 ? 133 ARG A CG  1 
ATOM   1127 C CD  A ARG A 1 133 ? 1.994   24.327  7.461   0.50 27.78 ? 133 ARG A CD  1 
ATOM   1128 C CD  B ARG A 1 133 ? 1.281   23.800  7.475   0.50 23.71 ? 133 ARG A CD  1 
ATOM   1129 N NE  A ARG A 1 133 ? 1.074   24.311  6.326   0.50 29.58 ? 133 ARG A NE  1 
ATOM   1130 N NE  B ARG A 1 133 ? 2.184   24.936  7.499   0.50 25.49 ? 133 ARG A NE  1 
ATOM   1131 C CZ  A ARG A 1 133 ? 1.287   24.873  5.124   0.50 32.37 ? 133 ARG A CZ  1 
ATOM   1132 C CZ  B ARG A 1 133 ? 1.792   26.202  7.373   0.50 24.71 ? 133 ARG A CZ  1 
ATOM   1133 N NH1 A ARG A 1 133 ? 2.416   25.502  4.832   0.50 29.34 ? 133 ARG A NH1 1 
ATOM   1134 N NH1 B ARG A 1 133 ? 0.512   26.488  7.199   0.50 25.56 ? 133 ARG A NH1 1 
ATOM   1135 N NH2 A ARG A 1 133 ? 0.351   24.787  4.195   0.50 33.02 ? 133 ARG A NH2 1 
ATOM   1136 N NH2 B ARG A 1 133 ? 2.698   27.165  7.398   0.50 25.86 ? 133 ARG A NH2 1 
ATOM   1137 N N   . LYS A 1 134 ? 2.690   19.129  5.956   1.00 18.37 ? 134 LYS A N   1 
ATOM   1138 C CA  . LYS A 1 134 ? 1.874   17.931  5.650   1.00 17.79 ? 134 LYS A CA  1 
ATOM   1139 C C   . LYS A 1 134 ? 2.441   16.698  6.359   1.00 16.30 ? 134 LYS A C   1 
ATOM   1140 O O   . LYS A 1 134 ? 1.654   15.901  6.912   1.00 17.05 ? 134 LYS A O   1 
ATOM   1141 C CB  . LYS A 1 134 ? 1.825   17.773  4.137   1.00 16.15 ? 134 LYS A CB  1 
ATOM   1142 C CG  . LYS A 1 134 ? 0.891   18.708  3.416   1.00 18.99 ? 134 LYS A CG  1 
ATOM   1143 C CD  . LYS A 1 134 ? 1.026   18.527  1.933   1.00 21.36 ? 134 LYS A CD  1 
ATOM   1144 C CE  . LYS A 1 134 ? 0.147   19.375  1.058   1.00 23.81 ? 134 LYS A CE  1 
ATOM   1145 N NZ  . LYS A 1 134 ? 0.046   20.740  1.589   1.00 28.81 ? 134 LYS A NZ  1 
ATOM   1146 N N   . LEU A 1 135 ? 3.750   16.478  6.302   1.00 16.24 ? 135 LEU A N   1 
ATOM   1147 C CA  . LEU A 1 135 ? 4.417   15.333  6.954   1.00 16.11 ? 135 LEU A CA  1 
ATOM   1148 C C   . LEU A 1 135 ? 4.163   15.407  8.457   1.00 19.40 ? 135 LEU A C   1 
ATOM   1149 O O   . LEU A 1 135 ? 3.882   14.376  9.077   1.00 17.48 ? 135 LEU A O   1 
ATOM   1150 C CB  . LEU A 1 135 ? 5.912   15.342  6.628   1.00 16.77 ? 135 LEU A CB  1 
ATOM   1151 C CG  . LEU A 1 135 ? 6.232   15.078  5.151   1.00 16.18 ? 135 LEU A CG  1 
ATOM   1152 C CD1 . LEU A 1 135 ? 7.685   15.385  4.844   1.00 16.34 ? 135 LEU A CD1 1 
ATOM   1153 C CD2 . LEU A 1 135 ? 5.888   13.665  4.719   1.00 15.36 ? 135 LEU A CD2 1 
ATOM   1154 N N   . LEU A 1 136 ? 4.240   16.602  9.036   1.00 19.83 ? 136 LEU A N   1 
ATOM   1155 C CA  . LEU A 1 136 ? 4.039   16.683  10.501  1.00 21.52 ? 136 LEU A CA  1 
ATOM   1156 C C   . LEU A 1 136 ? 2.556   16.459  10.817  1.00 18.98 ? 136 LEU A C   1 
ATOM   1157 O O   . LEU A 1 136 ? 2.292   15.729  11.785  1.00 21.06 ? 136 LEU A O   1 
ATOM   1158 C CB  . LEU A 1 136 ? 4.559   18.033  10.995  1.00 24.77 ? 136 LEU A CB  1 
ATOM   1159 C CG  . LEU A 1 136 ? 6.068   18.186  10.844  1.00 25.56 ? 136 LEU A CG  1 
ATOM   1160 C CD1 . LEU A 1 136 ? 6.479   19.622  11.112  1.00 27.68 ? 136 LEU A CD1 1 
ATOM   1161 C CD2 . LEU A 1 136 ? 6.822   17.203  11.729  1.00 26.19 ? 136 LEU A CD2 1 
ATOM   1162 N N   . LYS A 1 137 ? 1.609   17.020  10.047  1.00 18.12 ? 137 LYS A N   1 
ATOM   1163 C CA  . LYS A 1 137 ? 0.153   16.799  10.255  1.00 20.12 ? 137 LYS A CA  1 
ATOM   1164 C C   . LYS A 1 137 ? -0.122  15.298  10.233  1.00 20.20 ? 137 LYS A C   1 
ATOM   1165 O O   . LYS A 1 137 ? -1.019  14.862  10.896  1.00 21.95 ? 137 LYS A O   1 
ATOM   1166 C CB  . LYS A 1 137 ? -0.734  17.474  9.216   1.00 22.09 ? 137 LYS A CB  1 
ATOM   1167 C CG  . LYS A 1 137 ? -0.923  18.965  9.410   1.00 25.27 ? 137 LYS A CG  1 
ATOM   1168 C CD  . LYS A 1 137 ? -1.829  19.586  8.394   1.00 29.15 ? 137 LYS A CD  1 
ATOM   1169 C CE  . LYS A 1 137 ? -3.263  19.110  8.559   1.00 34.28 ? 137 LYS A CE  1 
ATOM   1170 N NZ  . LYS A 1 137 ? -4.255  20.019  7.935   1.00 38.32 ? 137 LYS A NZ  1 
ATOM   1171 N N   . ALA A 1 138 ? 0.608   14.523  9.442   1.00 17.74 ? 138 ALA A N   1 
ATOM   1172 C CA  . ALA A 1 138 ? 0.393   13.069  9.278   1.00 17.59 ? 138 ALA A CA  1 
ATOM   1173 C C   . ALA A 1 138 ? 0.910   12.285  10.475  1.00 19.72 ? 138 ALA A C   1 
ATOM   1174 O O   . ALA A 1 138 ? 0.590   11.085  10.584  1.00 19.08 ? 138 ALA A O   1 
ATOM   1175 C CB  . ALA A 1 138 ? 1.128   12.593  8.041   1.00 17.50 ? 138 ALA A CB  1 
ATOM   1176 N N   . GLY A 1 139 ? 1.778   12.879  11.298  1.00 18.95 ? 139 GLY A N   1 
ATOM   1177 C CA  . GLY A 1 139 ? 2.377   12.163  12.427  1.00 19.17 ? 139 GLY A CA  1 
ATOM   1178 C C   . GLY A 1 139 ? 3.857   11.988  12.271  1.00 19.86 ? 139 GLY A C   1 
ATOM   1179 O O   . GLY A 1 139 ? 4.449   11.257  13.048  1.00 19.77 ? 139 GLY A O   1 
ATOM   1180 N N   . GLY A 1 140 ? 4.482   12.675  11.313  1.00 19.50 ? 140 GLY A N   1 
ATOM   1181 C CA  . GLY A 1 140 ? 5.918   12.514  11.037  1.00 19.59 ? 140 GLY A CA  1 
ATOM   1182 C C   . GLY A 1 140 ? 6.773   13.111  12.146  1.00 20.78 ? 140 GLY A C   1 
ATOM   1183 O O   . GLY A 1 140 ? 6.236   13.934  12.940  1.00 21.35 ? 140 GLY A O   1 
ATOM   1184 N N   . ASP A 1 141 ? 8.013   12.644  12.238  1.00 23.86 ? 141 ASP A N   1 
ATOM   1185 C CA  . ASP A 1 141 ? 8.981   13.000  13.306  1.00 27.03 ? 141 ASP A CA  1 
ATOM   1186 C C   . ASP A 1 141 ? 10.069  13.854  12.674  1.00 26.99 ? 141 ASP A C   1 
ATOM   1187 O O   . ASP A 1 141 ? 10.690  13.376  11.711  1.00 24.30 ? 141 ASP A O   1 
ATOM   1188 C CB  . ASP A 1 141 ? 9.548   11.731  13.930  1.00 29.18 ? 141 ASP A CB  1 
ATOM   1189 C CG  . ASP A 1 141 ? 10.479  11.905  15.121  1.00 37.89 ? 141 ASP A CG  1 
ATOM   1190 O OD1 . ASP A 1 141 ? 11.030  13.013  15.299  1.00 48.96 ? 141 ASP A OD1 1 
ATOM   1191 O OD2 . ASP A 1 141 ? 10.674  10.905  15.857  1.00 49.78 ? 141 ASP A OD2 1 
ATOM   1192 N N   . ALA A 1 142 ? 10.281  15.064  13.200  1.00 28.19 ? 142 ALA A N   1 
ATOM   1193 C CA  . ALA A 1 142 ? 11.388  15.960  12.795  1.00 31.66 ? 142 ALA A CA  1 
ATOM   1194 C C   . ALA A 1 142 ? 12.544  15.770  13.780  1.00 38.03 ? 142 ALA A C   1 
ATOM   1195 O O   . ALA A 1 142 ? 13.621  15.615  13.213  1.00 43.85 ? 142 ALA A O   1 
ATOM   1196 C CB  . ALA A 1 142 ? 10.910  17.386  12.721  1.00 34.62 ? 142 ALA A CB  1 
HETATM 1197 C CBC . ZJ9 B 2 .   ? -2.513  -13.725 -10.645 1.00 15.33 ? 201 ZJ9 A CBC 1 
HETATM 1198 C CBB . ZJ9 B 2 .   ? -1.077  -14.157 -10.975 1.00 17.52 ? 201 ZJ9 A CBB 1 
HETATM 1199 C CBA . ZJ9 B 2 .   ? -1.210  -15.053 -12.097 1.00 18.33 ? 201 ZJ9 A CBA 1 
HETATM 1200 C CAZ . ZJ9 B 2 .   ? -0.231  -15.533 -12.911 1.00 20.26 ? 201 ZJ9 A CAZ 1 
HETATM 1201 C CAY . ZJ9 B 2 .   ? -0.540  -16.392 -13.966 1.00 19.97 ? 201 ZJ9 A CAY 1 
HETATM 1202 C CAX . ZJ9 B 2 .   ? -1.849  -16.743 -14.211 1.00 19.79 ? 201 ZJ9 A CAX 1 
HETATM 1203 C CAW . ZJ9 B 2 .   ? -2.844  -16.241 -13.344 1.00 18.15 ? 201 ZJ9 A CAW 1 
HETATM 1204 C CAV . ZJ9 B 2 .   ? -2.503  -15.412 -12.302 1.00 17.85 ? 201 ZJ9 A CAV 1 
HETATM 1205 C CAU . ZJ9 B 2 .   ? -3.316  -14.749 -11.361 1.00 15.32 ? 201 ZJ9 A CAU 1 
HETATM 1206 N NAT . ZJ9 B 2 .   ? -4.661  -14.401 -11.761 1.00 15.84 ? 201 ZJ9 A NAT 1 
HETATM 1207 C CAB . ZJ9 B 2 .   ? -5.804  -14.403 -10.984 1.00 14.55 ? 201 ZJ9 A CAB 1 
HETATM 1208 O OAA . ZJ9 B 2 .   ? -5.749  -14.862 -9.808  1.00 15.96 ? 201 ZJ9 A OAA 1 
HETATM 1209 C CAC . ZJ9 B 2 .   ? -6.959  -13.840 -11.573 1.00 16.72 ? 201 ZJ9 A CAC 1 
HETATM 1210 C CAS . ZJ9 B 2 .   ? -8.049  -13.233 -10.996 1.00 16.31 ? 201 ZJ9 A CAS 1 
HETATM 1211 N NAD . ZJ9 B 2 .   ? -7.088  -13.801 -12.840 1.00 19.50 ? 201 ZJ9 A NAD 1 
HETATM 1212 O OAE . ZJ9 B 2 .   ? -8.332  -13.094 -13.079 1.00 20.35 ? 201 ZJ9 A OAE 1 
HETATM 1213 C CAF . ZJ9 B 2 .   ? -8.922  -12.766 -11.940 1.00 17.16 ? 201 ZJ9 A CAF 1 
HETATM 1214 C CAG . ZJ9 B 2 .   ? -10.113 -12.103 -11.884 1.00 16.64 ? 201 ZJ9 A CAG 1 
HETATM 1215 C CAH . ZJ9 B 2 .   ? -10.568 -11.482 -10.738 1.00 16.08 ? 201 ZJ9 A CAH 1 
HETATM 1216 C CAI . ZJ9 B 2 .   ? -11.781 -10.806 -10.677 1.00 16.77 ? 201 ZJ9 A CAI 1 
HETATM 1217 O OAJ . ZJ9 B 2 .   ? -12.265 -10.212 -9.577  1.00 16.82 ? 201 ZJ9 A OAJ 1 
HETATM 1218 C CAK . ZJ9 B 2 .   ? -10.909 -11.930 -13.063 1.00 17.71 ? 201 ZJ9 A CAK 1 
HETATM 1219 C CAL . ZJ9 B 2 .   ? -12.114 -11.301 -12.971 1.00 17.97 ? 201 ZJ9 A CAL 1 
HETATM 1220 C CAM . ZJ9 B 2 .   ? -12.601 -10.696 -11.838 1.00 18.29 ? 201 ZJ9 A CAM 1 
HETATM 1221 C CAN . ZJ9 B 2 .   ? -13.844 -9.974  -11.889 1.00 21.20 ? 201 ZJ9 A CAN 1 
HETATM 1222 O OAR . ZJ9 B 2 .   ? -13.820 -8.729  -11.828 1.00 23.58 ? 201 ZJ9 A OAR 1 
HETATM 1223 N NAO . ZJ9 B 2 .   ? -15.008 -10.639 -12.007 1.00 24.82 ? 201 ZJ9 A NAO 1 
HETATM 1224 C CAQ . ZJ9 B 2 .   ? -15.070 -12.097 -12.079 1.00 24.45 ? 201 ZJ9 A CAQ 1 
HETATM 1225 C CAP . ZJ9 B 2 .   ? -16.251 -9.809  -12.083 1.00 28.29 ? 201 ZJ9 A CAP 1 
HETATM 1226 C C1  . EDO C 3 .   ? 2.575   8.581   9.089   1.00 19.09 ? 202 EDO A C1  1 
HETATM 1227 O O1  . EDO C 3 .   ? 3.274   8.278   7.883   1.00 19.22 ? 202 EDO A O1  1 
HETATM 1228 C C2  . EDO C 3 .   ? 3.420   9.118   10.177  1.00 20.37 ? 202 EDO A C2  1 
HETATM 1229 O O2  . EDO C 3 .   ? 4.528   8.311   10.388  1.00 21.32 ? 202 EDO A O2  1 
HETATM 1230 C C1  . EDO D 3 .   ? -11.053 5.899   -3.752  1.00 30.58 ? 203 EDO A C1  1 
HETATM 1231 O O1  . EDO D 3 .   ? -10.062 5.766   -2.769  1.00 27.15 ? 203 EDO A O1  1 
HETATM 1232 C C2  . EDO D 3 .   ? -10.828 7.096   -4.531  1.00 32.45 ? 203 EDO A C2  1 
HETATM 1233 O O2  . EDO D 3 .   ? -10.006 6.903   -5.632  1.00 28.55 ? 203 EDO A O2  1 
HETATM 1234 C C1  . EDO E 3 .   ? 14.351  19.328  -5.713  1.00 27.04 ? 204 EDO A C1  1 
HETATM 1235 O O1  . EDO E 3 .   ? 13.914  17.998  -6.193  1.00 21.34 ? 204 EDO A O1  1 
HETATM 1236 C C2  . EDO E 3 .   ? 14.159  20.433  -6.679  1.00 29.96 ? 204 EDO A C2  1 
HETATM 1237 O O2  . EDO E 3 .   ? 12.816  20.629  -7.112  1.00 31.30 ? 204 EDO A O2  1 
HETATM 1238 S S   . DMS F 4 .   ? 11.507  8.924   0.716   1.00 52.44 ? 205 DMS A S   1 
HETATM 1239 O O   . DMS F 4 .   ? 12.276  7.952   1.600   1.00 40.42 ? 205 DMS A O   1 
HETATM 1240 C C1  . DMS F 4 .   ? 12.658  10.237  0.308   1.00 41.88 ? 205 DMS A C1  1 
HETATM 1241 C C2  . DMS F 4 .   ? 11.362  8.134   -0.878  1.00 47.79 ? 205 DMS A C2  1 
HETATM 1242 C C1  . EDO G 3 .   ? -8.873  -11.797 2.786   1.00 37.12 ? 206 EDO A C1  1 
HETATM 1243 O O1  . EDO G 3 .   ? -8.907  -11.438 4.147   1.00 42.48 ? 206 EDO A O1  1 
HETATM 1244 C C2  . EDO G 3 .   ? -9.874  -11.083 1.971   1.00 40.25 ? 206 EDO A C2  1 
HETATM 1245 O O2  . EDO G 3 .   ? -10.234 -9.797  2.452   1.00 42.85 ? 206 EDO A O2  1 
HETATM 1246 C C1  . EDO H 3 .   ? 10.488  10.787  -8.147  1.00 37.63 ? 207 EDO A C1  1 
HETATM 1247 O O1  . EDO H 3 .   ? 10.325  12.195  -8.068  1.00 29.11 ? 207 EDO A O1  1 
HETATM 1248 C C2  . EDO H 3 .   ? 11.919  10.433  -8.189  1.00 37.39 ? 207 EDO A C2  1 
HETATM 1249 O O2  . EDO H 3 .   ? 12.703  10.972  -7.111  1.00 36.13 ? 207 EDO A O2  1 
HETATM 1250 C C1  . EDO I 3 .   ? -13.443 -10.423 -4.381  1.00 47.32 ? 208 EDO A C1  1 
HETATM 1251 O O1  . EDO I 3 .   ? -13.550 -9.016  -4.266  1.00 52.38 ? 208 EDO A O1  1 
HETATM 1252 C C2  . EDO I 3 .   ? -13.202 -11.100 -3.082  1.00 47.13 ? 208 EDO A C2  1 
HETATM 1253 O O2  . EDO I 3 .   ? -13.369 -10.260 -1.971  1.00 52.16 ? 208 EDO A O2  1 
HETATM 1254 P P   . PO4 J 5 .   ? 10.294  4.383   -9.426  1.00 67.99 ? 209 PO4 A P   1 
HETATM 1255 O O1  . PO4 J 5 .   ? 8.919   3.976   -10.004 1.00 68.28 ? 209 PO4 A O1  1 
HETATM 1256 O O2  . PO4 J 5 .   ? 11.112  5.118   -10.488 1.00 70.25 ? 209 PO4 A O2  1 
HETATM 1257 O O3  . PO4 J 5 .   ? 10.061  5.307   -8.231  1.00 70.22 ? 209 PO4 A O3  1 
HETATM 1258 O O4  . PO4 J 5 .   ? 11.063  3.146   -8.974  1.00 58.47 ? 209 PO4 A O4  1 
HETATM 1259 O O   . HOH K 6 .   ? 1.099   4.687   -11.251 0.50 24.06 ? 301 HOH A O   1 
HETATM 1260 O O   . HOH K 6 .   ? 10.495  4.640   -6.185  1.00 20.89 ? 302 HOH A O   1 
HETATM 1261 O O   . HOH K 6 .   ? 13.807  7.265   3.018   1.00 34.64 ? 303 HOH A O   1 
HETATM 1262 O O   . HOH K 6 .   ? -11.193 -10.196 -0.974  1.00 21.63 ? 304 HOH A O   1 
HETATM 1263 O O   . HOH K 6 .   ? -6.518  19.408  7.280   1.00 39.62 ? 305 HOH A O   1 
HETATM 1264 O O   . HOH K 6 .   ? 12.700  15.744  1.309   1.00 28.61 ? 306 HOH A O   1 
HETATM 1265 O O   . HOH K 6 .   ? 11.327  14.911  -10.985 1.00 25.47 ? 307 HOH A O   1 
HETATM 1266 O O   . HOH K 6 .   ? 3.030   -16.586 6.359   1.00 26.40 ? 308 HOH A O   1 
HETATM 1267 O O   . HOH K 6 .   ? -5.516  -6.706  -17.884 1.00 30.51 ? 309 HOH A O   1 
HETATM 1268 O O   . HOH K 6 .   ? 0.046   -19.589 6.272   1.00 33.48 ? 310 HOH A O   1 
HETATM 1269 O O   . HOH K 6 .   ? 4.209   -9.087  -11.298 1.00 30.47 ? 311 HOH A O   1 
HETATM 1270 O O   . HOH K 6 .   ? 3.649   20.290  -0.620  1.00 25.80 ? 312 HOH A O   1 
HETATM 1271 O O   . HOH K 6 .   ? -18.284 -14.136 -11.295 1.00 36.84 ? 313 HOH A O   1 
HETATM 1272 O O   . HOH K 6 .   ? 10.349  -1.077  -6.251  1.00 23.64 ? 314 HOH A O   1 
HETATM 1273 O O   . HOH K 6 .   ? -11.809 -7.259  -10.817 1.00 31.83 ? 315 HOH A O   1 
HETATM 1274 O O   . HOH K 6 .   ? -0.748  28.768  6.952   1.00 39.73 ? 316 HOH A O   1 
HETATM 1275 O O   . HOH K 6 .   ? 15.650  9.718   1.850   1.00 30.48 ? 317 HOH A O   1 
HETATM 1276 O O   . HOH K 6 .   ? 9.926   12.591  -10.632 1.00 29.02 ? 318 HOH A O   1 
HETATM 1277 O O   . HOH K 6 .   ? -0.373  -5.048  -21.740 1.00 24.84 ? 319 HOH A O   1 
HETATM 1278 O O   . HOH K 6 .   ? -2.016  1.079   11.511  1.00 40.36 ? 320 HOH A O   1 
HETATM 1279 O O   . HOH K 6 .   ? 5.075   0.975   11.315  1.00 29.95 ? 321 HOH A O   1 
HETATM 1280 O O   . HOH K 6 .   ? 9.454   18.780  -0.077  1.00 24.18 ? 322 HOH A O   1 
HETATM 1281 O O   . HOH K 6 .   ? -1.716  -7.470  7.317   1.00 22.27 ? 323 HOH A O   1 
HETATM 1282 O O   . HOH K 6 .   ? 11.632  -3.340  3.053   1.00 19.80 ? 324 HOH A O   1 
HETATM 1283 O O   . HOH K 6 .   ? 7.091   -15.372 -1.612  1.00 32.44 ? 325 HOH A O   1 
HETATM 1284 O O   . HOH K 6 .   ? -5.968  13.021  -3.188  1.00 29.04 ? 326 HOH A O   1 
HETATM 1285 O O   . HOH K 6 .   ? -2.583  17.698  2.729   1.00 31.74 ? 327 HOH A O   1 
HETATM 1286 O O   . HOH K 6 .   ? -0.325  -0.198  12.626  1.00 40.05 ? 328 HOH A O   1 
HETATM 1287 O O   . HOH K 6 .   ? -5.050  10.663  -0.348  1.00 17.79 ? 329 HOH A O   1 
HETATM 1288 O O   . HOH K 6 .   ? 2.472   13.382  -6.614  1.00 35.95 ? 330 HOH A O   1 
HETATM 1289 O O   . HOH K 6 .   ? -4.501  -6.472  7.973   1.00 33.80 ? 331 HOH A O   1 
HETATM 1290 O O   . HOH K 6 .   ? -10.607 3.916   -0.762  1.00 27.74 ? 332 HOH A O   1 
HETATM 1291 O O   . HOH K 6 .   ? 16.095  16.338  -6.853  1.00 12.99 ? 333 HOH A O   1 
HETATM 1292 O O   . HOH K 6 .   ? -10.045 2.102   -5.809  1.00 30.33 ? 334 HOH A O   1 
HETATM 1293 O O   . HOH K 6 .   ? 4.555   -9.900  1.465   1.00 28.03 ? 335 HOH A O   1 
HETATM 1294 O O   . HOH K 6 .   ? 13.852  12.125  -11.373 1.00 18.41 ? 336 HOH A O   1 
HETATM 1295 O O   . HOH K 6 .   ? 11.559  16.267  -0.860  1.00 25.44 ? 337 HOH A O   1 
HETATM 1296 O O   . HOH K 6 .   ? -12.040 -21.834 5.687   1.00 35.84 ? 338 HOH A O   1 
HETATM 1297 O O   . HOH K 6 .   ? 3.916   14.983  13.917  1.00 24.50 ? 339 HOH A O   1 
HETATM 1298 O O   . HOH K 6 .   ? -4.925  -21.747 -6.167  1.00 24.21 ? 340 HOH A O   1 
HETATM 1299 O O   . HOH K 6 .   ? -15.688 -14.213 -8.991  1.00 30.96 ? 341 HOH A O   1 
HETATM 1300 O O   . HOH K 6 .   ? 13.462  8.544   -6.111  1.00 32.81 ? 342 HOH A O   1 
HETATM 1301 O O   . HOH K 6 .   ? -10.141 -23.945 -8.832  1.00 30.63 ? 343 HOH A O   1 
HETATM 1302 O O   . HOH K 6 .   ? 8.227   -6.234  -10.387 1.00 22.21 ? 344 HOH A O   1 
HETATM 1303 O O   . HOH K 6 .   ? -4.659  -13.727 -7.464  1.00 14.59 ? 345 HOH A O   1 
HETATM 1304 O O   . HOH K 6 .   ? -11.700 8.422   2.992   1.00 23.01 ? 346 HOH A O   1 
HETATM 1305 O O   . HOH K 6 .   ? -13.443 5.382   3.020   1.00 21.25 ? 347 HOH A O   1 
HETATM 1306 O O   . HOH K 6 .   ? 11.843  -0.789  6.554   1.00 25.71 ? 348 HOH A O   1 
HETATM 1307 O O   . HOH K 6 .   ? 9.940   17.214  -9.906  1.00 33.09 ? 349 HOH A O   1 
HETATM 1308 O O   . HOH K 6 .   ? -10.972 -22.393 -2.476  1.00 18.99 ? 350 HOH A O   1 
HETATM 1309 O O   . HOH K 6 .   ? 5.927   21.069  -1.769  1.00 25.46 ? 351 HOH A O   1 
HETATM 1310 O O   . HOH K 6 .   ? 15.232  11.383  -8.197  1.00 25.82 ? 352 HOH A O   1 
HETATM 1311 O O   . HOH K 6 .   ? 1.572   -4.802  -15.954 1.00 20.05 ? 353 HOH A O   1 
HETATM 1312 O O   . HOH K 6 .   ? -1.218  -1.237  -14.252 1.00 22.08 ? 354 HOH A O   1 
HETATM 1313 O O   . HOH K 6 .   ? 2.294   -7.791  -17.595 1.00 20.96 ? 355 HOH A O   1 
HETATM 1314 O O   . HOH K 6 .   ? -0.576  -3.858  -14.301 1.00 21.98 ? 356 HOH A O   1 
HETATM 1315 O O   . HOH K 6 .   ? 11.210  2.994   2.458   1.00 29.88 ? 357 HOH A O   1 
HETATM 1316 O O   . HOH K 6 .   ? 11.166  7.214   -5.409  1.00 31.23 ? 358 HOH A O   1 
HETATM 1317 O O   . HOH K 6 .   ? 0.495   -14.724 8.249   1.00 15.46 ? 359 HOH A O   1 
HETATM 1318 O O   . HOH K 6 .   ? 1.885   -24.170 7.319   1.00 35.50 ? 360 HOH A O   1 
HETATM 1319 O O   . HOH K 6 .   ? 10.170  -2.984  -3.442  1.00 18.49 ? 361 HOH A O   1 
HETATM 1320 O O   . HOH K 6 .   ? -6.433  -19.769 4.087   1.00 23.40 ? 362 HOH A O   1 
HETATM 1321 O O   . HOH K 6 .   ? 1.735   -17.274 -3.922  1.00 22.48 ? 363 HOH A O   1 
HETATM 1322 O O   . HOH K 6 .   ? -7.954  -13.436 5.983   1.00 33.79 ? 364 HOH A O   1 
HETATM 1323 O O   . HOH K 6 .   ? -8.783  -0.486  -5.158  1.00 29.65 ? 365 HOH A O   1 
HETATM 1324 O O   . HOH K 6 .   ? 0.530   -18.706 -5.873  1.00 23.13 ? 366 HOH A O   1 
HETATM 1325 O O   . HOH K 6 .   ? -3.616  -18.131 1.677   1.00 20.80 ? 367 HOH A O   1 
HETATM 1326 O O   . HOH K 6 .   ? 1.299   -22.776 1.833   1.00 37.73 ? 368 HOH A O   1 
HETATM 1327 O O   . HOH K 6 .   ? 10.604  23.353  5.629   1.00 33.73 ? 369 HOH A O   1 
HETATM 1328 O O   . HOH K 6 .   ? -5.190  5.343   14.306  1.00 33.81 ? 370 HOH A O   1 
HETATM 1329 O O   . HOH K 6 .   ? -11.607 -24.681 1.339   1.00 32.95 ? 371 HOH A O   1 
HETATM 1330 O O   . HOH K 6 .   ? 7.269   5.994   -13.221 1.00 36.71 ? 372 HOH A O   1 
HETATM 1331 O O   . HOH K 6 .   ? 0.844   1.160   15.003  1.00 35.94 ? 373 HOH A O   1 
HETATM 1332 O O   . HOH K 6 .   ? 0.913   -8.964  -15.559 1.00 25.15 ? 374 HOH A O   1 
HETATM 1333 O O   . HOH K 6 .   ? 8.524   16.228  15.206  1.00 35.45 ? 375 HOH A O   1 
HETATM 1334 O O   . HOH K 6 .   ? 4.905   -11.793 -10.302 1.00 21.30 ? 376 HOH A O   1 
HETATM 1335 O O   . HOH K 6 .   ? 11.262  -0.694  0.004   1.00 21.74 ? 377 HOH A O   1 
HETATM 1336 O O   . HOH K 6 .   ? 6.654   25.324  0.570   1.00 29.87 ? 378 HOH A O   1 
HETATM 1337 O O   . HOH K 6 .   ? -10.131 -2.541  -6.585  1.00 22.82 ? 379 HOH A O   1 
HETATM 1338 O O   . HOH K 6 .   ? -17.966 -19.419 -4.303  1.00 18.73 ? 380 HOH A O   1 
HETATM 1339 O O   . HOH K 6 .   ? 6.808   -7.419  -0.154  1.00 18.49 ? 381 HOH A O   1 
HETATM 1340 O O   . HOH K 6 .   ? -4.352  -24.665 -2.448  1.00 32.55 ? 382 HOH A O   1 
HETATM 1341 O O   . HOH K 6 .   ? 8.420   8.593   11.837  1.00 39.82 ? 383 HOH A O   1 
HETATM 1342 O O   . HOH K 6 .   ? 4.261   9.504   -12.421 1.00 34.83 ? 384 HOH A O   1 
HETATM 1343 O O   . HOH K 6 .   ? -11.192 -3.339  -4.111  1.00 21.08 ? 385 HOH A O   1 
HETATM 1344 O O   . HOH K 6 .   ? -9.023  2.595   -10.218 1.00 28.14 ? 386 HOH A O   1 
HETATM 1345 O O   . HOH K 6 .   ? 1.462   -6.942  -11.131 1.00 29.69 ? 387 HOH A O   1 
HETATM 1346 O O   . HOH K 6 .   ? -9.600  -24.677 -2.936  1.00 30.45 ? 388 HOH A O   1 
HETATM 1347 O O   . HOH K 6 .   ? -5.754  -13.235 7.005   1.00 27.34 ? 389 HOH A O   1 
HETATM 1348 O O   . HOH K 6 .   ? 12.198  1.339   4.994   1.00 36.64 ? 390 HOH A O   1 
HETATM 1349 O O   . HOH K 6 .   ? 4.545   -14.264 -5.307  1.00 36.19 ? 391 HOH A O   1 
HETATM 1350 O O   . HOH K 6 .   ? -3.763  -20.694 3.231   1.00 20.99 ? 392 HOH A O   1 
HETATM 1351 O O   . HOH K 6 .   ? 6.489   1.687   9.288   1.00 28.21 ? 393 HOH A O   1 
HETATM 1352 O O   . HOH K 6 .   ? -6.411  -0.527  -15.727 1.00 25.11 ? 394 HOH A O   1 
HETATM 1353 O O   . HOH K 6 .   ? -4.160  -13.725 10.898  1.00 37.80 ? 395 HOH A O   1 
HETATM 1354 O O   . HOH K 6 .   ? -19.668 -16.482 -1.699  1.00 34.39 ? 396 HOH A O   1 
HETATM 1355 O O   . HOH K 6 .   ? -18.922 -17.763 -5.685  1.00 36.89 ? 397 HOH A O   1 
HETATM 1356 O O   . HOH K 6 .   ? -18.969 -19.275 -1.805  1.00 32.01 ? 398 HOH A O   1 
HETATM 1357 O O   . HOH K 6 .   ? 11.835  -5.402  -1.680  1.00 35.01 ? 399 HOH A O   1 
HETATM 1358 O O   . HOH K 6 .   ? 5.167   2.521   14.040  1.00 41.46 ? 400 HOH A O   1 
HETATM 1359 O O   . HOH K 6 .   ? 13.063  -2.793  -0.530  1.00 27.65 ? 401 HOH A O   1 
HETATM 1360 O O   . HOH K 6 .   ? -4.145  -12.714 13.205  1.00 33.56 ? 402 HOH A O   1 
HETATM 1361 O O   . HOH K 6 .   ? 3.999   17.423  14.797  1.00 30.44 ? 403 HOH A O   1 
HETATM 1362 O O   . HOH K 6 .   ? -0.177  -11.201 -17.930 1.00 39.67 ? 404 HOH A O   1 
# 
